data_8TSC
#
_entry.id   8TSC
#
_cell.length_a   85.561
_cell.length_b   120.281
_cell.length_c   190.445
_cell.angle_alpha   90.000
_cell.angle_beta   90.000
_cell.angle_gamma   90.000
#
_symmetry.space_group_name_H-M   'P 21 21 21'
#
loop_
_entity.id
_entity.type
_entity.pdbx_description
1 polymer 'Phosphatidylinositol 4,5-bisphosphate 3-kinase catalytic subunit alpha isoform'
2 polymer 'Phosphatidylinositol 3-kinase regulatory subunit alpha'
3 non-polymer (1S)-7-[3-fluoro-5-(trifluoromethyl)benzamido]-N-methyl-1-(2-methylphenyl)-3-oxo-2,3-dihydro-1H-isoindole-5-carboxamide
#
loop_
_entity_poly.entity_id
_entity_poly.type
_entity_poly.pdbx_seq_one_letter_code
_entity_poly.pdbx_strand_id
1 'polypeptide(L)'
;GSPGISGGGGGPPRPSSGELWGIHLMPPRILVECLLPNGMIVTLECLREATLITIKHELFKEARKYPLHQLLQDESSYIF
VSVTQEAEREEFFDETRRLCDLRLFQPFLKVIEPVGNREEKILNREIGFAIGMPVCEFDMVKDPEVQDFRRNILNVCKEA
VDLRDLNSPHSRAMYVYPPNVESSPELPKHIYNKLDKGQIIVVIWVIVSPNNDKQKYTLKINHDCVPEQVIAEAIRKKTR
SMLLSSEQLKLCVLEYQGKYILKVCGCDEYFLEKYPLSQYKYIRSCIMLGRMPNLMLMAKESLYSQLPMDCFTMPSYSRR
ISTATPYMNGETSTKSLWVINSALRIKILCATYVNVNIRDIDKIYVRTGIYHGGEPLCDNVNTQRVPCSNPRWNEWLNYD
IYIPDLPRAARLCLSICSVKGRKGAKEEHCPLAWGNINLFDYTDTLVSGKMALNLWPVPHGLEDLLNPIGVTGSNPNKET
PCLELEFDWFSSVVKFPDMSVIEEHANWSVSREAGFSYSHAGLSNRLARDNELRENDKEQLKAISTRDPLSEITEQEKDF
LWSHRHYCVTIPEILPKLLLSVKWNSRDEVAQMYCLVKDWPPIKPEQAMELLDCNYPDPMVRGFAVRCLEKYLTDDKLSQ
YLIQLVQVLKYEQYLDNLLVRFLLKKALTNQRIGHFFFWHLKSEMHNKTVSQRFGLLLESYCRACGMYLKHLNRQVEAME
KLINLTDILKQEKKDETQKVQMKFLVEQMRRPDFMDALQGFLSPLNPAHQLGNLRLEECRIMSSAKRPLWLNWENPDIMS
ELLFQNNEIIFKNGDDLRQDMLTLQIIRIMENIWQNQGLDLRMLPYGCLSIGDCVGLIEVVRNSHTIMQIQCKGGLKGAL
QFNSHTLHQWLKDKNKGEIYDAAIDLFTRSCAGYCVATFILGIGDRHNSNIMVKDDGQLFHIDFGHFLDHKKKKFGYKRE
RVPFVLTQDFLIVISKGAQECTKTREFERFQEMCYKAYLAIRQHANLFINLFSMMLGSGMPELQSFDDIAYIRKTLALDK
TEQEALEYFMKQMNDARHGG
;
A
2 'polypeptide(L)'
;GPANNGMNNNMSLQDAEWYWGDISREEVNEKLRDTADGTFLVRDASTKMHGDYTLTLRKGGNNKLIKIFHRDGKYGFSDP
LTFSSVVELINHYRNESLAQYNPKLDVKLLYPVSKYQQDQVVKEDNIEAVGKKLHEYNTQFQEKSREYDRLYEEYTRTSQ
EIQMKRTAIEAFNETIKIFEEQCQTQERYSKEYIEKFKREGNEKEIQRIMHNYDKLKSRISEIIDSRRRLEEDLKKQAAE
YREIDKRMNSIKPDLIQLRKTRDQYLMWLTQKGVRQKKLNEWLGNENTEDQYSLVEDDED
;
B
#
# COMPACT_ATOMS: atom_id res chain seq x y z
N PRO A 15 15.63 -1.82 11.12
CA PRO A 15 16.54 -0.70 11.32
C PRO A 15 17.65 -0.99 12.33
N SER A 16 17.82 -2.27 12.67
CA SER A 16 18.93 -2.69 13.52
C SER A 16 19.16 -4.18 13.27
N SER A 17 20.21 -4.49 12.50
CA SER A 17 20.53 -5.89 12.21
C SER A 17 21.09 -6.62 13.41
N GLY A 18 21.45 -5.92 14.48
CA GLY A 18 22.00 -6.58 15.65
C GLY A 18 22.20 -5.60 16.78
N GLU A 19 22.74 -6.11 17.88
CA GLU A 19 22.92 -5.31 19.08
C GLU A 19 24.05 -4.29 18.92
N LEU A 20 25.00 -4.57 18.05
CA LEU A 20 26.06 -3.63 17.70
C LEU A 20 26.20 -3.60 16.18
N TRP A 21 26.85 -2.54 15.68
CA TRP A 21 27.03 -2.39 14.24
C TRP A 21 27.78 -3.59 13.67
N GLY A 22 27.12 -4.34 12.79
CA GLY A 22 27.73 -5.48 12.15
C GLY A 22 27.83 -6.72 13.00
N ILE A 23 27.20 -6.75 14.17
CA ILE A 23 27.28 -7.87 15.09
C ILE A 23 25.86 -8.24 15.53
N HIS A 24 25.51 -9.51 15.37
CA HIS A 24 24.15 -9.95 15.71
C HIS A 24 23.91 -9.87 17.21
N LEU A 25 24.75 -10.53 17.99
CA LEU A 25 24.62 -10.57 19.44
C LEU A 25 25.95 -10.22 20.10
N MET A 26 25.86 -9.60 21.27
CA MET A 26 27.05 -9.34 22.06
C MET A 26 27.51 -10.64 22.74
N PRO A 27 28.82 -10.85 22.88
CA PRO A 27 29.30 -11.93 23.74
C PRO A 27 28.75 -11.77 25.14
N PRO A 28 28.84 -12.81 25.97
CA PRO A 28 28.35 -12.67 27.35
C PRO A 28 28.99 -11.52 28.10
N ARG A 29 30.23 -11.17 27.78
CA ARG A 29 30.94 -10.06 28.40
C ARG A 29 31.68 -9.28 27.32
N ILE A 30 31.60 -7.94 27.41
CA ILE A 30 32.29 -7.07 26.47
C ILE A 30 32.80 -5.84 27.21
N LEU A 31 33.81 -5.21 26.63
CA LEU A 31 34.36 -3.97 27.14
C LEU A 31 33.56 -2.79 26.60
N VAL A 32 33.40 -1.76 27.42
CA VAL A 32 32.67 -0.56 27.05
C VAL A 32 33.50 0.65 27.46
N GLU A 33 33.69 1.58 26.52
CA GLU A 33 34.42 2.81 26.80
C GLU A 33 33.47 3.81 27.45
N CYS A 34 33.83 4.31 28.61
CA CYS A 34 32.97 5.21 29.39
C CYS A 34 33.63 6.58 29.46
N LEU A 35 33.01 7.57 28.81
CA LEU A 35 33.52 8.93 28.81
C LEU A 35 32.85 9.71 29.94
N LEU A 36 33.66 10.15 30.89
CA LEU A 36 33.18 10.86 32.06
C LEU A 36 33.02 12.35 31.75
N PRO A 37 32.36 13.11 32.63
CA PRO A 37 32.34 14.57 32.45
C PRO A 37 33.70 15.21 32.65
N ASN A 38 34.60 14.55 33.37
CA ASN A 38 36.01 14.83 33.22
C ASN A 38 36.56 14.05 32.02
N GLY A 39 37.65 14.53 31.46
CA GLY A 39 38.13 13.95 30.22
C GLY A 39 38.81 12.60 30.35
N MET A 40 38.46 11.83 31.37
CA MET A 40 39.02 10.51 31.56
C MET A 40 38.16 9.47 30.86
N ILE A 41 38.81 8.41 30.40
CA ILE A 41 38.17 7.33 29.66
C ILE A 41 38.41 6.03 30.42
N VAL A 42 37.33 5.30 30.70
CA VAL A 42 37.36 4.13 31.57
C VAL A 42 36.78 2.95 30.81
N THR A 43 37.57 1.89 30.67
CA THR A 43 37.11 0.63 30.07
C THR A 43 36.44 -0.20 31.17
N LEU A 44 35.17 -0.52 30.96
CA LEU A 44 34.38 -1.29 31.92
C LEU A 44 34.00 -2.62 31.27
N GLU A 45 34.45 -3.72 31.87
CA GLU A 45 33.97 -5.04 31.47
C GLU A 45 32.59 -5.25 32.07
N CYS A 46 31.59 -5.39 31.21
CA CYS A 46 30.21 -5.58 31.65
C CYS A 46 29.60 -6.78 30.92
N LEU A 47 28.32 -7.01 31.12
CA LEU A 47 27.62 -8.15 30.54
C LEU A 47 26.73 -7.69 29.40
N ARG A 48 26.50 -8.60 28.44
CA ARG A 48 25.61 -8.31 27.32
C ARG A 48 24.27 -7.74 27.80
N GLU A 49 23.80 -8.19 28.96
CA GLU A 49 22.49 -7.78 29.47
C GLU A 49 22.56 -6.70 30.53
N ALA A 50 23.73 -6.46 31.12
CA ALA A 50 23.90 -5.47 32.17
C ALA A 50 23.07 -4.22 31.96
N THR A 51 22.03 -4.02 32.78
CA THR A 51 21.21 -2.83 32.67
C THR A 51 22.06 -1.58 32.92
N LEU A 52 21.56 -0.43 32.44
CA LEU A 52 22.35 0.80 32.55
C LEU A 52 22.52 1.24 33.99
N ILE A 53 21.58 0.91 34.88
CA ILE A 53 21.79 1.20 36.30
C ILE A 53 22.96 0.38 36.84
N THR A 54 23.09 -0.87 36.40
CA THR A 54 24.24 -1.68 36.79
C THR A 54 25.53 -1.07 36.25
N ILE A 55 25.48 -0.52 35.04
CA ILE A 55 26.68 0.06 34.45
C ILE A 55 27.06 1.35 35.16
N LYS A 56 26.10 2.28 35.28
CA LYS A 56 26.41 3.58 35.87
C LYS A 56 27.01 3.43 37.26
N HIS A 57 26.47 2.49 38.05
CA HIS A 57 26.98 2.26 39.40
C HIS A 57 28.39 1.70 39.35
N GLU A 58 28.61 0.61 38.60
CA GLU A 58 29.92 -0.03 38.58
C GLU A 58 30.95 0.81 37.84
N LEU A 59 30.53 1.81 37.06
CA LEU A 59 31.48 2.76 36.48
C LEU A 59 31.96 3.74 37.55
N PHE A 60 31.02 4.45 38.19
CA PHE A 60 31.37 5.38 39.26
C PHE A 60 32.03 4.68 40.43
N LYS A 61 32.03 3.34 40.47
CA LYS A 61 32.77 2.57 41.45
C LYS A 61 34.18 2.25 40.97
N GLU A 62 34.38 2.09 39.66
CA GLU A 62 35.70 1.92 39.08
C GLU A 62 36.38 3.25 38.77
N ALA A 63 35.61 4.32 38.60
CA ALA A 63 36.20 5.61 38.29
C ALA A 63 37.14 6.09 39.37
N ARG A 64 36.93 5.65 40.62
CA ARG A 64 37.82 6.03 41.71
C ARG A 64 39.24 5.51 41.52
N LYS A 65 39.47 4.64 40.52
CA LYS A 65 40.80 4.18 40.17
C LYS A 65 41.44 5.02 39.07
N TYR A 66 40.81 6.12 38.66
CA TYR A 66 41.28 6.94 37.56
C TYR A 66 41.39 8.40 38.00
N PRO A 67 42.27 9.17 37.35
CA PRO A 67 42.51 10.54 37.80
C PRO A 67 41.25 11.40 37.82
N LEU A 68 41.31 12.46 38.64
CA LEU A 68 40.29 13.49 38.69
C LEU A 68 38.91 12.94 39.04
N HIS A 69 38.87 11.96 39.96
CA HIS A 69 37.58 11.54 40.48
C HIS A 69 36.89 12.66 41.24
N GLN A 70 37.66 13.59 41.79
CA GLN A 70 37.11 14.65 42.64
C GLN A 70 36.01 15.43 41.94
N LEU A 71 36.03 15.49 40.60
CA LEU A 71 35.16 16.38 39.86
C LEU A 71 33.76 15.81 39.62
N LEU A 72 33.54 14.52 39.87
CA LEU A 72 32.29 13.88 39.51
C LEU A 72 31.24 14.10 40.59
N GLN A 73 30.07 14.60 40.18
CA GLN A 73 28.92 14.65 41.07
C GLN A 73 28.42 13.23 41.33
N ASP A 74 27.34 13.11 42.10
CA ASP A 74 26.83 11.80 42.45
C ASP A 74 26.27 11.08 41.23
N GLU A 75 26.49 9.77 41.20
CA GLU A 75 25.93 8.89 40.18
C GLU A 75 24.50 9.27 39.78
N SER A 76 23.62 9.49 40.75
CA SER A 76 22.21 9.72 40.45
C SER A 76 21.96 11.02 39.70
N SER A 77 22.96 11.89 39.57
CA SER A 77 22.79 13.16 38.88
C SER A 77 23.21 13.12 37.41
N TYR A 78 23.63 11.96 36.91
CA TYR A 78 24.09 11.81 35.55
C TYR A 78 23.29 10.73 34.82
N ILE A 79 23.38 10.77 33.48
CA ILE A 79 22.81 9.74 32.62
C ILE A 79 23.83 9.44 31.52
N PHE A 80 23.55 8.39 30.75
CA PHE A 80 24.37 8.06 29.60
C PHE A 80 23.77 8.67 28.33
N VAL A 81 24.65 9.00 27.39
CA VAL A 81 24.28 9.30 26.02
C VAL A 81 25.23 8.53 25.11
N SER A 82 24.73 8.09 23.97
CA SER A 82 25.54 7.34 23.02
C SER A 82 24.90 7.47 21.64
N VAL A 83 25.50 6.81 20.66
CA VAL A 83 25.06 6.88 19.27
C VAL A 83 24.50 5.52 18.87
N THR A 84 23.25 5.53 18.42
CA THR A 84 22.56 4.34 17.97
C THR A 84 23.04 3.96 16.56
N GLN A 85 22.70 2.73 16.15
CA GLN A 85 22.91 2.32 14.77
C GLN A 85 22.07 3.15 13.80
N GLU A 86 21.10 3.91 14.29
CA GLU A 86 20.33 4.85 13.50
C GLU A 86 20.98 6.23 13.45
N ALA A 87 22.22 6.34 13.95
CA ALA A 87 22.97 7.60 13.94
C ALA A 87 22.28 8.69 14.76
N GLU A 88 21.47 8.28 15.73
CA GLU A 88 20.89 9.22 16.69
C GLU A 88 21.78 9.28 17.92
N ARG A 89 22.14 10.50 18.34
CA ARG A 89 22.71 10.71 19.66
C ARG A 89 21.58 10.59 20.66
N GLU A 90 21.43 9.42 21.27
CA GLU A 90 20.28 9.10 22.10
C GLU A 90 20.62 9.28 23.58
N GLU A 91 19.82 10.09 24.26
CA GLU A 91 19.96 10.29 25.70
C GLU A 91 19.18 9.18 26.40
N PHE A 92 19.91 8.28 27.07
CA PHE A 92 19.31 7.07 27.65
C PHE A 92 18.68 7.40 29.01
N PHE A 93 17.55 8.10 28.96
CA PHE A 93 16.82 8.39 30.19
C PHE A 93 16.29 7.11 30.83
N ASP A 94 15.85 6.15 30.03
CA ASP A 94 15.32 4.88 30.54
C ASP A 94 16.50 4.00 30.94
N GLU A 95 16.97 4.21 32.16
CA GLU A 95 18.12 3.50 32.68
C GLU A 95 17.82 2.04 33.01
N THR A 96 16.59 1.58 32.80
CA THR A 96 16.22 0.20 33.07
C THR A 96 16.56 -0.74 31.90
N ARG A 97 16.93 -0.20 30.75
CA ARG A 97 17.20 -1.04 29.59
C ARG A 97 18.50 -1.81 29.76
N ARG A 98 18.57 -2.97 29.09
CA ARG A 98 19.80 -3.73 29.02
C ARG A 98 20.78 -3.09 28.03
N LEU A 99 22.07 -3.32 28.27
CA LEU A 99 23.09 -2.82 27.34
C LEU A 99 22.80 -3.25 25.92
N CYS A 100 22.49 -4.53 25.72
CA CYS A 100 22.35 -5.09 24.38
C CYS A 100 21.10 -4.62 23.65
N ASP A 101 20.15 -3.99 24.34
CA ASP A 101 18.92 -3.52 23.71
C ASP A 101 19.02 -2.08 23.23
N LEU A 102 20.15 -1.40 23.46
CA LEU A 102 20.29 0.00 23.07
C LEU A 102 20.36 0.19 21.56
N ARG A 103 20.70 -0.86 20.81
CA ARG A 103 21.03 -0.72 19.38
C ARG A 103 22.24 0.17 19.20
N LEU A 104 23.23 0.00 20.09
CA LEU A 104 24.43 0.82 20.04
C LEU A 104 25.15 0.67 18.72
N PHE A 105 25.72 1.77 18.23
CA PHE A 105 26.56 1.72 17.04
C PHE A 105 27.94 1.15 17.40
N GLN A 106 28.64 1.81 18.31
CA GLN A 106 29.87 1.32 18.90
C GLN A 106 29.71 1.22 20.41
N PRO A 107 30.36 0.26 21.07
CA PRO A 107 30.15 0.08 22.51
C PRO A 107 30.83 1.16 23.35
N PHE A 108 30.18 2.32 23.49
CA PHE A 108 30.70 3.38 24.34
C PHE A 108 29.52 4.15 24.93
N LEU A 109 29.77 4.78 26.07
CA LEU A 109 28.77 5.58 26.75
C LEU A 109 29.40 6.87 27.22
N LYS A 110 28.72 7.99 26.98
CA LYS A 110 29.19 9.33 27.33
C LYS A 110 28.34 9.82 28.50
N VAL A 111 28.96 9.94 29.68
CA VAL A 111 28.25 10.37 30.88
C VAL A 111 27.98 11.86 30.79
N ILE A 112 26.70 12.24 30.93
CA ILE A 112 26.28 13.64 30.86
C ILE A 112 25.21 13.90 31.90
N GLU A 113 25.02 15.16 32.23
CA GLU A 113 23.91 15.57 33.07
C GLU A 113 22.62 15.53 32.25
N PRO A 114 21.55 14.96 32.77
CA PRO A 114 20.30 14.91 32.00
C PRO A 114 19.75 16.32 31.77
N VAL A 115 19.31 16.57 30.55
CA VAL A 115 18.70 17.84 30.17
C VAL A 115 17.41 17.56 29.42
N GLY A 116 16.38 18.34 29.70
CA GLY A 116 15.09 18.18 29.05
C GLY A 116 14.17 17.24 29.81
N ASN A 117 12.89 17.32 29.45
CA ASN A 117 11.87 16.52 30.13
C ASN A 117 12.18 15.04 30.02
N ARG A 118 12.42 14.39 31.16
CA ARG A 118 12.71 12.96 31.16
C ARG A 118 11.60 12.16 30.50
N GLU A 119 10.37 12.32 31.01
CA GLU A 119 9.24 11.53 30.50
C GLU A 119 9.11 11.67 28.99
N GLU A 120 9.24 12.89 28.47
CA GLU A 120 9.14 13.09 27.03
C GLU A 120 10.20 12.29 26.29
N LYS A 121 11.46 12.47 26.67
CA LYS A 121 12.55 11.79 25.97
C LYS A 121 12.38 10.28 26.01
N ILE A 122 11.98 9.73 27.17
CA ILE A 122 11.74 8.30 27.26
C ILE A 122 10.62 7.89 26.31
N LEU A 123 9.60 8.75 26.18
CA LEU A 123 8.47 8.42 25.31
C LEU A 123 8.87 8.49 23.84
N ASN A 124 9.78 9.39 23.48
CA ASN A 124 10.18 9.50 22.08
C ASN A 124 11.03 8.32 21.65
N ARG A 125 11.94 7.84 22.51
CA ARG A 125 12.68 6.62 22.19
C ARG A 125 11.72 5.49 21.86
N GLU A 126 10.61 5.40 22.59
CA GLU A 126 9.66 4.32 22.38
C GLU A 126 8.86 4.53 21.10
N ILE A 127 8.57 5.78 20.73
CA ILE A 127 7.96 6.04 19.44
C ILE A 127 8.94 5.72 18.32
N GLY A 128 10.21 6.09 18.51
CA GLY A 128 11.20 5.85 17.46
C GLY A 128 11.35 4.38 17.12
N PHE A 129 11.35 3.52 18.14
CA PHE A 129 11.42 2.08 17.88
C PHE A 129 10.17 1.61 17.15
N ALA A 130 9.02 2.20 17.48
CA ALA A 130 7.76 1.77 16.88
C ALA A 130 7.71 2.11 15.39
N ILE A 131 7.89 3.39 15.05
CA ILE A 131 7.78 3.82 13.66
C ILE A 131 9.02 3.48 12.84
N GLY A 132 10.12 3.11 13.50
CA GLY A 132 11.30 2.66 12.80
C GLY A 132 12.29 3.75 12.40
N MET A 133 12.16 4.95 12.96
CA MET A 133 13.12 6.01 12.68
C MET A 133 13.17 6.93 13.89
N PRO A 134 14.33 7.55 14.17
CA PRO A 134 14.41 8.44 15.32
C PRO A 134 13.50 9.64 15.15
N VAL A 135 12.73 9.95 16.19
CA VAL A 135 11.80 11.06 16.13
C VAL A 135 12.55 12.38 15.93
N CYS A 136 13.75 12.50 16.50
CA CYS A 136 14.48 13.75 16.42
C CYS A 136 14.88 14.13 14.99
N GLU A 137 14.79 13.19 14.04
CA GLU A 137 15.01 13.54 12.65
C GLU A 137 13.96 14.51 12.14
N PHE A 138 12.79 14.56 12.79
CA PHE A 138 11.75 15.49 12.39
C PHE A 138 12.04 16.90 12.90
N ASP A 139 12.63 17.01 14.09
CA ASP A 139 12.93 18.33 14.65
C ASP A 139 13.84 19.14 13.74
N MET A 140 14.73 18.46 13.02
CA MET A 140 15.73 19.13 12.18
C MET A 140 15.18 19.58 10.83
N VAL A 141 13.93 19.28 10.51
CA VAL A 141 13.40 19.53 9.17
C VAL A 141 13.18 21.03 8.98
N LYS A 142 13.81 21.59 7.95
CA LYS A 142 13.59 23.00 7.62
C LYS A 142 12.15 23.25 7.22
N ASP A 143 11.57 22.34 6.43
CA ASP A 143 10.29 22.54 5.78
C ASP A 143 9.22 22.95 6.80
N PRO A 144 8.61 24.13 6.65
CA PRO A 144 7.56 24.53 7.61
C PRO A 144 6.27 23.72 7.47
N GLU A 145 5.99 23.16 6.29
CA GLU A 145 4.84 22.28 6.17
C GLU A 145 4.92 21.13 7.17
N VAL A 146 6.14 20.62 7.40
CA VAL A 146 6.33 19.54 8.35
C VAL A 146 6.08 20.02 9.77
N GLN A 147 6.71 21.14 10.14
CA GLN A 147 6.54 21.66 11.49
C GLN A 147 5.11 22.13 11.73
N ASP A 148 4.43 22.62 10.68
CA ASP A 148 3.02 22.98 10.83
C ASP A 148 2.16 21.73 10.93
N PHE A 149 2.47 20.69 10.16
CA PHE A 149 1.74 19.43 10.27
C PHE A 149 1.86 18.87 11.68
N ARG A 150 3.09 18.68 12.17
CA ARG A 150 3.29 18.14 13.50
C ARG A 150 2.45 18.88 14.53
N ARG A 151 2.45 20.21 14.48
CA ARG A 151 1.73 20.98 15.49
C ARG A 151 0.23 20.93 15.27
N ASN A 152 -0.22 21.05 14.01
CA ASN A 152 -1.62 21.32 13.73
C ASN A 152 -2.50 20.07 13.64
N ILE A 153 -1.94 18.87 13.76
CA ILE A 153 -2.76 17.67 13.91
C ILE A 153 -2.80 17.18 15.34
N LEU A 154 -2.08 17.82 16.26
CA LEU A 154 -2.17 17.45 17.66
C LEU A 154 -3.55 17.72 18.24
N ASN A 155 -4.37 18.53 17.56
CA ASN A 155 -5.74 18.77 18.01
C ASN A 155 -6.68 17.67 17.55
N VAL A 156 -6.34 16.93 16.49
CA VAL A 156 -7.11 15.73 16.16
C VAL A 156 -6.81 14.62 17.16
N CYS A 157 -5.66 14.67 17.82
CA CYS A 157 -5.34 13.71 18.86
C CYS A 157 -6.05 14.04 20.17
N LYS A 158 -6.05 15.32 20.56
CA LYS A 158 -6.78 15.72 21.76
C LYS A 158 -8.27 15.47 21.60
N GLU A 159 -8.79 15.67 20.38
CA GLU A 159 -10.19 15.32 20.12
C GLU A 159 -10.47 13.87 20.45
N ALA A 160 -9.55 12.97 20.09
CA ALA A 160 -9.80 11.54 20.23
C ALA A 160 -9.56 11.05 21.65
N VAL A 161 -8.48 11.51 22.30
CA VAL A 161 -8.20 11.09 23.66
C VAL A 161 -9.33 11.54 24.59
N ASP A 162 -9.70 12.82 24.51
CA ASP A 162 -10.80 13.31 25.32
C ASP A 162 -12.11 12.58 25.00
N LEU A 163 -12.35 12.30 23.72
CA LEU A 163 -13.58 11.65 23.33
C LEU A 163 -13.67 10.22 23.85
N ARG A 164 -12.53 9.56 24.07
CA ARG A 164 -12.53 8.18 24.55
C ARG A 164 -12.26 8.06 26.04
N ASP A 165 -11.67 9.08 26.66
CA ASP A 165 -11.57 9.16 28.11
C ASP A 165 -12.79 9.83 28.73
N LEU A 166 -13.83 10.08 27.93
CA LEU A 166 -15.02 10.79 28.38
C LEU A 166 -15.77 9.99 29.44
N ASN A 167 -16.36 8.87 29.05
CA ASN A 167 -17.17 8.05 29.96
C ASN A 167 -16.36 6.86 30.46
N SER A 168 -15.23 7.16 31.07
CA SER A 168 -14.34 6.11 31.56
C SER A 168 -15.08 5.25 32.58
N PRO A 169 -14.75 3.94 32.67
CA PRO A 169 -13.84 3.19 31.79
C PRO A 169 -14.51 2.57 30.56
N HIS A 170 -15.83 2.70 30.38
CA HIS A 170 -16.48 2.06 29.24
C HIS A 170 -15.96 2.63 27.93
N SER A 171 -15.89 3.96 27.82
CA SER A 171 -15.38 4.56 26.59
C SER A 171 -13.94 4.17 26.35
N ARG A 172 -13.17 3.94 27.41
CA ARG A 172 -11.81 3.45 27.26
C ARG A 172 -11.80 2.00 26.80
N ALA A 173 -12.81 1.22 27.21
CA ALA A 173 -12.93 -0.15 26.73
C ALA A 173 -13.43 -0.20 25.29
N MET A 174 -14.42 0.64 24.96
CA MET A 174 -14.92 0.70 23.59
C MET A 174 -13.83 1.10 22.60
N TYR A 175 -12.74 1.71 23.07
CA TYR A 175 -11.64 2.05 22.18
C TYR A 175 -10.72 0.86 21.95
N VAL A 176 -10.39 0.12 23.01
CA VAL A 176 -9.44 -0.97 22.88
C VAL A 176 -10.11 -2.24 22.35
N TYR A 177 -11.37 -2.48 22.72
CA TYR A 177 -12.11 -3.68 22.31
C TYR A 177 -13.41 -3.27 21.64
N PRO A 178 -13.32 -2.65 20.45
CA PRO A 178 -14.54 -2.16 19.81
C PRO A 178 -15.40 -3.31 19.32
N PRO A 179 -16.72 -3.13 19.30
CA PRO A 179 -17.59 -4.21 18.79
C PRO A 179 -17.26 -4.57 17.35
N ASN A 180 -16.97 -5.85 17.13
CA ASN A 180 -16.68 -6.38 15.80
C ASN A 180 -18.02 -6.77 15.17
N VAL A 181 -18.58 -5.84 14.40
CA VAL A 181 -19.95 -5.97 13.91
C VAL A 181 -19.97 -5.98 12.39
N GLU A 182 -20.91 -6.73 11.84
CA GLU A 182 -21.33 -6.51 10.46
C GLU A 182 -21.99 -5.13 10.35
N SER A 183 -21.92 -4.56 9.16
CA SER A 183 -22.40 -3.19 8.98
C SER A 183 -23.92 -3.07 8.95
N SER A 184 -24.66 -4.19 9.01
CA SER A 184 -26.12 -4.10 9.06
C SER A 184 -26.71 -5.31 9.77
N PRO A 185 -27.73 -5.13 10.61
CA PRO A 185 -28.39 -6.28 11.25
C PRO A 185 -29.27 -7.08 10.32
N GLU A 186 -29.60 -6.56 9.12
CA GLU A 186 -30.45 -7.29 8.19
C GLU A 186 -29.69 -8.48 7.61
N LEU A 187 -29.74 -9.60 8.31
CA LEU A 187 -29.10 -10.81 7.81
C LEU A 187 -29.90 -11.36 6.64
N PRO A 188 -29.26 -11.71 5.52
CA PRO A 188 -30.01 -12.22 4.36
C PRO A 188 -30.55 -13.61 4.64
N LYS A 189 -31.61 -13.96 3.89
CA LYS A 189 -32.49 -15.05 4.32
C LYS A 189 -31.74 -16.36 4.50
N HIS A 190 -30.75 -16.64 3.64
CA HIS A 190 -30.07 -17.94 3.74
C HIS A 190 -29.36 -18.11 5.08
N ILE A 191 -29.07 -17.02 5.78
CA ILE A 191 -28.54 -17.13 7.14
C ILE A 191 -29.65 -17.50 8.12
N TYR A 192 -30.75 -16.74 8.07
CA TYR A 192 -31.87 -16.95 8.99
C TYR A 192 -32.41 -18.38 8.90
N ASN A 193 -32.28 -19.03 7.74
CA ASN A 193 -32.77 -20.39 7.57
C ASN A 193 -32.00 -21.41 8.41
N LYS A 194 -30.92 -21.00 9.06
CA LYS A 194 -30.21 -21.85 10.02
C LYS A 194 -30.53 -21.48 11.46
N LEU A 195 -31.62 -20.74 11.67
CA LEU A 195 -32.10 -20.38 13.00
C LEU A 195 -33.35 -21.18 13.31
N ASP A 196 -33.41 -21.77 14.50
CA ASP A 196 -34.57 -22.53 14.92
C ASP A 196 -35.74 -21.58 15.15
N LYS A 197 -36.71 -21.59 14.24
CA LYS A 197 -37.85 -20.67 14.27
C LYS A 197 -37.43 -19.29 14.77
N GLY A 198 -36.46 -18.71 14.05
CA GLY A 198 -36.03 -17.36 14.32
C GLY A 198 -35.23 -17.17 15.58
N GLN A 199 -34.72 -18.25 16.16
CA GLN A 199 -33.94 -18.20 17.40
C GLN A 199 -32.58 -18.83 17.18
N ILE A 200 -31.69 -18.61 18.15
CA ILE A 200 -30.35 -19.18 18.15
C ILE A 200 -30.10 -19.87 19.48
N ILE A 201 -29.31 -20.92 19.43
CA ILE A 201 -28.85 -21.62 20.63
C ILE A 201 -27.41 -21.22 20.91
N VAL A 202 -27.14 -20.83 22.15
CA VAL A 202 -25.84 -20.30 22.54
C VAL A 202 -25.45 -20.87 23.90
N VAL A 203 -24.15 -21.03 24.12
CA VAL A 203 -23.61 -21.54 25.38
C VAL A 203 -22.80 -20.44 26.04
N ILE A 204 -23.08 -20.17 27.30
CA ILE A 204 -22.36 -19.19 28.11
C ILE A 204 -21.55 -19.94 29.15
N TRP A 205 -20.26 -19.62 29.25
CA TRP A 205 -19.33 -20.32 30.13
C TRP A 205 -18.94 -19.42 31.30
N VAL A 206 -18.57 -20.07 32.41
CA VAL A 206 -18.19 -19.36 33.63
C VAL A 206 -17.07 -20.15 34.32
N ILE A 207 -16.16 -19.41 34.97
CA ILE A 207 -15.06 -20.00 35.73
C ILE A 207 -15.50 -20.21 37.17
N VAL A 208 -15.04 -21.31 37.77
CA VAL A 208 -15.15 -21.54 39.20
C VAL A 208 -13.72 -21.62 39.72
N SER A 209 -13.34 -20.63 40.55
CA SER A 209 -11.96 -20.18 40.67
C SER A 209 -11.00 -21.10 41.43
N PRO A 210 -11.44 -21.86 42.45
CA PRO A 210 -10.46 -22.60 43.28
C PRO A 210 -9.48 -23.46 42.48
N ASN A 211 -9.89 -23.86 41.27
CA ASN A 211 -9.02 -24.57 40.34
C ASN A 211 -9.13 -23.97 38.94
N ASN A 212 -9.86 -22.86 38.81
CA ASN A 212 -10.40 -22.43 37.53
C ASN A 212 -11.11 -23.60 36.85
N ASP A 213 -11.94 -24.30 37.63
CA ASP A 213 -12.95 -25.16 37.06
C ASP A 213 -13.87 -24.31 36.17
N LYS A 214 -14.77 -24.97 35.46
CA LYS A 214 -15.60 -24.25 34.50
C LYS A 214 -16.97 -24.91 34.39
N GLN A 215 -17.98 -24.07 34.15
CA GLN A 215 -19.36 -24.50 34.00
C GLN A 215 -19.97 -23.76 32.81
N LYS A 216 -21.02 -24.36 32.23
CA LYS A 216 -21.62 -23.83 31.03
C LYS A 216 -23.13 -23.83 31.14
N TYR A 217 -23.77 -22.87 30.47
CA TYR A 217 -25.22 -22.73 30.45
C TYR A 217 -25.67 -22.55 29.01
N THR A 218 -26.41 -23.51 28.50
CA THR A 218 -26.93 -23.46 27.13
C THR A 218 -28.25 -22.69 27.11
N LEU A 219 -28.40 -21.84 26.09
CA LEU A 219 -29.56 -20.96 25.98
C LEU A 219 -30.10 -20.98 24.56
N LYS A 220 -31.42 -20.89 24.44
CA LYS A 220 -32.08 -20.60 23.17
C LYS A 220 -32.74 -19.24 23.28
N ILE A 221 -32.45 -18.36 22.33
CA ILE A 221 -32.85 -16.96 22.41
C ILE A 221 -33.13 -16.44 21.02
N ASN A 222 -33.97 -15.40 20.93
CA ASN A 222 -34.13 -14.68 19.69
C ASN A 222 -32.76 -14.20 19.20
N HIS A 223 -32.52 -14.33 17.89
CA HIS A 223 -31.22 -13.95 17.36
C HIS A 223 -30.92 -12.47 17.56
N ASP A 224 -31.94 -11.64 17.70
CA ASP A 224 -31.77 -10.20 17.85
C ASP A 224 -31.83 -9.74 19.31
N CYS A 225 -31.42 -10.60 20.24
CA CYS A 225 -31.24 -10.18 21.63
C CYS A 225 -29.95 -9.38 21.75
N VAL A 226 -30.00 -8.29 22.52
CA VAL A 226 -28.79 -7.52 22.81
C VAL A 226 -28.02 -8.29 23.88
N PRO A 227 -26.71 -8.06 24.03
CA PRO A 227 -25.95 -8.83 25.03
C PRO A 227 -26.56 -8.79 26.43
N GLU A 228 -26.99 -7.61 26.89
CA GLU A 228 -27.64 -7.54 28.20
C GLU A 228 -28.91 -8.39 28.25
N GLN A 229 -29.61 -8.51 27.12
CA GLN A 229 -30.77 -9.40 27.06
C GLN A 229 -30.34 -10.86 27.09
N VAL A 230 -29.17 -11.17 26.52
CA VAL A 230 -28.62 -12.52 26.66
C VAL A 230 -28.26 -12.79 28.12
N ILE A 231 -27.58 -11.84 28.77
CA ILE A 231 -27.29 -11.95 30.18
C ILE A 231 -28.58 -12.10 31.00
N ALA A 232 -29.70 -11.62 30.46
CA ALA A 232 -30.98 -11.79 31.15
C ALA A 232 -31.49 -13.23 31.03
N GLU A 233 -31.47 -13.78 29.81
CA GLU A 233 -31.97 -15.12 29.58
C GLU A 233 -31.09 -16.20 30.22
N ALA A 234 -29.90 -15.84 30.70
CA ALA A 234 -29.03 -16.80 31.37
C ALA A 234 -29.24 -16.80 32.88
N ILE A 235 -29.27 -15.62 33.48
CA ILE A 235 -29.62 -15.55 34.91
C ILE A 235 -31.06 -15.96 35.12
N ARG A 236 -31.90 -15.78 34.09
CA ARG A 236 -33.29 -16.25 34.16
C ARG A 236 -33.35 -17.77 34.16
N LYS A 237 -32.43 -18.43 33.46
CA LYS A 237 -32.41 -19.88 33.42
C LYS A 237 -31.76 -20.51 34.64
N LYS A 238 -30.87 -19.78 35.32
CA LYS A 238 -30.25 -20.31 36.53
C LYS A 238 -31.07 -20.06 37.79
N THR A 239 -31.94 -19.05 37.78
CA THR A 239 -32.86 -18.79 38.87
C THR A 239 -34.22 -19.45 38.66
N ARG A 240 -34.28 -20.46 37.78
CA ARG A 240 -35.53 -21.15 37.51
C ARG A 240 -36.23 -21.57 38.79
N SER A 241 -35.50 -22.27 39.67
CA SER A 241 -36.08 -22.91 40.85
C SER A 241 -35.88 -22.09 42.12
N MET A 242 -35.67 -20.78 42.01
CA MET A 242 -35.39 -19.95 43.17
C MET A 242 -36.63 -19.26 43.74
N LEU A 243 -37.82 -19.57 43.21
CA LEU A 243 -39.07 -19.04 43.73
C LEU A 243 -38.97 -17.55 44.04
N LEU A 244 -38.52 -16.80 43.03
CA LEU A 244 -38.33 -15.37 43.15
C LEU A 244 -39.54 -14.60 42.64
N SER A 245 -39.75 -13.42 43.18
CA SER A 245 -40.82 -12.55 42.72
C SER A 245 -40.35 -11.75 41.51
N SER A 246 -41.32 -11.25 40.74
CA SER A 246 -41.00 -10.53 39.51
C SER A 246 -40.10 -9.33 39.76
N GLU A 247 -40.10 -8.79 40.98
CA GLU A 247 -39.25 -7.64 41.30
C GLU A 247 -37.91 -8.06 41.88
N GLN A 248 -37.84 -9.19 42.58
CA GLN A 248 -36.55 -9.73 42.99
C GLN A 248 -35.76 -10.24 41.79
N LEU A 249 -36.45 -10.78 40.79
CA LEU A 249 -35.78 -11.18 39.55
C LEU A 249 -35.19 -9.97 38.85
N LYS A 250 -35.97 -8.91 38.69
CA LYS A 250 -35.44 -7.66 38.13
C LYS A 250 -34.23 -7.17 38.92
N LEU A 251 -34.18 -7.47 40.22
CA LEU A 251 -33.13 -6.89 41.07
C LEU A 251 -31.78 -7.55 40.82
N CYS A 252 -31.76 -8.82 40.44
CA CYS A 252 -30.50 -9.50 40.13
C CYS A 252 -30.23 -9.57 38.62
N VAL A 253 -31.26 -9.45 37.79
CA VAL A 253 -31.03 -9.21 36.36
C VAL A 253 -30.32 -7.88 36.18
N LEU A 254 -30.82 -6.84 36.85
CA LEU A 254 -30.13 -5.55 36.86
C LEU A 254 -28.71 -5.70 37.41
N GLU A 255 -28.55 -6.52 38.46
CA GLU A 255 -27.23 -6.71 39.04
C GLU A 255 -26.24 -7.23 38.00
N TYR A 256 -26.65 -8.24 37.23
CA TYR A 256 -25.74 -8.88 36.29
C TYR A 256 -25.63 -8.13 34.97
N GLN A 257 -26.72 -7.48 34.53
CA GLN A 257 -26.64 -6.68 33.30
C GLN A 257 -25.53 -5.64 33.40
N GLY A 258 -25.33 -5.07 34.59
CA GLY A 258 -24.39 -3.98 34.76
C GLY A 258 -23.08 -4.41 35.41
N LYS A 259 -23.01 -5.64 35.90
CA LYS A 259 -21.81 -6.13 36.57
C LYS A 259 -20.96 -7.05 35.71
N TYR A 260 -21.51 -7.61 34.63
CA TYR A 260 -20.80 -8.54 33.78
C TYR A 260 -20.98 -8.16 32.32
N ILE A 261 -20.09 -8.72 31.49
CA ILE A 261 -20.18 -8.63 30.04
C ILE A 261 -19.81 -9.98 29.45
N LEU A 262 -20.00 -10.12 28.14
CA LEU A 262 -19.77 -11.37 27.44
C LEU A 262 -18.54 -11.27 26.55
N LYS A 263 -17.78 -12.37 26.50
CA LYS A 263 -16.54 -12.45 25.73
C LYS A 263 -16.58 -13.72 24.90
N VAL A 264 -15.88 -13.68 23.76
CA VAL A 264 -15.77 -14.85 22.90
C VAL A 264 -14.70 -15.78 23.48
N CYS A 265 -15.04 -17.05 23.64
CA CYS A 265 -14.09 -18.01 24.19
C CYS A 265 -12.97 -18.26 23.21
N GLY A 266 -11.73 -17.96 23.63
CA GLY A 266 -10.56 -18.24 22.85
C GLY A 266 -9.83 -17.03 22.31
N CYS A 267 -10.41 -15.83 22.43
CA CYS A 267 -9.77 -14.63 21.90
C CYS A 267 -10.35 -13.41 22.59
N ASP A 268 -9.76 -12.25 22.30
CA ASP A 268 -10.15 -11.00 22.95
C ASP A 268 -11.15 -10.24 22.10
N GLU A 269 -12.38 -10.76 22.08
CA GLU A 269 -13.53 -10.08 21.52
C GLU A 269 -14.60 -9.96 22.60
N TYR A 270 -15.20 -8.78 22.71
CA TYR A 270 -16.14 -8.50 23.78
C TYR A 270 -17.40 -7.86 23.20
N PHE A 271 -18.51 -8.08 23.90
CA PHE A 271 -19.82 -7.58 23.50
C PHE A 271 -20.20 -6.42 24.40
N LEU A 272 -19.56 -5.28 24.17
CA LEU A 272 -19.66 -4.13 25.06
C LEU A 272 -20.75 -3.15 24.66
N GLU A 273 -21.33 -3.29 23.47
CA GLU A 273 -22.35 -2.37 22.99
C GLU A 273 -23.57 -3.16 22.55
N LYS A 274 -24.73 -2.51 22.66
CA LYS A 274 -26.00 -3.20 22.47
C LYS A 274 -26.40 -3.32 21.01
N TYR A 275 -25.47 -3.82 20.17
CA TYR A 275 -25.87 -4.31 18.87
C TYR A 275 -26.64 -5.61 19.04
N PRO A 276 -27.54 -5.95 18.12
CA PRO A 276 -28.20 -7.26 18.20
C PRO A 276 -27.16 -8.37 18.08
N LEU A 277 -27.41 -9.45 18.81
CA LEU A 277 -26.37 -10.48 18.98
C LEU A 277 -25.86 -11.00 17.63
N SER A 278 -26.77 -11.23 16.69
CA SER A 278 -26.38 -11.82 15.40
C SER A 278 -25.70 -10.83 14.48
N GLN A 279 -25.57 -9.57 14.87
CA GLN A 279 -24.79 -8.61 14.07
C GLN A 279 -23.31 -8.61 14.46
N TYR A 280 -22.97 -9.07 15.65
CA TYR A 280 -21.58 -9.35 15.98
C TYR A 280 -21.05 -10.41 15.03
N LYS A 281 -19.88 -10.14 14.43
CA LYS A 281 -19.39 -11.02 13.37
C LYS A 281 -19.22 -12.45 13.86
N TYR A 282 -18.71 -12.64 15.07
CA TYR A 282 -18.47 -13.98 15.58
C TYR A 282 -19.74 -14.83 15.51
N ILE A 283 -20.89 -14.24 15.79
CA ILE A 283 -22.14 -14.98 15.82
C ILE A 283 -22.86 -14.95 14.47
N ARG A 284 -22.57 -13.97 13.61
CA ARG A 284 -23.06 -14.03 12.25
C ARG A 284 -22.51 -15.24 11.52
N SER A 285 -21.28 -15.65 11.83
CA SER A 285 -20.66 -16.80 11.19
C SER A 285 -21.01 -18.10 11.90
N CYS A 286 -21.18 -18.08 13.22
CA CYS A 286 -21.66 -19.27 13.91
C CYS A 286 -23.00 -19.73 13.36
N ILE A 287 -23.81 -18.79 12.87
CA ILE A 287 -25.05 -19.14 12.18
C ILE A 287 -24.75 -19.61 10.76
N MET A 288 -23.98 -18.82 10.02
CA MET A 288 -23.63 -19.18 8.65
C MET A 288 -22.97 -20.55 8.59
N LEU A 289 -22.02 -20.80 9.49
CA LEU A 289 -21.33 -22.07 9.56
C LEU A 289 -22.06 -23.09 10.43
N GLY A 290 -23.20 -22.73 11.01
CA GLY A 290 -23.95 -23.67 11.82
C GLY A 290 -23.22 -24.15 13.05
N ARG A 291 -22.23 -23.40 13.53
CA ARG A 291 -21.44 -23.78 14.68
C ARG A 291 -21.98 -23.11 15.94
N MET A 292 -21.57 -23.65 17.09
CA MET A 292 -22.11 -23.21 18.37
C MET A 292 -21.36 -21.97 18.85
N PRO A 293 -22.02 -20.82 19.02
CA PRO A 293 -21.32 -19.66 19.60
C PRO A 293 -20.99 -19.86 21.07
N ASN A 294 -19.70 -19.99 21.38
CA ASN A 294 -19.23 -20.20 22.75
C ASN A 294 -18.83 -18.85 23.34
N LEU A 295 -19.55 -18.43 24.38
CA LEU A 295 -19.31 -17.16 25.04
C LEU A 295 -18.93 -17.39 26.50
N MET A 296 -18.10 -16.50 27.03
CA MET A 296 -17.68 -16.52 28.42
C MET A 296 -18.23 -15.30 29.12
N LEU A 297 -18.95 -15.51 30.22
CA LEU A 297 -19.39 -14.41 31.06
C LEU A 297 -18.23 -13.97 31.94
N MET A 298 -17.96 -12.68 31.97
CA MET A 298 -16.77 -12.14 32.61
C MET A 298 -17.13 -10.88 33.38
N ALA A 299 -16.43 -10.69 34.50
CA ALA A 299 -16.67 -9.53 35.35
C ALA A 299 -16.16 -8.27 34.67
N LYS A 300 -17.01 -7.24 34.62
CA LYS A 300 -16.60 -5.98 34.00
C LYS A 300 -15.41 -5.37 34.72
N GLU A 301 -15.37 -5.50 36.04
CA GLU A 301 -14.25 -4.96 36.80
C GLU A 301 -12.95 -5.71 36.52
N SER A 302 -13.02 -6.93 36.00
CA SER A 302 -11.82 -7.61 35.54
C SER A 302 -11.39 -7.10 34.17
N LEU A 303 -12.34 -6.71 33.32
CA LEU A 303 -12.00 -6.18 32.00
C LEU A 303 -11.34 -4.81 32.12
N TYR A 304 -11.95 -3.90 32.89
CA TYR A 304 -11.38 -2.57 33.07
C TYR A 304 -10.07 -2.61 33.85
N SER A 305 -9.78 -3.71 34.52
CA SER A 305 -8.51 -3.83 35.24
C SER A 305 -7.34 -3.88 34.26
N GLN A 306 -7.51 -4.56 33.14
CA GLN A 306 -6.47 -4.66 32.11
C GLN A 306 -6.54 -3.51 31.10
N LEU A 307 -7.10 -2.37 31.50
CA LEU A 307 -7.13 -1.16 30.68
C LEU A 307 -6.41 -0.04 31.44
N PRO A 308 -5.09 -0.14 31.58
CA PRO A 308 -4.35 0.84 32.38
C PRO A 308 -4.52 2.25 31.84
N MET A 309 -4.94 3.16 32.72
CA MET A 309 -5.13 4.56 32.33
C MET A 309 -3.89 5.09 31.64
N ASP A 310 -4.10 5.77 30.51
CA ASP A 310 -3.01 6.27 29.67
C ASP A 310 -3.22 7.75 29.42
N CYS A 311 -2.22 8.55 29.79
CA CYS A 311 -2.28 9.98 29.58
C CYS A 311 -1.84 10.33 28.16
N PHE A 312 -2.24 11.53 27.73
CA PHE A 312 -1.73 12.12 26.50
C PHE A 312 -1.20 13.50 26.84
N THR A 313 0.09 13.70 26.67
CA THR A 313 0.77 14.95 27.02
C THR A 313 1.25 15.64 25.76
N MET A 314 0.89 16.93 25.63
CA MET A 314 1.34 17.70 24.47
C MET A 314 2.86 17.74 24.45
N PRO A 315 3.48 17.56 23.28
CA PRO A 315 4.95 17.57 23.19
C PRO A 315 5.50 18.98 23.14
N SER A 316 6.82 19.07 23.00
CA SER A 316 7.50 20.36 23.07
C SER A 316 7.17 21.23 21.86
N TYR A 317 7.39 20.69 20.65
CA TYR A 317 7.18 21.46 19.43
C TYR A 317 5.74 21.96 19.28
N SER A 318 4.82 21.49 20.13
CA SER A 318 3.41 21.78 19.91
C SER A 318 3.08 23.26 20.05
N ARG A 319 3.84 23.99 20.87
CA ARG A 319 3.35 25.26 21.42
C ARG A 319 3.95 26.50 20.80
N ARG A 320 5.24 26.52 20.46
CA ARG A 320 5.96 27.77 20.28
C ARG A 320 6.70 27.87 18.95
N ILE A 321 6.86 29.11 18.50
CA ILE A 321 7.75 29.47 17.41
C ILE A 321 8.44 30.77 17.82
N SER A 322 9.72 30.89 17.48
CA SER A 322 10.50 32.06 17.89
C SER A 322 9.88 33.36 17.38
N SER A 333 -0.11 43.29 1.31
CA SER A 333 1.05 42.41 1.51
C SER A 333 1.05 41.27 0.50
N THR A 334 -0.13 40.95 -0.04
CA THR A 334 -0.31 39.84 -0.96
C THR A 334 -1.35 40.22 -2.00
N LYS A 335 -1.43 39.44 -3.07
CA LYS A 335 -2.40 39.68 -4.13
C LYS A 335 -2.96 38.35 -4.63
N SER A 336 -4.13 38.45 -5.28
CA SER A 336 -4.86 37.27 -5.72
C SER A 336 -4.30 36.74 -7.04
N LEU A 337 -4.32 35.41 -7.18
CA LEU A 337 -3.97 34.76 -8.43
C LEU A 337 -4.69 35.41 -9.62
N TRP A 338 -5.95 35.81 -9.42
CA TRP A 338 -6.80 36.21 -10.53
C TRP A 338 -6.60 37.66 -10.97
N VAL A 339 -5.65 38.40 -10.38
CA VAL A 339 -5.29 39.70 -10.93
C VAL A 339 -4.20 39.57 -12.00
N ILE A 340 -3.48 38.44 -12.02
CA ILE A 340 -2.27 38.28 -12.83
C ILE A 340 -2.65 38.13 -14.30
N ASN A 341 -2.64 39.24 -15.03
CA ASN A 341 -3.04 39.24 -16.44
C ASN A 341 -1.89 38.79 -17.34
N SER A 342 -1.36 37.61 -17.05
CA SER A 342 -0.24 37.08 -17.81
C SER A 342 -0.29 35.56 -17.86
N ALA A 343 0.32 35.01 -18.91
CA ALA A 343 0.44 33.57 -19.06
C ALA A 343 1.51 33.04 -18.12
N LEU A 344 1.57 31.71 -18.01
CA LEU A 344 2.53 31.05 -17.13
C LEU A 344 3.80 30.70 -17.89
N ARG A 345 4.93 30.90 -17.22
CA ARG A 345 6.22 30.47 -17.73
C ARG A 345 7.06 29.97 -16.56
N ILE A 346 7.96 29.02 -16.85
CA ILE A 346 8.80 28.39 -15.84
C ILE A 346 10.19 28.23 -16.42
N LYS A 347 11.21 28.64 -15.66
CA LYS A 347 12.59 28.52 -16.11
C LYS A 347 13.18 27.19 -15.66
N ILE A 348 13.82 26.49 -16.58
CA ILE A 348 14.67 25.35 -16.26
C ILE A 348 16.11 25.81 -16.42
N LEU A 349 16.87 25.79 -15.33
CA LEU A 349 18.26 26.25 -15.36
C LEU A 349 19.20 25.13 -15.79
N CYS A 350 19.39 24.13 -14.92
CA CYS A 350 20.40 23.12 -15.18
C CYS A 350 20.14 21.90 -14.31
N ALA A 351 20.84 20.82 -14.64
CA ALA A 351 20.81 19.57 -13.91
C ALA A 351 22.17 19.27 -13.29
N THR A 352 22.22 18.17 -12.54
CA THR A 352 23.39 17.75 -11.80
C THR A 352 23.32 16.23 -11.66
N TYR A 353 24.47 15.61 -11.45
CA TYR A 353 24.54 14.18 -11.13
C TYR A 353 23.72 13.33 -12.10
N VAL A 354 23.80 13.64 -13.39
CA VAL A 354 23.10 12.87 -14.41
C VAL A 354 23.99 11.72 -14.86
N ASN A 355 23.50 10.49 -14.70
CA ASN A 355 24.25 9.28 -15.03
C ASN A 355 23.83 8.82 -16.42
N VAL A 356 24.63 9.18 -17.42
CA VAL A 356 24.34 8.85 -18.81
C VAL A 356 25.67 8.56 -19.51
N ASN A 357 25.66 7.57 -20.40
CA ASN A 357 26.84 7.24 -21.18
C ASN A 357 26.95 8.22 -22.35
N ILE A 358 27.98 9.07 -22.31
CA ILE A 358 28.05 10.24 -23.18
C ILE A 358 28.01 9.90 -24.67
N ARG A 359 28.14 8.63 -25.04
CA ARG A 359 28.23 8.25 -26.45
C ARG A 359 27.15 7.30 -26.91
N ASP A 360 26.65 6.42 -26.04
CA ASP A 360 25.45 5.67 -26.40
C ASP A 360 24.27 6.61 -26.55
N ILE A 361 24.25 7.70 -25.76
CA ILE A 361 23.18 8.67 -25.74
C ILE A 361 23.67 9.93 -26.45
N ASP A 362 22.86 10.42 -27.39
CA ASP A 362 23.28 11.56 -28.19
C ASP A 362 23.07 12.87 -27.44
N LYS A 363 21.87 13.08 -26.91
CA LYS A 363 21.55 14.34 -26.20
C LYS A 363 20.52 14.06 -25.13
N ILE A 364 20.33 15.06 -24.26
CA ILE A 364 19.36 15.01 -23.17
C ILE A 364 18.51 16.27 -23.22
N TYR A 365 17.35 16.21 -22.58
CA TYR A 365 16.48 17.38 -22.48
C TYR A 365 15.50 17.16 -21.33
N VAL A 366 14.90 18.27 -20.89
CA VAL A 366 13.91 18.24 -19.82
C VAL A 366 12.53 18.40 -20.45
N ARG A 367 11.63 17.46 -20.14
CA ARG A 367 10.24 17.51 -20.55
C ARG A 367 9.39 17.96 -19.39
N THR A 368 8.40 18.81 -19.67
CA THR A 368 7.52 19.33 -18.63
C THR A 368 6.09 19.30 -19.11
N GLY A 369 5.18 19.17 -18.16
CA GLY A 369 3.75 19.33 -18.42
C GLY A 369 3.08 19.86 -17.18
N ILE A 370 2.05 20.68 -17.39
CA ILE A 370 1.26 21.23 -16.30
C ILE A 370 0.02 20.36 -16.15
N TYR A 371 -0.11 19.70 -15.02
CA TYR A 371 -1.09 18.64 -14.81
C TYR A 371 -2.03 18.98 -13.67
N HIS A 372 -3.32 18.74 -13.90
CA HIS A 372 -4.34 18.70 -12.85
C HIS A 372 -4.74 17.24 -12.73
N GLY A 373 -4.18 16.55 -11.74
CA GLY A 373 -4.32 15.10 -11.68
C GLY A 373 -3.54 14.45 -12.80
N GLY A 374 -4.25 13.93 -13.81
CA GLY A 374 -3.60 13.25 -14.91
C GLY A 374 -3.92 13.87 -16.26
N GLU A 375 -4.71 14.94 -16.28
CA GLU A 375 -5.07 15.61 -17.52
C GLU A 375 -4.18 16.81 -17.75
N PRO A 376 -3.39 16.84 -18.82
CA PRO A 376 -2.59 18.05 -19.11
C PRO A 376 -3.48 19.28 -19.27
N LEU A 377 -3.32 20.23 -18.35
CA LEU A 377 -4.02 21.50 -18.47
C LEU A 377 -3.63 22.24 -19.75
N CYS A 378 -2.44 21.95 -20.29
CA CYS A 378 -2.01 22.46 -21.58
C CYS A 378 -1.00 21.47 -22.14
N ASP A 379 -0.73 21.58 -23.44
CA ASP A 379 0.21 20.65 -24.06
C ASP A 379 1.59 20.81 -23.43
N ASN A 380 2.34 19.70 -23.43
CA ASN A 380 3.66 19.69 -22.82
C ASN A 380 4.61 20.60 -23.58
N VAL A 381 5.71 20.96 -22.91
CA VAL A 381 6.79 21.72 -23.53
C VAL A 381 8.12 21.20 -23.01
N ASN A 382 9.14 21.27 -23.87
CA ASN A 382 10.47 20.76 -23.56
C ASN A 382 11.48 21.88 -23.67
N THR A 383 12.59 21.73 -22.94
CA THR A 383 13.79 22.47 -23.30
C THR A 383 14.28 22.00 -24.66
N GLN A 384 15.15 22.80 -25.28
CA GLN A 384 15.89 22.27 -26.42
C GLN A 384 16.81 21.16 -25.95
N ARG A 385 17.27 20.36 -26.91
CA ARG A 385 18.15 19.24 -26.57
C ARG A 385 19.56 19.74 -26.29
N VAL A 386 20.30 18.99 -25.48
CA VAL A 386 21.57 19.46 -24.92
C VAL A 386 22.51 18.28 -24.76
N PRO A 387 23.83 18.46 -24.92
CA PRO A 387 24.75 17.34 -24.74
C PRO A 387 24.71 16.78 -23.32
N CYS A 388 25.08 15.50 -23.21
CA CYS A 388 25.14 14.84 -21.91
C CYS A 388 26.13 15.55 -20.99
N SER A 389 27.31 15.91 -21.52
CA SER A 389 28.40 16.39 -20.69
C SER A 389 28.14 17.77 -20.09
N ASN A 390 27.12 18.49 -20.54
CA ASN A 390 26.82 19.83 -20.05
C ASN A 390 25.31 19.99 -19.92
N PRO A 391 24.72 19.42 -18.85
CA PRO A 391 23.26 19.51 -18.67
C PRO A 391 22.79 20.86 -18.13
N ARG A 392 22.81 21.86 -19.00
CA ARG A 392 22.40 23.22 -18.63
C ARG A 392 21.56 23.81 -19.77
N TRP A 393 20.45 24.44 -19.39
CA TRP A 393 19.48 24.95 -20.37
C TRP A 393 19.18 26.43 -20.21
N ASN A 394 19.06 26.94 -18.98
CA ASN A 394 18.73 28.34 -18.72
C ASN A 394 17.58 28.81 -19.60
N GLU A 395 16.56 27.97 -19.76
CA GLU A 395 15.50 28.21 -20.74
C GLU A 395 14.17 28.44 -20.03
N TRP A 396 13.49 29.53 -20.39
CA TRP A 396 12.14 29.78 -19.93
C TRP A 396 11.16 29.02 -20.81
N LEU A 397 10.40 28.11 -20.22
CA LEU A 397 9.35 27.39 -20.94
C LEU A 397 8.04 28.15 -20.78
N ASN A 398 7.40 28.48 -21.89
CA ASN A 398 6.12 29.18 -21.90
C ASN A 398 4.99 28.19 -22.13
N TYR A 399 3.90 28.36 -21.38
CA TYR A 399 2.79 27.42 -21.36
C TYR A 399 1.52 28.11 -21.85
N ASP A 400 0.69 27.34 -22.56
CA ASP A 400 -0.56 27.85 -23.12
C ASP A 400 -1.66 27.84 -22.05
N ILE A 401 -1.44 28.64 -21.01
CA ILE A 401 -2.42 28.72 -19.92
C ILE A 401 -2.28 30.06 -19.23
N TYR A 402 -3.38 30.56 -18.73
CA TYR A 402 -3.39 31.76 -17.93
C TYR A 402 -3.10 31.43 -16.47
N ILE A 403 -2.34 32.31 -15.82
CA ILE A 403 -2.10 32.15 -14.40
C ILE A 403 -3.40 32.25 -13.62
N PRO A 404 -4.35 33.14 -13.97
CA PRO A 404 -5.67 33.06 -13.33
C PRO A 404 -6.41 31.76 -13.62
N ASP A 405 -6.14 31.12 -14.75
CA ASP A 405 -6.82 29.88 -15.11
C ASP A 405 -6.25 28.66 -14.40
N LEU A 406 -5.21 28.82 -13.60
CA LEU A 406 -4.66 27.70 -12.86
C LEU A 406 -5.67 27.20 -11.83
N PRO A 407 -6.03 25.93 -11.84
CA PRO A 407 -6.78 25.38 -10.71
C PRO A 407 -5.87 25.19 -9.51
N ARG A 408 -6.48 25.18 -8.33
CA ARG A 408 -5.70 25.13 -7.10
C ARG A 408 -4.78 23.92 -7.08
N ALA A 409 -5.26 22.76 -7.54
CA ALA A 409 -4.50 21.52 -7.47
C ALA A 409 -3.59 21.31 -8.67
N ALA A 410 -3.21 22.38 -9.37
CA ALA A 410 -2.31 22.25 -10.50
C ALA A 410 -0.92 21.81 -10.05
N ARG A 411 -0.22 21.08 -10.93
CA ARG A 411 1.05 20.48 -10.58
C ARG A 411 1.96 20.47 -11.81
N LEU A 412 3.22 20.81 -11.59
CA LEU A 412 4.24 20.72 -12.63
C LEU A 412 4.90 19.35 -12.57
N CYS A 413 4.83 18.62 -13.68
CA CYS A 413 5.44 17.31 -13.80
C CYS A 413 6.55 17.38 -14.84
N LEU A 414 7.75 16.96 -14.44
CA LEU A 414 8.93 17.11 -15.28
C LEU A 414 9.80 15.87 -15.18
N SER A 415 10.70 15.73 -16.15
CA SER A 415 11.63 14.62 -16.20
C SER A 415 12.79 15.00 -17.11
N ILE A 416 13.93 14.34 -16.90
CA ILE A 416 15.06 14.42 -17.80
C ILE A 416 15.00 13.20 -18.71
N CYS A 417 15.17 13.42 -20.02
CA CYS A 417 15.00 12.38 -21.01
C CYS A 417 16.22 12.32 -21.92
N SER A 418 16.57 11.11 -22.35
CA SER A 418 17.66 10.87 -23.27
C SER A 418 17.11 10.46 -24.64
N VAL A 419 17.89 10.73 -25.68
CA VAL A 419 17.51 10.38 -27.04
C VAL A 419 18.64 9.61 -27.70
N LYS A 420 18.27 8.67 -28.56
CA LYS A 420 19.21 7.93 -29.39
C LYS A 420 18.65 7.88 -30.81
N GLY A 421 19.48 8.25 -31.79
CA GLY A 421 18.99 8.48 -33.13
C GLY A 421 19.34 7.43 -34.16
N ARG A 422 18.59 7.41 -35.26
CA ARG A 422 18.82 6.50 -36.38
C ARG A 422 17.84 6.85 -37.49
N LYS A 423 18.21 6.53 -38.74
CA LYS A 423 17.33 6.72 -39.88
C LYS A 423 16.62 5.44 -40.28
N GLY A 424 17.35 4.34 -40.42
CA GLY A 424 16.70 3.06 -40.68
C GLY A 424 15.75 2.64 -39.58
N ALA A 425 15.84 3.26 -38.41
CA ALA A 425 14.89 3.05 -37.33
C ALA A 425 14.61 4.39 -36.65
N LYS A 426 13.47 4.45 -35.96
CA LYS A 426 12.99 5.70 -35.39
C LYS A 426 13.90 6.17 -34.25
N GLU A 427 13.80 7.46 -33.94
CA GLU A 427 14.51 8.05 -32.81
C GLU A 427 13.81 7.68 -31.50
N GLU A 428 14.59 7.26 -30.52
CA GLU A 428 14.08 6.71 -29.27
C GLU A 428 14.30 7.69 -28.12
N HIS A 429 13.26 7.91 -27.32
CA HIS A 429 13.34 8.73 -26.12
C HIS A 429 13.10 7.86 -24.88
N CYS A 430 13.84 8.14 -23.82
CA CYS A 430 13.67 7.43 -22.56
C CYS A 430 13.81 8.38 -21.37
N PRO A 431 12.99 8.21 -20.33
CA PRO A 431 13.15 9.04 -19.13
C PRO A 431 14.27 8.53 -18.25
N LEU A 432 15.07 9.47 -17.73
CA LEU A 432 16.16 9.16 -16.83
C LEU A 432 15.79 9.36 -15.37
N ALA A 433 15.10 10.45 -15.05
CA ALA A 433 14.62 10.72 -13.71
C ALA A 433 13.44 11.67 -13.81
N TRP A 434 12.65 11.72 -12.75
CA TRP A 434 11.40 12.48 -12.78
C TRP A 434 11.19 13.20 -11.45
N GLY A 435 10.27 14.15 -11.48
CA GLY A 435 9.91 14.92 -10.29
C GLY A 435 8.66 15.73 -10.52
N ASN A 436 7.87 15.93 -9.47
CA ASN A 436 6.63 16.69 -9.56
C ASN A 436 6.61 17.78 -8.50
N ILE A 437 5.99 18.90 -8.84
CA ILE A 437 5.96 20.08 -7.98
C ILE A 437 4.53 20.60 -7.89
N ASN A 438 4.12 21.00 -6.69
CA ASN A 438 2.85 21.70 -6.51
C ASN A 438 3.05 23.18 -6.83
N LEU A 439 2.30 23.69 -7.81
CA LEU A 439 2.43 25.10 -8.15
C LEU A 439 1.94 26.00 -7.03
N PHE A 440 1.00 25.51 -6.22
CA PHE A 440 0.57 26.18 -5.00
C PHE A 440 1.01 25.33 -3.81
N ASP A 441 1.66 25.95 -2.83
CA ASP A 441 2.07 25.21 -1.65
C ASP A 441 0.89 25.07 -0.69
N TYR A 442 1.14 24.49 0.48
CA TYR A 442 0.05 24.17 1.39
C TYR A 442 -0.60 25.42 1.98
N THR A 443 0.05 26.59 1.89
CA THR A 443 -0.56 27.85 2.25
C THR A 443 -1.28 28.50 1.07
N ASP A 444 -1.67 27.71 0.07
CA ASP A 444 -2.26 28.16 -1.19
C ASP A 444 -1.61 29.44 -1.72
N THR A 445 -0.29 29.57 -1.56
CA THR A 445 0.49 30.59 -2.25
C THR A 445 1.10 29.98 -3.51
N LEU A 446 1.15 30.77 -4.57
CA LEU A 446 1.79 30.36 -5.81
C LEU A 446 3.31 30.51 -5.69
N VAL A 447 4.03 29.48 -6.16
CA VAL A 447 5.48 29.44 -5.95
C VAL A 447 6.16 30.56 -6.74
N SER A 448 7.36 30.92 -6.29
CA SER A 448 8.15 31.95 -6.95
C SER A 448 9.60 31.80 -6.55
N GLY A 449 10.48 32.44 -7.31
CA GLY A 449 11.91 32.41 -7.04
C GLY A 449 12.56 31.13 -7.55
N LYS A 450 13.88 31.13 -7.57
CA LYS A 450 14.58 29.97 -8.08
C LYS A 450 14.49 28.82 -7.07
N MET A 451 14.42 27.61 -7.61
CA MET A 451 14.10 26.41 -6.85
C MET A 451 14.97 25.27 -7.37
N ALA A 452 15.23 24.30 -6.50
CA ALA A 452 16.07 23.17 -6.87
C ALA A 452 15.56 21.93 -6.17
N LEU A 453 15.32 20.87 -6.93
CA LEU A 453 14.81 19.62 -6.39
C LEU A 453 15.58 18.45 -6.99
N ASN A 454 16.01 17.53 -6.13
CA ASN A 454 16.57 16.26 -6.60
C ASN A 454 15.45 15.39 -7.15
N LEU A 455 15.77 14.62 -8.18
CA LEU A 455 14.79 13.82 -8.89
C LEU A 455 14.82 12.37 -8.45
N TRP A 456 13.71 11.66 -8.73
CA TRP A 456 13.51 10.28 -8.34
C TRP A 456 13.90 9.32 -9.45
N PRO A 457 14.33 8.10 -9.13
CA PRO A 457 14.56 7.11 -10.20
C PRO A 457 13.26 6.75 -10.89
N VAL A 458 13.35 6.54 -12.20
CA VAL A 458 12.17 6.12 -12.96
C VAL A 458 11.76 4.72 -12.52
N PRO A 459 10.49 4.48 -12.19
CA PRO A 459 10.12 3.14 -11.73
C PRO A 459 10.30 2.10 -12.82
N HIS A 460 10.59 0.87 -12.39
CA HIS A 460 10.75 -0.23 -13.33
C HIS A 460 9.50 -0.41 -14.17
N GLY A 461 9.68 -0.57 -15.47
CA GLY A 461 8.57 -0.83 -16.37
C GLY A 461 7.88 0.41 -16.91
N LEU A 462 8.13 1.58 -16.34
CA LEU A 462 7.55 2.81 -16.86
C LEU A 462 8.40 3.33 -18.01
N GLU A 463 7.75 3.69 -19.12
CA GLU A 463 8.43 4.26 -20.27
C GLU A 463 7.85 5.61 -20.67
N ASP A 464 6.71 6.02 -20.12
CA ASP A 464 6.23 7.38 -20.31
C ASP A 464 7.31 8.36 -19.87
N LEU A 465 7.52 9.39 -20.68
CA LEU A 465 8.57 10.35 -20.37
C LEU A 465 8.34 11.04 -19.04
N LEU A 466 7.09 11.19 -18.63
CA LEU A 466 6.73 11.83 -17.38
C LEU A 466 6.01 10.84 -16.47
N ASN A 467 5.88 11.23 -15.20
CA ASN A 467 5.24 10.40 -14.19
C ASN A 467 4.34 11.28 -13.32
N PRO A 468 3.17 11.67 -13.85
CA PRO A 468 2.30 12.58 -13.08
C PRO A 468 1.65 11.94 -11.85
N ILE A 469 1.72 10.62 -11.68
CA ILE A 469 1.18 10.00 -10.48
C ILE A 469 2.18 9.97 -9.34
N GLY A 470 3.47 10.07 -9.62
CA GLY A 470 4.46 10.06 -8.56
C GLY A 470 4.24 11.18 -7.57
N VAL A 471 4.81 11.01 -6.37
CA VAL A 471 4.59 11.97 -5.31
C VAL A 471 5.32 13.28 -5.63
N THR A 472 4.74 14.39 -5.21
CA THR A 472 5.42 15.67 -5.26
C THR A 472 6.38 15.76 -4.08
N GLY A 473 7.60 16.21 -4.34
CA GLY A 473 8.60 16.38 -3.31
C GLY A 473 9.98 15.97 -3.82
N SER A 474 11.00 16.62 -3.28
CA SER A 474 12.37 16.37 -3.70
C SER A 474 12.89 15.06 -3.12
N ASN A 475 13.70 14.37 -3.90
CA ASN A 475 14.32 13.12 -3.46
C ASN A 475 15.34 13.41 -2.36
N PRO A 476 15.17 12.90 -1.15
CA PRO A 476 16.14 13.20 -0.09
C PRO A 476 17.49 12.53 -0.31
N ASN A 477 17.57 11.51 -1.14
CA ASN A 477 18.82 10.79 -1.33
C ASN A 477 19.85 11.70 -2.00
N LYS A 478 21.10 11.56 -1.58
CA LYS A 478 22.17 12.41 -2.05
C LYS A 478 22.81 11.84 -3.32
N GLU A 479 23.56 12.70 -4.01
CA GLU A 479 24.20 12.35 -5.27
C GLU A 479 23.19 11.81 -6.27
N THR A 480 21.95 12.28 -6.17
CA THR A 480 20.91 12.01 -7.15
C THR A 480 20.73 13.21 -8.07
N PRO A 481 20.23 13.00 -9.28
CA PRO A 481 20.10 14.12 -10.23
C PRO A 481 19.33 15.29 -9.65
N CYS A 482 19.99 16.44 -9.58
CA CYS A 482 19.43 17.65 -8.98
C CYS A 482 19.15 18.68 -10.07
N LEU A 483 17.89 19.04 -10.23
CA LEU A 483 17.44 19.98 -11.25
C LEU A 483 17.05 21.30 -10.59
N GLU A 484 17.39 22.41 -11.24
CA GLU A 484 17.06 23.73 -10.72
C GLU A 484 16.10 24.44 -11.67
N LEU A 485 15.16 25.16 -11.09
CA LEU A 485 14.15 25.89 -11.85
C LEU A 485 14.01 27.29 -11.27
N GLU A 486 13.26 28.13 -11.97
CA GLU A 486 12.83 29.41 -11.41
C GLU A 486 11.40 29.67 -11.83
N PHE A 487 10.58 30.03 -10.84
CA PHE A 487 9.21 30.48 -11.07
C PHE A 487 9.17 32.00 -10.95
N ASP A 488 8.42 32.63 -11.85
CA ASP A 488 8.37 34.09 -11.88
C ASP A 488 8.07 34.66 -10.50
N TRP A 489 8.90 35.59 -10.06
CA TRP A 489 8.57 36.40 -8.89
C TRP A 489 7.66 37.53 -9.35
N PHE A 490 6.35 37.35 -9.17
CA PHE A 490 5.43 38.45 -9.37
C PHE A 490 5.53 39.41 -8.20
N SER A 491 5.25 40.68 -8.46
CA SER A 491 5.76 41.78 -7.64
C SER A 491 5.49 41.63 -6.15
N SER A 492 4.62 40.71 -5.77
CA SER A 492 4.39 40.41 -4.36
C SER A 492 4.11 38.91 -4.22
N VAL A 493 3.91 38.46 -2.98
CA VAL A 493 3.41 37.11 -2.76
C VAL A 493 2.04 37.00 -3.38
N VAL A 494 1.76 35.85 -4.00
CA VAL A 494 0.49 35.61 -4.67
C VAL A 494 -0.20 34.44 -3.98
N LYS A 495 -1.48 34.61 -3.67
CA LYS A 495 -2.30 33.59 -3.05
C LYS A 495 -3.43 33.19 -3.98
N PHE A 496 -3.93 31.97 -3.79
CA PHE A 496 -5.15 31.56 -4.47
C PHE A 496 -6.33 32.33 -3.91
N PRO A 497 -7.31 32.68 -4.73
CA PRO A 497 -8.47 33.41 -4.21
C PRO A 497 -9.15 32.68 -3.07
N ASP A 498 -9.73 33.46 -2.15
CA ASP A 498 -10.59 32.90 -1.13
C ASP A 498 -11.93 32.54 -1.74
N MET A 499 -12.60 31.54 -1.14
CA MET A 499 -13.81 30.99 -1.74
C MET A 499 -14.84 32.07 -2.05
N SER A 500 -14.87 33.15 -1.27
CA SER A 500 -15.82 34.23 -1.50
C SER A 500 -15.83 34.66 -2.96
N VAL A 501 -14.68 35.14 -3.45
CA VAL A 501 -14.62 35.68 -4.81
C VAL A 501 -14.89 34.59 -5.85
N ILE A 502 -14.54 33.34 -5.54
CA ILE A 502 -14.75 32.27 -6.51
C ILE A 502 -16.24 32.10 -6.80
N GLU A 503 -17.07 32.12 -5.75
CA GLU A 503 -18.50 31.94 -5.95
C GLU A 503 -19.10 33.11 -6.71
N GLU A 504 -18.80 34.34 -6.30
CA GLU A 504 -19.33 35.50 -7.00
C GLU A 504 -18.83 35.56 -8.44
N HIS A 505 -17.70 34.90 -8.75
CA HIS A 505 -17.30 34.79 -10.14
C HIS A 505 -18.15 33.77 -10.89
N ALA A 506 -18.63 32.74 -10.21
CA ALA A 506 -19.62 31.86 -10.83
C ALA A 506 -20.90 32.63 -11.12
N ASN A 507 -21.31 33.50 -10.20
CA ASN A 507 -22.46 34.35 -10.45
C ASN A 507 -22.20 35.32 -11.61
N TRP A 508 -20.94 35.71 -11.80
CA TRP A 508 -20.58 36.52 -12.97
C TRP A 508 -20.75 35.71 -14.25
N SER A 509 -20.16 34.51 -14.30
CA SER A 509 -20.12 33.74 -15.53
C SER A 509 -21.42 33.00 -15.82
N VAL A 510 -22.25 32.73 -14.81
CA VAL A 510 -23.51 32.05 -15.08
C VAL A 510 -24.46 32.94 -15.86
N SER A 511 -24.35 34.25 -15.70
CA SER A 511 -25.10 35.20 -16.52
C SER A 511 -24.46 35.43 -17.88
N ARG A 512 -23.52 34.57 -18.29
CA ARG A 512 -22.84 34.71 -19.57
C ARG A 512 -22.60 33.33 -20.20
N LEU A 533 -37.38 21.34 -17.63
CA LEU A 533 -36.55 20.15 -17.55
C LEU A 533 -36.47 19.47 -18.91
N ARG A 534 -35.99 18.22 -18.93
CA ARG A 534 -35.81 17.48 -20.17
C ARG A 534 -36.11 16.00 -19.92
N GLU A 535 -36.34 15.25 -21.01
CA GLU A 535 -36.65 13.83 -20.91
C GLU A 535 -35.43 13.05 -21.38
N ASN A 536 -35.34 12.68 -22.66
CA ASN A 536 -34.24 11.85 -23.16
C ASN A 536 -32.92 12.31 -22.57
N ASP A 537 -32.70 13.62 -22.53
CA ASP A 537 -31.53 14.17 -21.85
C ASP A 537 -31.36 13.52 -20.48
N LYS A 538 -32.33 13.73 -19.58
CA LYS A 538 -32.23 13.15 -18.25
C LYS A 538 -32.11 11.64 -18.30
N GLU A 539 -32.76 11.00 -19.29
CA GLU A 539 -32.66 9.56 -19.43
C GLU A 539 -31.21 9.13 -19.65
N GLN A 540 -30.50 9.81 -20.55
CA GLN A 540 -29.11 9.47 -20.82
C GLN A 540 -28.20 9.96 -19.69
N LEU A 541 -28.52 11.10 -19.08
CA LEU A 541 -27.73 11.58 -17.95
C LEU A 541 -27.65 10.54 -16.85
N LYS A 542 -28.74 9.82 -16.62
CA LYS A 542 -28.73 8.71 -15.68
C LYS A 542 -28.23 7.43 -16.33
N ALA A 543 -28.38 7.31 -17.66
CA ALA A 543 -27.75 6.22 -18.39
C ALA A 543 -26.24 6.36 -18.41
N ILE A 544 -25.71 7.55 -18.13
CA ILE A 544 -24.29 7.72 -17.93
C ILE A 544 -23.87 7.22 -16.56
N SER A 545 -24.73 7.37 -15.56
CA SER A 545 -24.38 6.98 -14.19
C SER A 545 -24.11 5.49 -14.08
N THR A 546 -24.81 4.67 -14.88
CA THR A 546 -24.62 3.23 -14.79
C THR A 546 -23.20 2.84 -15.19
N ARG A 547 -22.62 3.54 -16.14
CA ARG A 547 -21.34 3.13 -16.71
C ARG A 547 -20.23 3.25 -15.67
N ASP A 548 -19.25 2.35 -15.78
CA ASP A 548 -18.22 2.20 -14.77
C ASP A 548 -17.27 3.40 -14.78
N PRO A 549 -16.40 3.49 -13.77
CA PRO A 549 -15.54 4.69 -13.66
C PRO A 549 -14.55 4.87 -14.80
N LEU A 550 -14.23 3.82 -15.56
CA LEU A 550 -13.24 3.91 -16.64
C LEU A 550 -13.86 3.95 -18.03
N SER A 551 -15.18 3.95 -18.12
CA SER A 551 -15.84 3.89 -19.43
C SER A 551 -15.46 5.09 -20.29
N GLU A 552 -15.43 4.86 -21.60
CA GLU A 552 -15.16 5.92 -22.56
C GLU A 552 -16.21 7.02 -22.46
N ILE A 553 -15.79 8.22 -22.09
CA ILE A 553 -16.68 9.36 -22.00
C ILE A 553 -16.32 10.35 -23.10
N THR A 554 -16.96 10.19 -24.26
CA THR A 554 -16.59 10.97 -25.44
C THR A 554 -16.95 12.44 -25.26
N GLU A 555 -16.29 13.29 -26.04
CA GLU A 555 -16.43 14.73 -25.88
C GLU A 555 -17.89 15.16 -25.83
N GLN A 556 -18.70 14.67 -26.76
CA GLN A 556 -20.10 15.06 -26.81
C GLN A 556 -20.80 14.81 -25.48
N GLU A 557 -20.34 13.81 -24.72
CA GLU A 557 -21.00 13.45 -23.47
C GLU A 557 -20.54 14.33 -22.31
N LYS A 558 -19.25 14.67 -22.27
CA LYS A 558 -18.75 15.43 -21.11
C LYS A 558 -19.25 16.87 -21.14
N ASP A 559 -19.29 17.50 -22.31
CA ASP A 559 -19.87 18.85 -22.38
C ASP A 559 -21.39 18.82 -22.42
N PHE A 560 -22.00 17.66 -22.67
CA PHE A 560 -23.44 17.51 -22.43
C PHE A 560 -23.74 17.49 -20.94
N LEU A 561 -22.89 16.82 -20.15
CA LEU A 561 -23.01 16.86 -18.70
C LEU A 561 -22.77 18.27 -18.18
N TRP A 562 -21.72 18.93 -18.67
CA TRP A 562 -21.43 20.29 -18.24
C TRP A 562 -22.62 21.22 -18.49
N SER A 563 -23.37 20.96 -19.58
CA SER A 563 -24.55 21.78 -19.86
C SER A 563 -25.64 21.53 -18.82
N HIS A 564 -26.05 20.27 -18.65
CA HIS A 564 -27.05 19.90 -17.66
C HIS A 564 -26.45 19.69 -16.27
N ARG A 565 -25.37 20.41 -15.96
CA ARG A 565 -24.69 20.23 -14.68
C ARG A 565 -25.61 20.52 -13.50
N HIS A 566 -26.62 21.38 -13.70
CA HIS A 566 -27.54 21.70 -12.61
C HIS A 566 -28.62 20.64 -12.45
N TYR A 567 -29.06 20.02 -13.55
CA TYR A 567 -29.98 18.89 -13.45
C TYR A 567 -29.29 17.63 -12.93
N CYS A 568 -27.97 17.66 -12.69
CA CYS A 568 -27.25 16.46 -12.28
C CYS A 568 -27.45 16.13 -10.81
N VAL A 569 -27.65 17.14 -9.96
CA VAL A 569 -27.81 16.90 -8.53
C VAL A 569 -29.04 16.07 -8.21
N THR A 570 -29.87 15.76 -9.21
CA THR A 570 -30.96 14.81 -9.03
C THR A 570 -30.49 13.36 -9.11
N ILE A 571 -29.36 13.11 -9.76
CA ILE A 571 -28.75 11.78 -9.82
C ILE A 571 -27.33 11.90 -9.28
N PRO A 572 -27.16 12.08 -7.96
CA PRO A 572 -25.83 12.40 -7.42
C PRO A 572 -24.76 11.35 -7.74
N GLU A 573 -25.14 10.16 -8.19
CA GLU A 573 -24.14 9.17 -8.58
C GLU A 573 -23.24 9.69 -9.70
N ILE A 574 -23.72 10.68 -10.47
CA ILE A 574 -23.00 11.15 -11.65
C ILE A 574 -21.84 12.06 -11.34
N LEU A 575 -21.69 12.49 -10.09
CA LEU A 575 -20.71 13.53 -9.76
C LEU A 575 -19.31 13.27 -10.31
N PRO A 576 -18.75 12.07 -10.17
CA PRO A 576 -17.39 11.87 -10.73
C PRO A 576 -17.31 12.14 -12.22
N LYS A 577 -18.31 11.69 -12.98
CA LYS A 577 -18.29 11.90 -14.43
C LYS A 577 -18.30 13.38 -14.76
N LEU A 578 -19.17 14.14 -14.10
CA LEU A 578 -19.27 15.58 -14.37
C LEU A 578 -17.97 16.31 -14.05
N LEU A 579 -17.19 15.80 -13.09
CA LEU A 579 -15.95 16.48 -12.73
C LEU A 579 -14.89 16.32 -13.79
N LEU A 580 -14.73 15.11 -14.33
CA LEU A 580 -13.83 14.91 -15.46
C LEU A 580 -14.23 15.75 -16.67
N SER A 581 -15.48 16.21 -16.70
CA SER A 581 -15.96 17.03 -17.81
C SER A 581 -15.59 18.50 -17.66
N VAL A 582 -15.31 18.95 -16.43
CA VAL A 582 -14.95 20.34 -16.22
C VAL A 582 -13.62 20.62 -16.92
N LYS A 583 -13.59 21.69 -17.71
CA LYS A 583 -12.33 22.15 -18.31
C LYS A 583 -11.58 22.90 -17.22
N TRP A 584 -10.70 22.19 -16.51
CA TRP A 584 -10.07 22.73 -15.33
C TRP A 584 -9.11 23.87 -15.64
N ASN A 585 -8.67 24.02 -16.89
CA ASN A 585 -7.85 25.16 -17.27
C ASN A 585 -8.68 26.41 -17.57
N SER A 586 -9.91 26.45 -17.07
CA SER A 586 -10.78 27.62 -17.17
C SER A 586 -11.26 27.95 -15.77
N ARG A 587 -10.84 29.11 -15.24
CA ARG A 587 -11.32 29.53 -13.93
C ARG A 587 -12.82 29.78 -13.93
N ASP A 588 -13.38 30.10 -15.10
CA ASP A 588 -14.83 30.27 -15.20
C ASP A 588 -15.55 28.97 -14.88
N GLU A 589 -15.11 27.86 -15.48
CA GLU A 589 -15.78 26.58 -15.26
C GLU A 589 -15.52 26.06 -13.85
N VAL A 590 -14.26 26.08 -13.42
CA VAL A 590 -13.92 25.55 -12.09
C VAL A 590 -14.72 26.28 -11.02
N ALA A 591 -14.78 27.61 -11.10
CA ALA A 591 -15.55 28.37 -10.12
C ALA A 591 -17.00 27.90 -10.10
N GLN A 592 -17.65 27.87 -11.26
CA GLN A 592 -19.03 27.39 -11.33
C GLN A 592 -19.15 25.97 -10.77
N MET A 593 -18.08 25.18 -10.85
CA MET A 593 -18.14 23.80 -10.37
C MET A 593 -18.06 23.74 -8.85
N TYR A 594 -17.23 24.58 -8.22
CA TYR A 594 -17.18 24.61 -6.76
C TYR A 594 -18.55 24.86 -6.15
N CYS A 595 -19.39 25.66 -6.82
CA CYS A 595 -20.72 25.93 -6.28
C CYS A 595 -21.57 24.68 -6.27
N LEU A 596 -21.50 23.88 -7.33
CA LEU A 596 -22.31 22.67 -7.40
C LEU A 596 -21.90 21.64 -6.36
N VAL A 597 -20.59 21.50 -6.12
CA VAL A 597 -20.14 20.50 -5.15
C VAL A 597 -20.41 20.98 -3.73
N LYS A 598 -20.37 22.29 -3.48
CA LYS A 598 -20.66 22.81 -2.15
C LYS A 598 -22.07 22.43 -1.71
N ASP A 599 -22.98 22.24 -2.66
CA ASP A 599 -24.35 21.82 -2.37
C ASP A 599 -24.65 20.43 -2.94
N TRP A 600 -23.64 19.55 -2.97
CA TRP A 600 -23.92 18.29 -3.64
C TRP A 600 -24.53 17.29 -2.65
N PRO A 601 -25.48 16.48 -3.09
CA PRO A 601 -26.05 15.45 -2.20
C PRO A 601 -25.01 14.41 -1.85
N PRO A 602 -24.94 13.99 -0.58
CA PRO A 602 -23.95 12.98 -0.18
C PRO A 602 -24.16 11.66 -0.91
N ILE A 603 -23.15 11.24 -1.67
CA ILE A 603 -23.12 9.89 -2.23
C ILE A 603 -22.54 8.94 -1.20
N LYS A 604 -22.74 7.63 -1.43
CA LYS A 604 -22.34 6.66 -0.42
C LYS A 604 -20.87 6.28 -0.57
N PRO A 605 -20.26 5.78 0.51
CA PRO A 605 -18.79 5.61 0.51
C PRO A 605 -18.23 4.84 -0.67
N GLU A 606 -18.87 3.74 -1.09
CA GLU A 606 -18.33 2.97 -2.20
C GLU A 606 -18.11 3.83 -3.44
N GLN A 607 -18.90 4.91 -3.57
CA GLN A 607 -18.72 5.86 -4.65
C GLN A 607 -17.81 7.02 -4.26
N ALA A 608 -17.90 7.46 -2.99
CA ALA A 608 -17.08 8.58 -2.54
C ALA A 608 -15.59 8.27 -2.58
N MET A 609 -15.21 6.99 -2.56
CA MET A 609 -13.80 6.65 -2.54
C MET A 609 -13.12 6.96 -3.87
N GLU A 610 -13.86 6.88 -4.98
CA GLU A 610 -13.27 7.22 -6.28
C GLU A 610 -12.71 8.65 -6.26
N LEU A 611 -13.45 9.57 -5.66
CA LEU A 611 -13.02 10.97 -5.61
C LEU A 611 -11.81 11.19 -4.72
N LEU A 612 -11.26 10.13 -4.12
CA LEU A 612 -9.97 10.22 -3.43
C LEU A 612 -8.83 9.61 -4.24
N ASP A 613 -9.12 8.99 -5.38
CA ASP A 613 -8.05 8.43 -6.21
C ASP A 613 -7.29 9.59 -6.86
N CYS A 614 -6.42 9.27 -7.81
CA CYS A 614 -5.49 10.26 -8.35
C CYS A 614 -6.13 11.21 -9.35
N ASN A 615 -7.30 10.89 -9.89
CA ASN A 615 -7.94 11.70 -10.91
C ASN A 615 -8.83 12.80 -10.35
N TYR A 616 -8.77 13.03 -9.04
CA TYR A 616 -9.59 14.06 -8.38
C TYR A 616 -8.76 14.73 -7.29
N PRO A 617 -7.83 15.61 -7.68
CA PRO A 617 -6.94 16.24 -6.71
C PRO A 617 -7.46 17.53 -6.09
N ASP A 618 -8.58 18.05 -6.57
CA ASP A 618 -9.05 19.36 -6.11
C ASP A 618 -9.45 19.29 -4.64
N PRO A 619 -8.96 20.19 -3.79
CA PRO A 619 -9.23 20.06 -2.35
C PRO A 619 -10.69 20.17 -1.98
N MET A 620 -11.50 20.87 -2.78
CA MET A 620 -12.94 20.91 -2.50
C MET A 620 -13.59 19.56 -2.78
N VAL A 621 -13.24 18.95 -3.92
CA VAL A 621 -13.79 17.64 -4.26
C VAL A 621 -13.43 16.62 -3.18
N ARG A 622 -12.13 16.53 -2.86
CA ARG A 622 -11.69 15.54 -1.88
C ARG A 622 -12.32 15.80 -0.51
N GLY A 623 -12.49 17.07 -0.15
CA GLY A 623 -13.18 17.37 1.10
C GLY A 623 -14.59 16.83 1.13
N PHE A 624 -15.33 17.00 0.02
CA PHE A 624 -16.66 16.42 -0.08
C PHE A 624 -16.61 14.91 0.03
N ALA A 625 -15.57 14.29 -0.52
CA ALA A 625 -15.44 12.84 -0.46
C ALA A 625 -15.20 12.38 0.98
N VAL A 626 -14.40 13.11 1.73
CA VAL A 626 -14.13 12.75 3.12
C VAL A 626 -15.39 12.88 3.95
N ARG A 627 -16.11 13.99 3.79
CA ARG A 627 -17.34 14.18 4.56
C ARG A 627 -18.32 13.04 4.32
N CYS A 628 -18.36 12.50 3.11
CA CYS A 628 -19.19 11.34 2.85
C CYS A 628 -18.76 10.16 3.71
N LEU A 629 -17.46 9.93 3.84
CA LEU A 629 -16.97 8.79 4.60
C LEU A 629 -17.25 8.96 6.09
N GLU A 630 -16.81 10.09 6.66
CA GLU A 630 -16.96 10.28 8.11
C GLU A 630 -18.42 10.40 8.54
N LYS A 631 -19.37 10.29 7.61
CA LYS A 631 -20.78 10.26 7.96
C LYS A 631 -21.52 9.06 7.39
N TYR A 632 -20.88 8.22 6.58
CA TYR A 632 -21.53 7.04 6.01
C TYR A 632 -20.65 5.80 5.97
N LEU A 633 -19.34 5.92 6.18
CA LEU A 633 -18.44 4.77 6.17
C LEU A 633 -18.36 4.22 7.58
N THR A 634 -18.87 3.01 7.78
CA THR A 634 -18.81 2.37 9.08
C THR A 634 -17.35 2.06 9.43
N ASP A 635 -17.09 1.95 10.74
CA ASP A 635 -15.78 1.49 11.18
C ASP A 635 -15.44 0.12 10.59
N ASP A 636 -16.47 -0.66 10.24
CA ASP A 636 -16.24 -1.95 9.60
C ASP A 636 -15.72 -1.77 8.18
N LYS A 637 -16.48 -1.05 7.34
CA LYS A 637 -16.05 -0.84 5.97
C LYS A 637 -14.77 -0.01 5.91
N LEU A 638 -14.57 0.89 6.88
CA LEU A 638 -13.30 1.58 7.00
C LEU A 638 -12.16 0.58 7.20
N SER A 639 -12.36 -0.37 8.12
CA SER A 639 -11.37 -1.43 8.31
C SER A 639 -11.20 -2.26 7.05
N GLN A 640 -12.30 -2.52 6.34
CA GLN A 640 -12.23 -3.33 5.13
C GLN A 640 -11.38 -2.65 4.06
N TYR A 641 -11.70 -1.41 3.74
CA TYR A 641 -11.01 -0.66 2.69
C TYR A 641 -9.81 0.12 3.20
N LEU A 642 -9.30 -0.22 4.39
CA LEU A 642 -8.24 0.57 4.99
C LEU A 642 -7.01 0.62 4.11
N ILE A 643 -6.70 -0.47 3.41
CA ILE A 643 -5.53 -0.49 2.53
C ILE A 643 -5.62 0.65 1.52
N GLN A 644 -6.75 0.73 0.81
CA GLN A 644 -6.91 1.76 -0.21
C GLN A 644 -6.91 3.16 0.41
N LEU A 645 -7.62 3.33 1.53
CA LEU A 645 -7.73 4.66 2.13
C LEU A 645 -6.37 5.15 2.62
N VAL A 646 -5.54 4.25 3.15
CA VAL A 646 -4.16 4.63 3.46
C VAL A 646 -3.40 4.94 2.17
N GLN A 647 -3.64 4.17 1.11
CA GLN A 647 -2.85 4.31 -0.11
C GLN A 647 -3.09 5.66 -0.77
N VAL A 648 -4.34 6.12 -0.79
CA VAL A 648 -4.66 7.39 -1.43
C VAL A 648 -4.11 8.59 -0.66
N LEU A 649 -3.64 8.40 0.56
CA LEU A 649 -2.91 9.46 1.24
C LEU A 649 -1.68 9.89 0.44
N LYS A 650 -1.16 9.01 -0.42
CA LYS A 650 -0.02 9.37 -1.24
C LYS A 650 -0.39 10.43 -2.28
N TYR A 651 -1.63 10.43 -2.75
CA TYR A 651 -2.06 11.41 -3.75
C TYR A 651 -2.33 12.78 -3.15
N GLU A 652 -2.58 12.86 -1.84
CA GLU A 652 -2.87 14.15 -1.23
C GLU A 652 -1.75 15.14 -1.51
N GLN A 653 -2.13 16.33 -1.99
CA GLN A 653 -1.14 17.31 -2.41
C GLN A 653 -0.29 17.79 -1.24
N TYR A 654 -0.84 17.77 -0.03
CA TYR A 654 -0.16 18.34 1.13
C TYR A 654 -0.29 17.38 2.30
N LEU A 655 0.57 17.59 3.30
CA LEU A 655 0.58 16.72 4.47
C LEU A 655 -0.73 16.83 5.25
N ASP A 656 -1.16 18.07 5.51
CA ASP A 656 -2.35 18.32 6.32
C ASP A 656 -3.55 18.46 5.37
N ASN A 657 -4.43 17.44 5.39
CA ASN A 657 -5.58 17.41 4.50
C ASN A 657 -6.78 16.84 5.24
N LEU A 658 -7.96 17.02 4.66
CA LEU A 658 -9.19 16.55 5.29
C LEU A 658 -9.22 15.03 5.40
N LEU A 659 -8.57 14.33 4.47
CA LEU A 659 -8.60 12.87 4.49
C LEU A 659 -7.79 12.32 5.65
N VAL A 660 -6.50 12.70 5.73
CA VAL A 660 -5.62 12.14 6.76
C VAL A 660 -6.21 12.39 8.14
N ARG A 661 -6.78 13.57 8.36
CA ARG A 661 -7.36 13.87 9.66
C ARG A 661 -8.56 12.99 9.96
N PHE A 662 -9.27 12.55 8.92
CA PHE A 662 -10.38 11.61 9.13
C PHE A 662 -9.86 10.22 9.48
N LEU A 663 -8.86 9.74 8.73
CA LEU A 663 -8.29 8.43 9.03
C LEU A 663 -7.61 8.42 10.40
N LEU A 664 -6.82 9.46 10.69
CA LEU A 664 -6.16 9.53 12.00
C LEU A 664 -7.18 9.66 13.12
N LYS A 665 -8.20 10.49 12.92
CA LYS A 665 -9.28 10.59 13.91
C LYS A 665 -9.87 9.23 14.21
N LYS A 666 -10.30 8.50 13.16
CA LYS A 666 -10.88 7.18 13.36
C LYS A 666 -9.85 6.20 13.92
N ALA A 667 -8.58 6.33 13.51
CA ALA A 667 -7.57 5.40 13.95
C ALA A 667 -7.32 5.48 15.46
N LEU A 668 -7.60 6.64 16.06
CA LEU A 668 -7.37 6.84 17.48
C LEU A 668 -8.63 6.62 18.32
N THR A 669 -9.79 6.46 17.69
CA THR A 669 -11.02 6.15 18.40
C THR A 669 -11.44 4.70 18.24
N ASN A 670 -10.66 3.89 17.52
CA ASN A 670 -11.01 2.49 17.26
C ASN A 670 -9.69 1.74 17.07
N GLN A 671 -9.24 1.06 18.14
CA GLN A 671 -7.92 0.46 18.14
C GLN A 671 -7.82 -0.76 17.23
N ARG A 672 -8.94 -1.23 16.66
CA ARG A 672 -8.87 -2.30 15.67
C ARG A 672 -8.33 -1.77 14.35
N ILE A 673 -8.95 -0.72 13.82
CA ILE A 673 -8.46 -0.10 12.60
C ILE A 673 -7.17 0.66 12.86
N GLY A 674 -7.01 1.21 14.06
CA GLY A 674 -5.75 1.85 14.40
C GLY A 674 -4.57 0.89 14.34
N HIS A 675 -4.81 -0.39 14.62
CA HIS A 675 -3.74 -1.38 14.54
C HIS A 675 -3.23 -1.51 13.11
N PHE A 676 -4.13 -1.79 12.16
CA PHE A 676 -3.72 -1.94 10.78
C PHE A 676 -3.39 -0.61 10.14
N PHE A 677 -4.02 0.47 10.60
CA PHE A 677 -3.58 1.81 10.22
C PHE A 677 -2.09 1.98 10.48
N PHE A 678 -1.64 1.54 11.66
CA PHE A 678 -0.21 1.59 11.98
C PHE A 678 0.59 0.70 11.05
N TRP A 679 0.23 -0.59 10.98
CA TRP A 679 1.06 -1.56 10.28
C TRP A 679 1.13 -1.28 8.79
N HIS A 680 0.02 -0.86 8.18
CA HIS A 680 0.05 -0.53 6.77
C HIS A 680 0.95 0.67 6.51
N LEU A 681 0.92 1.66 7.40
CA LEU A 681 1.86 2.77 7.30
C LEU A 681 3.29 2.30 7.56
N LYS A 682 3.50 1.59 8.67
CA LYS A 682 4.83 1.09 9.00
C LYS A 682 5.40 0.21 7.88
N SER A 683 4.53 -0.54 7.18
CA SER A 683 5.00 -1.46 6.16
C SER A 683 5.62 -0.77 4.95
N GLU A 684 5.46 0.55 4.82
CA GLU A 684 5.99 1.29 3.68
C GLU A 684 6.94 2.41 4.12
N MET A 685 7.46 2.34 5.35
CA MET A 685 8.42 3.33 5.81
C MET A 685 9.66 3.37 4.91
N HIS A 686 10.09 2.20 4.44
CA HIS A 686 11.33 2.10 3.67
C HIS A 686 11.30 2.94 2.39
N ASN A 687 10.11 3.21 1.85
CA ASN A 687 9.98 3.95 0.60
C ASN A 687 10.14 5.43 0.91
N LYS A 688 11.30 5.99 0.56
CA LYS A 688 11.62 7.35 0.96
C LYS A 688 10.67 8.39 0.37
N THR A 689 9.90 8.03 -0.67
CA THR A 689 8.93 8.98 -1.21
C THR A 689 7.86 9.31 -0.16
N VAL A 690 7.59 8.39 0.76
CA VAL A 690 6.49 8.55 1.70
C VAL A 690 6.97 8.40 3.14
N SER A 691 8.23 8.01 3.32
CA SER A 691 8.76 7.82 4.67
C SER A 691 8.52 9.05 5.54
N GLN A 692 8.56 10.25 4.95
CA GLN A 692 8.28 11.46 5.71
C GLN A 692 6.79 11.58 6.03
N ARG A 693 5.96 11.62 4.98
CA ARG A 693 4.52 11.76 5.19
C ARG A 693 4.01 10.72 6.18
N PHE A 694 4.32 9.44 5.91
CA PHE A 694 3.87 8.38 6.81
C PHE A 694 4.55 8.47 8.17
N GLY A 695 5.81 8.87 8.20
CA GLY A 695 6.52 8.95 9.47
C GLY A 695 5.91 9.98 10.40
N LEU A 696 5.66 11.18 9.87
CA LEU A 696 4.95 12.19 10.65
C LEU A 696 3.57 11.72 11.05
N LEU A 697 2.92 10.91 10.22
CA LEU A 697 1.60 10.40 10.55
C LEU A 697 1.68 9.33 11.63
N LEU A 698 2.69 8.47 11.57
CA LEU A 698 2.85 7.45 12.59
C LEU A 698 3.26 8.08 13.93
N GLU A 699 4.18 9.04 13.89
CA GLU A 699 4.56 9.75 15.11
C GLU A 699 3.33 10.19 15.89
N SER A 700 2.37 10.81 15.20
CA SER A 700 1.17 11.28 15.87
C SER A 700 0.36 10.11 16.44
N TYR A 701 0.15 9.07 15.63
CA TYR A 701 -0.63 7.94 16.11
C TYR A 701 0.01 7.32 17.36
N CYS A 702 1.33 7.11 17.31
CA CYS A 702 2.01 6.49 18.45
C CYS A 702 2.00 7.40 19.67
N ARG A 703 2.04 8.72 19.46
CA ARG A 703 2.03 9.66 20.57
C ARG A 703 0.66 9.77 21.24
N ALA A 704 -0.37 9.16 20.66
CA ALA A 704 -1.71 9.26 21.21
C ALA A 704 -2.50 7.96 21.22
N CYS A 705 -1.93 6.85 20.72
CA CYS A 705 -2.64 5.58 20.78
C CYS A 705 -2.68 5.00 22.19
N GLY A 706 -2.10 5.68 23.17
CA GLY A 706 -2.24 5.27 24.55
C GLY A 706 -1.33 4.11 24.91
N MET A 707 -1.81 3.27 25.84
CA MET A 707 -1.04 2.12 26.30
C MET A 707 -0.85 1.06 25.23
N TYR A 708 -1.46 1.21 24.05
CA TYR A 708 -1.29 0.20 23.01
C TYR A 708 0.08 0.28 22.36
N LEU A 709 0.71 1.46 22.36
CA LEU A 709 2.05 1.59 21.83
C LEU A 709 2.98 0.54 22.44
N LYS A 710 2.83 0.28 23.74
CA LYS A 710 3.64 -0.74 24.40
C LYS A 710 3.45 -2.10 23.73
N HIS A 711 2.20 -2.46 23.44
CA HIS A 711 1.93 -3.74 22.78
C HIS A 711 2.51 -3.77 21.37
N LEU A 712 2.33 -2.70 20.61
CA LEU A 712 2.87 -2.64 19.26
C LEU A 712 4.38 -2.81 19.27
N ASN A 713 5.06 -2.16 20.22
CA ASN A 713 6.51 -2.28 20.28
C ASN A 713 6.94 -3.72 20.54
N ARG A 714 6.18 -4.46 21.35
CA ARG A 714 6.49 -5.87 21.53
C ARG A 714 6.28 -6.66 20.24
N GLN A 715 5.30 -6.27 19.43
CA GLN A 715 5.17 -6.87 18.10
C GLN A 715 6.38 -6.54 17.24
N VAL A 716 6.77 -5.26 17.22
CA VAL A 716 7.87 -4.84 16.36
C VAL A 716 9.16 -5.56 16.75
N GLU A 717 9.50 -5.54 18.04
CA GLU A 717 10.72 -6.24 18.47
C GLU A 717 10.64 -7.73 18.18
N ALA A 718 9.44 -8.32 18.27
CA ALA A 718 9.29 -9.72 17.91
C ALA A 718 9.55 -9.92 16.42
N MET A 719 9.03 -9.04 15.57
CA MET A 719 9.32 -9.13 14.15
C MET A 719 10.80 -8.87 13.87
N GLU A 720 11.39 -7.89 14.58
CA GLU A 720 12.81 -7.60 14.38
C GLU A 720 13.66 -8.83 14.64
N LYS A 721 13.38 -9.55 15.73
CA LYS A 721 14.14 -10.77 16.00
C LYS A 721 13.93 -11.80 14.90
N LEU A 722 12.70 -11.90 14.38
CA LEU A 722 12.43 -12.86 13.32
C LEU A 722 13.13 -12.46 12.02
N ILE A 723 13.10 -11.17 11.68
CA ILE A 723 13.73 -10.74 10.43
C ILE A 723 15.24 -10.85 10.52
N ASN A 724 15.81 -10.63 11.70
CA ASN A 724 17.25 -10.76 11.87
C ASN A 724 17.71 -12.21 11.88
N LEU A 725 16.83 -13.16 12.19
CA LEU A 725 17.20 -14.57 12.10
C LEU A 725 17.04 -15.09 10.69
N THR A 726 16.00 -14.66 9.98
CA THR A 726 15.84 -15.04 8.58
C THR A 726 16.89 -14.37 7.70
N ASP A 727 17.27 -13.13 8.02
CA ASP A 727 18.37 -12.50 7.30
C ASP A 727 19.66 -13.29 7.50
N ILE A 728 19.89 -13.80 8.71
CA ILE A 728 21.07 -14.62 8.97
C ILE A 728 20.99 -15.92 8.20
N LEU A 729 19.81 -16.54 8.16
CA LEU A 729 19.65 -17.80 7.45
C LEU A 729 19.79 -17.62 5.94
N LYS A 730 19.41 -16.45 5.43
CA LYS A 730 19.45 -16.20 4.00
C LYS A 730 20.77 -15.62 3.52
N GLN A 731 21.52 -14.94 4.39
CA GLN A 731 22.76 -14.28 4.00
C GLN A 731 24.02 -15.02 4.46
N GLU A 732 24.04 -15.52 5.70
CA GLU A 732 25.23 -16.20 6.23
C GLU A 732 25.18 -17.69 5.88
N LYS A 733 24.27 -18.43 6.49
CA LYS A 733 24.18 -19.88 6.32
C LYS A 733 23.23 -20.29 5.22
N LYS A 734 23.18 -19.52 4.12
CA LYS A 734 22.44 -19.95 2.94
C LYS A 734 23.07 -21.20 2.34
N ASP A 735 24.40 -21.30 2.40
CA ASP A 735 25.11 -22.44 1.84
C ASP A 735 25.03 -23.68 2.72
N GLU A 736 24.77 -23.52 4.02
CA GLU A 736 24.68 -24.65 4.91
C GLU A 736 23.49 -25.54 4.53
N THR A 737 23.55 -26.79 4.97
CA THR A 737 22.50 -27.75 4.65
C THR A 737 21.19 -27.33 5.33
N GLN A 738 20.13 -28.08 5.05
CA GLN A 738 18.83 -27.76 5.62
C GLN A 738 18.65 -28.33 7.03
N LYS A 739 19.52 -29.23 7.47
CA LYS A 739 19.52 -29.67 8.85
C LYS A 739 20.47 -28.85 9.71
N VAL A 740 21.53 -28.30 9.11
CA VAL A 740 22.38 -27.35 9.83
C VAL A 740 21.58 -26.10 10.18
N GLN A 741 20.84 -25.57 9.19
CA GLN A 741 19.97 -24.43 9.45
C GLN A 741 18.97 -24.75 10.56
N MET A 742 18.42 -25.96 10.54
CA MET A 742 17.42 -26.34 11.54
C MET A 742 18.00 -26.28 12.95
N LYS A 743 19.29 -26.56 13.11
CA LYS A 743 19.88 -26.58 14.44
C LYS A 743 20.23 -25.18 14.93
N PHE A 744 20.72 -24.31 14.04
CA PHE A 744 20.87 -22.90 14.42
C PHE A 744 19.53 -22.31 14.81
N LEU A 745 18.49 -22.60 14.03
CA LEU A 745 17.15 -22.12 14.33
C LEU A 745 16.74 -22.51 15.76
N VAL A 746 16.67 -23.81 16.04
CA VAL A 746 16.13 -24.25 17.31
C VAL A 746 17.01 -23.78 18.47
N GLU A 747 18.33 -23.75 18.26
CA GLU A 747 19.22 -23.28 19.32
C GLU A 747 19.09 -21.78 19.52
N GLN A 748 19.02 -21.02 18.43
CA GLN A 748 18.79 -19.58 18.56
C GLN A 748 17.46 -19.31 19.25
N MET A 749 16.41 -20.03 18.85
CA MET A 749 15.12 -19.92 19.51
C MET A 749 15.14 -20.50 20.92
N ARG A 750 16.18 -21.25 21.28
CA ARG A 750 16.36 -21.69 22.65
C ARG A 750 16.83 -20.55 23.55
N ARG A 751 17.47 -19.53 22.97
CA ARG A 751 18.06 -18.48 23.78
C ARG A 751 16.98 -17.75 24.58
N PRO A 752 17.26 -17.39 25.84
CA PRO A 752 16.19 -16.78 26.65
C PRO A 752 15.78 -15.41 26.14
N ASP A 753 16.75 -14.58 25.73
CA ASP A 753 16.43 -13.25 25.24
C ASP A 753 15.53 -13.31 24.01
N PHE A 754 15.60 -14.41 23.26
CA PHE A 754 14.73 -14.56 22.09
C PHE A 754 13.32 -14.95 22.52
N MET A 755 13.19 -16.01 23.33
CA MET A 755 11.87 -16.49 23.71
C MET A 755 11.11 -15.44 24.52
N ASP A 756 11.81 -14.73 25.42
CA ASP A 756 11.16 -13.65 26.14
C ASP A 756 10.64 -12.56 25.22
N ALA A 757 11.17 -12.48 24.00
CA ALA A 757 10.70 -11.51 23.01
C ALA A 757 9.67 -12.08 22.06
N LEU A 758 9.75 -13.38 21.75
CA LEU A 758 8.84 -14.02 20.82
C LEU A 758 7.69 -14.76 21.48
N GLN A 759 7.64 -14.77 22.81
CA GLN A 759 6.52 -15.34 23.55
C GLN A 759 5.76 -14.22 24.26
N GLY A 760 4.44 -14.31 24.25
CA GLY A 760 3.61 -13.37 24.96
C GLY A 760 3.47 -12.03 24.26
N PHE A 761 2.75 -12.02 23.14
CA PHE A 761 2.47 -10.77 22.44
C PHE A 761 1.32 -11.02 21.47
N LEU A 762 0.85 -9.94 20.85
CA LEU A 762 -0.37 -9.98 20.04
C LEU A 762 -0.04 -10.21 18.57
N SER A 763 -0.82 -11.10 17.96
CA SER A 763 -0.64 -11.47 16.55
C SER A 763 -0.96 -10.29 15.63
N PRO A 764 0.02 -9.73 14.92
CA PRO A 764 -0.31 -8.62 14.00
C PRO A 764 -1.34 -8.98 12.94
N LEU A 765 -1.56 -10.27 12.66
CA LEU A 765 -2.61 -10.65 11.73
C LEU A 765 -4.00 -10.36 12.31
N ASN A 766 -4.11 -10.34 13.63
CA ASN A 766 -5.37 -10.09 14.32
C ASN A 766 -5.05 -9.90 15.79
N PRO A 767 -4.95 -8.66 16.29
CA PRO A 767 -4.54 -8.45 17.68
C PRO A 767 -5.43 -9.16 18.69
N ALA A 768 -6.59 -9.65 18.28
CA ALA A 768 -7.46 -10.40 19.19
C ALA A 768 -6.86 -11.76 19.55
N HIS A 769 -5.95 -12.28 18.74
CA HIS A 769 -5.29 -13.55 19.01
C HIS A 769 -4.03 -13.27 19.83
N GLN A 770 -4.02 -13.72 21.07
CA GLN A 770 -2.81 -13.69 21.87
C GLN A 770 -1.92 -14.86 21.49
N LEU A 771 -0.60 -14.62 21.44
CA LEU A 771 0.38 -15.64 21.10
C LEU A 771 1.23 -15.89 22.33
N GLY A 772 1.05 -17.05 22.96
CA GLY A 772 1.71 -17.36 24.21
C GLY A 772 3.06 -18.02 24.04
N ASN A 773 3.22 -19.21 24.61
CA ASN A 773 4.47 -19.93 24.49
C ASN A 773 4.66 -20.48 23.09
N LEU A 774 5.91 -20.54 22.66
CA LEU A 774 6.25 -21.18 21.40
C LEU A 774 6.21 -22.69 21.56
N ARG A 775 5.83 -23.37 20.48
CA ARG A 775 5.99 -24.81 20.37
C ARG A 775 7.15 -25.07 19.42
N LEU A 776 8.36 -24.84 19.92
CA LEU A 776 9.56 -25.16 19.16
C LEU A 776 9.46 -26.56 18.57
N GLU A 777 8.75 -27.45 19.25
CA GLU A 777 8.42 -28.76 18.71
C GLU A 777 7.90 -28.67 17.29
N GLU A 778 7.12 -27.63 16.99
CA GLU A 778 6.42 -27.52 15.71
C GLU A 778 7.05 -26.49 14.77
N CYS A 779 7.84 -25.56 15.28
CA CYS A 779 8.48 -24.57 14.44
C CYS A 779 9.44 -25.24 13.47
N ARG A 780 9.65 -24.59 12.32
CA ARG A 780 10.51 -25.14 11.28
C ARG A 780 10.81 -24.08 10.24
N ILE A 781 11.91 -24.27 9.52
CA ILE A 781 12.12 -23.59 8.24
C ILE A 781 11.35 -24.40 7.20
N MET A 782 11.14 -23.81 6.03
CA MET A 782 10.26 -24.39 5.02
C MET A 782 11.01 -24.54 3.70
N SER A 783 10.40 -25.31 2.79
CA SER A 783 11.09 -25.77 1.60
C SER A 783 11.35 -24.67 0.58
N SER A 784 10.68 -23.53 0.69
CA SER A 784 10.91 -22.46 -0.27
C SER A 784 12.34 -21.96 -0.17
N ALA A 785 12.80 -21.32 -1.25
CA ALA A 785 14.18 -20.83 -1.29
C ALA A 785 14.40 -19.73 -0.24
N LYS A 786 13.44 -18.82 -0.11
CA LYS A 786 13.50 -17.82 0.94
C LYS A 786 13.28 -18.42 2.32
N ARG A 787 12.99 -19.73 2.40
CA ARG A 787 12.88 -20.48 3.65
C ARG A 787 12.08 -19.69 4.68
N PRO A 788 10.77 -19.52 4.47
CA PRO A 788 9.94 -18.89 5.50
C PRO A 788 9.84 -19.76 6.74
N LEU A 789 9.50 -19.13 7.85
CA LEU A 789 9.40 -19.81 9.13
C LEU A 789 7.95 -20.17 9.43
N TRP A 790 7.72 -21.44 9.73
CA TRP A 790 6.45 -21.93 10.24
C TRP A 790 6.47 -21.81 11.75
N LEU A 791 5.73 -20.85 12.29
CA LEU A 791 5.78 -20.52 13.71
C LEU A 791 4.45 -20.89 14.37
N ASN A 792 4.53 -21.53 15.54
CA ASN A 792 3.38 -22.16 16.18
C ASN A 792 3.42 -21.84 17.67
N TRP A 793 2.38 -21.15 18.15
CA TRP A 793 2.27 -20.78 19.55
C TRP A 793 1.09 -21.50 20.19
N GLU A 794 1.18 -21.72 21.49
CA GLU A 794 0.02 -22.08 22.28
C GLU A 794 -0.91 -20.87 22.41
N ASN A 795 -2.21 -21.14 22.47
CA ASN A 795 -3.18 -20.08 22.71
C ASN A 795 -3.46 -19.98 24.21
N PRO A 796 -3.11 -18.87 24.87
CA PRO A 796 -3.18 -18.83 26.34
C PRO A 796 -4.55 -18.54 26.92
N ASP A 797 -5.60 -18.46 26.09
CA ASP A 797 -6.92 -18.16 26.62
C ASP A 797 -7.32 -19.18 27.68
N ILE A 798 -7.92 -18.69 28.77
CA ILE A 798 -8.40 -19.57 29.83
C ILE A 798 -9.26 -20.68 29.24
N MET A 799 -9.95 -20.39 28.15
CA MET A 799 -10.82 -21.32 27.46
C MET A 799 -10.36 -21.52 26.02
N SER A 800 -9.03 -21.57 25.84
CA SER A 800 -8.47 -21.73 24.50
C SER A 800 -9.01 -22.96 23.80
N GLU A 801 -9.32 -24.02 24.55
CA GLU A 801 -9.78 -25.27 23.95
C GLU A 801 -11.08 -25.09 23.18
N LEU A 802 -11.80 -23.99 23.40
CA LEU A 802 -13.08 -23.76 22.74
C LEU A 802 -12.93 -23.00 21.42
N LEU A 803 -11.70 -22.77 20.95
CA LEU A 803 -11.50 -22.08 19.69
C LEU A 803 -10.37 -22.74 18.89
N PHE A 804 -9.12 -22.47 19.24
CA PHE A 804 -8.00 -23.26 18.74
C PHE A 804 -6.90 -23.25 19.79
N GLN A 805 -6.42 -24.45 20.14
CA GLN A 805 -5.53 -24.60 21.29
C GLN A 805 -4.12 -24.15 20.99
N ASN A 806 -3.67 -24.21 19.74
CA ASN A 806 -2.44 -23.56 19.33
C ASN A 806 -2.61 -22.96 17.95
N ASN A 807 -2.01 -21.78 17.77
CA ASN A 807 -2.20 -20.95 16.59
C ASN A 807 -0.87 -20.84 15.86
N GLU A 808 -0.88 -21.09 14.54
CA GLU A 808 0.36 -21.11 13.78
C GLU A 808 0.24 -20.22 12.55
N ILE A 809 1.36 -19.57 12.23
CA ILE A 809 1.45 -18.52 11.23
C ILE A 809 2.77 -18.70 10.50
N ILE A 810 2.81 -18.30 9.23
CA ILE A 810 4.03 -18.37 8.43
C ILE A 810 4.65 -16.98 8.35
N PHE A 811 5.94 -16.90 8.66
CA PHE A 811 6.71 -15.66 8.55
C PHE A 811 7.66 -15.80 7.37
N LYS A 812 7.47 -14.96 6.35
CA LYS A 812 8.25 -15.03 5.12
C LYS A 812 8.98 -13.72 4.90
N ASN A 813 10.31 -13.78 4.89
CA ASN A 813 11.16 -12.63 4.59
C ASN A 813 11.77 -12.83 3.21
N GLY A 814 11.53 -11.87 2.31
CA GLY A 814 12.07 -11.93 0.96
C GLY A 814 11.01 -12.01 -0.13
N ASP A 815 9.73 -12.08 0.19
CA ASP A 815 8.67 -12.12 -0.80
C ASP A 815 7.75 -10.93 -0.63
N ASP A 816 7.44 -10.25 -1.73
CA ASP A 816 6.48 -9.15 -1.71
C ASP A 816 5.08 -9.72 -1.49
N LEU A 817 4.50 -9.45 -0.31
CA LEU A 817 3.22 -10.03 0.05
C LEU A 817 2.02 -9.16 -0.31
N ARG A 818 2.24 -7.88 -0.61
CA ARG A 818 1.09 -6.98 -0.73
C ARG A 818 0.22 -7.28 -1.93
N GLN A 819 0.67 -8.11 -2.88
CA GLN A 819 -0.26 -8.65 -3.85
C GLN A 819 -1.19 -9.68 -3.21
N ASP A 820 -0.66 -10.50 -2.31
CA ASP A 820 -1.51 -11.43 -1.57
C ASP A 820 -2.52 -10.68 -0.72
N MET A 821 -2.06 -9.65 -0.01
CA MET A 821 -2.97 -8.81 0.77
C MET A 821 -4.12 -8.30 -0.09
N LEU A 822 -3.80 -7.61 -1.19
CA LEU A 822 -4.83 -7.03 -2.03
C LEU A 822 -5.72 -8.10 -2.65
N THR A 823 -5.11 -9.21 -3.08
CA THR A 823 -5.91 -10.30 -3.65
C THR A 823 -6.82 -10.92 -2.59
N LEU A 824 -6.26 -11.22 -1.41
CA LEU A 824 -7.08 -11.81 -0.34
C LEU A 824 -8.14 -10.83 0.13
N GLN A 825 -7.79 -9.55 0.27
CA GLN A 825 -8.79 -8.54 0.59
C GLN A 825 -9.91 -8.55 -0.45
N ILE A 826 -9.54 -8.47 -1.73
CA ILE A 826 -10.53 -8.43 -2.80
C ILE A 826 -11.39 -9.69 -2.76
N ILE A 827 -10.79 -10.84 -2.45
CA ILE A 827 -11.57 -12.06 -2.30
C ILE A 827 -12.58 -11.92 -1.17
N ARG A 828 -12.19 -11.22 -0.11
CA ARG A 828 -13.10 -11.01 1.01
C ARG A 828 -14.27 -10.12 0.62
N ILE A 829 -14.02 -9.13 -0.24
CA ILE A 829 -15.11 -8.30 -0.75
C ILE A 829 -16.10 -9.14 -1.55
N MET A 830 -15.57 -9.99 -2.44
CA MET A 830 -16.44 -10.77 -3.32
C MET A 830 -17.25 -11.80 -2.54
N GLU A 831 -16.66 -12.38 -1.50
CA GLU A 831 -17.42 -13.25 -0.61
C GLU A 831 -18.50 -12.46 0.12
N ASN A 832 -18.19 -11.22 0.49
CA ASN A 832 -19.17 -10.39 1.19
C ASN A 832 -20.34 -10.01 0.28
N ILE A 833 -20.05 -9.72 -0.99
CA ILE A 833 -21.13 -9.38 -1.92
C ILE A 833 -22.03 -10.59 -2.15
N TRP A 834 -21.43 -11.75 -2.42
CA TRP A 834 -22.22 -12.94 -2.72
C TRP A 834 -23.12 -13.32 -1.54
N GLN A 835 -22.57 -13.30 -0.33
CA GLN A 835 -23.37 -13.67 0.84
C GLN A 835 -24.60 -12.78 0.98
N ASN A 836 -24.44 -11.47 0.72
CA ASN A 836 -25.56 -10.55 0.92
C ASN A 836 -26.60 -10.70 -0.17
N GLN A 837 -26.21 -11.12 -1.38
CA GLN A 837 -27.18 -11.50 -2.40
C GLN A 837 -27.81 -12.86 -2.12
N GLY A 838 -27.29 -13.61 -1.15
CA GLY A 838 -27.79 -14.94 -0.83
C GLY A 838 -26.95 -16.07 -1.36
N LEU A 839 -25.88 -15.78 -2.11
CA LEU A 839 -25.00 -16.82 -2.63
C LEU A 839 -24.05 -17.26 -1.52
N ASP A 840 -24.26 -18.48 -1.01
CA ASP A 840 -23.44 -19.00 0.07
C ASP A 840 -22.18 -19.67 -0.49
N LEU A 841 -21.43 -18.89 -1.27
CA LEU A 841 -20.16 -19.35 -1.83
C LEU A 841 -19.06 -19.02 -0.82
N ARG A 842 -18.45 -20.06 -0.26
CA ARG A 842 -17.50 -19.91 0.84
C ARG A 842 -16.09 -19.77 0.28
N MET A 843 -15.50 -18.59 0.44
CA MET A 843 -14.11 -18.33 0.09
C MET A 843 -13.26 -18.48 1.35
N LEU A 844 -11.95 -18.39 1.17
CA LEU A 844 -11.00 -18.48 2.28
C LEU A 844 -9.95 -17.38 2.13
N PRO A 845 -10.34 -16.14 2.42
CA PRO A 845 -9.39 -15.00 2.42
C PRO A 845 -8.53 -15.00 3.68
N TYR A 846 -7.62 -15.97 3.77
CA TYR A 846 -6.82 -16.15 4.97
C TYR A 846 -6.02 -14.89 5.29
N GLY A 847 -5.68 -14.73 6.56
CA GLY A 847 -4.97 -13.57 7.02
C GLY A 847 -3.61 -13.40 6.39
N CYS A 848 -3.37 -12.25 5.76
CA CYS A 848 -2.08 -11.90 5.20
C CYS A 848 -1.79 -10.44 5.50
N LEU A 849 -0.56 -10.16 5.90
CA LEU A 849 -0.18 -8.79 6.26
C LEU A 849 1.28 -8.57 5.91
N SER A 850 1.55 -7.48 5.20
CA SER A 850 2.91 -7.03 4.96
C SER A 850 3.32 -6.07 6.07
N ILE A 851 4.49 -6.32 6.66
CA ILE A 851 5.02 -5.46 7.72
C ILE A 851 6.23 -4.66 7.25
N GLY A 852 6.62 -4.78 5.99
CA GLY A 852 7.78 -4.07 5.51
C GLY A 852 8.11 -4.46 4.08
N ASP A 853 9.34 -4.19 3.68
CA ASP A 853 9.81 -4.49 2.34
C ASP A 853 10.01 -6.00 2.19
N CYS A 854 9.11 -6.65 1.46
CA CYS A 854 9.17 -8.09 1.21
C CYS A 854 9.34 -8.86 2.52
N VAL A 855 8.34 -8.70 3.40
CA VAL A 855 8.31 -9.42 4.66
C VAL A 855 6.92 -9.26 5.27
N GLY A 856 6.39 -10.34 5.84
CA GLY A 856 5.08 -10.26 6.45
C GLY A 856 4.64 -11.61 6.97
N LEU A 857 3.35 -11.69 7.28
CA LEU A 857 2.77 -12.84 7.94
C LEU A 857 1.62 -13.41 7.11
N ILE A 858 1.48 -14.73 7.17
CA ILE A 858 0.44 -15.45 6.45
C ILE A 858 -0.19 -16.45 7.40
N GLU A 859 -1.52 -16.44 7.48
CA GLU A 859 -2.22 -17.35 8.37
C GLU A 859 -2.18 -18.77 7.81
N VAL A 860 -1.85 -19.73 8.66
CA VAL A 860 -1.90 -21.14 8.28
C VAL A 860 -3.35 -21.61 8.38
N VAL A 861 -3.79 -22.34 7.37
CA VAL A 861 -5.10 -22.98 7.40
C VAL A 861 -4.91 -24.40 7.93
N ARG A 862 -5.49 -24.67 9.10
CA ARG A 862 -5.34 -25.98 9.71
C ARG A 862 -6.13 -27.03 8.94
N ASN A 863 -5.64 -28.27 8.99
CA ASN A 863 -6.29 -29.41 8.37
C ASN A 863 -6.59 -29.13 6.90
N SER A 864 -5.55 -28.74 6.17
CA SER A 864 -5.69 -28.44 4.75
C SER A 864 -4.50 -29.00 3.99
N HIS A 865 -4.74 -29.36 2.72
CA HIS A 865 -3.72 -29.91 1.86
C HIS A 865 -3.89 -29.32 0.47
N THR A 866 -2.81 -29.39 -0.32
CA THR A 866 -2.86 -28.99 -1.71
C THR A 866 -3.46 -30.10 -2.57
N ILE A 867 -3.87 -29.75 -3.79
CA ILE A 867 -4.38 -30.76 -4.71
C ILE A 867 -3.24 -31.65 -5.18
N MET A 868 -2.03 -31.08 -5.35
CA MET A 868 -0.88 -31.91 -5.68
C MET A 868 -0.57 -32.88 -4.55
N GLN A 869 -0.68 -32.42 -3.30
CA GLN A 869 -0.49 -33.32 -2.17
C GLN A 869 -1.53 -34.42 -2.15
N ILE A 870 -2.75 -34.15 -2.64
CA ILE A 870 -3.83 -35.12 -2.54
C ILE A 870 -3.76 -36.13 -3.68
N GLN A 871 -3.37 -35.68 -4.87
CA GLN A 871 -3.05 -36.63 -5.93
C GLN A 871 -1.97 -37.61 -5.45
N CYS A 872 -1.03 -37.11 -4.64
CA CYS A 872 0.04 -37.93 -4.11
C CYS A 872 -0.42 -38.86 -2.99
N LYS A 873 -1.60 -38.64 -2.42
CA LYS A 873 -2.23 -39.62 -1.55
C LYS A 873 -3.08 -40.63 -2.31
N GLY A 874 -3.09 -40.55 -3.65
CA GLY A 874 -3.76 -41.50 -4.49
C GLY A 874 -2.79 -42.40 -5.23
N GLY A 875 -3.26 -42.94 -6.35
CA GLY A 875 -2.47 -43.85 -7.14
C GLY A 875 -2.53 -43.50 -8.61
N LEU A 876 -1.58 -44.08 -9.35
CA LEU A 876 -1.47 -43.86 -10.79
C LEU A 876 -2.46 -44.75 -11.52
N LYS A 877 -3.38 -44.14 -12.27
CA LYS A 877 -4.37 -44.89 -13.04
C LYS A 877 -3.89 -45.09 -14.47
N GLY A 878 -3.85 -44.02 -15.25
CA GLY A 878 -3.36 -44.10 -16.61
C GLY A 878 -1.87 -44.36 -16.65
N ALA A 879 -1.32 -44.23 -17.86
CA ALA A 879 0.11 -44.43 -18.10
C ALA A 879 0.87 -43.25 -17.54
N LEU A 880 1.50 -43.42 -16.38
CA LEU A 880 2.12 -42.32 -15.65
C LEU A 880 1.16 -41.14 -15.57
N GLN A 881 -0.05 -41.43 -15.08
CA GLN A 881 -1.13 -40.46 -15.00
C GLN A 881 -1.85 -40.65 -13.68
N PHE A 882 -1.86 -39.61 -12.85
CA PHE A 882 -2.56 -39.69 -11.57
C PHE A 882 -4.02 -40.03 -11.78
N ASN A 883 -4.61 -40.66 -10.76
CA ASN A 883 -6.02 -41.03 -10.82
C ASN A 883 -6.88 -39.79 -10.61
N SER A 884 -7.80 -39.54 -11.54
CA SER A 884 -8.62 -38.33 -11.48
C SER A 884 -9.58 -38.37 -10.30
N HIS A 885 -10.13 -39.55 -9.99
CA HIS A 885 -11.05 -39.68 -8.87
C HIS A 885 -10.35 -39.57 -7.52
N THR A 886 -9.02 -39.55 -7.48
CA THR A 886 -8.30 -39.56 -6.21
C THR A 886 -8.80 -38.46 -5.29
N LEU A 887 -9.06 -37.27 -5.85
CA LEU A 887 -9.59 -36.18 -5.03
C LEU A 887 -10.92 -36.57 -4.40
N HIS A 888 -11.84 -37.10 -5.22
CA HIS A 888 -13.15 -37.50 -4.71
C HIS A 888 -13.03 -38.55 -3.62
N GLN A 889 -12.11 -39.50 -3.79
CA GLN A 889 -11.99 -40.59 -2.83
C GLN A 889 -11.37 -40.11 -1.51
N TRP A 890 -10.33 -39.28 -1.59
CA TRP A 890 -9.78 -38.71 -0.38
C TRP A 890 -10.82 -37.89 0.38
N LEU A 891 -11.72 -37.24 -0.36
CA LEU A 891 -12.78 -36.46 0.29
C LEU A 891 -13.82 -37.37 0.91
N LYS A 892 -14.11 -38.51 0.26
CA LYS A 892 -14.99 -39.50 0.86
C LYS A 892 -14.40 -40.04 2.16
N ASP A 893 -13.12 -40.40 2.14
CA ASP A 893 -12.49 -40.97 3.33
C ASP A 893 -12.49 -39.98 4.50
N LYS A 894 -12.36 -38.69 4.21
CA LYS A 894 -12.37 -37.66 5.24
C LYS A 894 -13.77 -37.21 5.62
N ASN A 895 -14.81 -37.73 4.96
CA ASN A 895 -16.19 -37.34 5.24
C ASN A 895 -17.10 -38.56 5.11
N LYS A 896 -16.84 -39.57 5.93
CA LYS A 896 -17.71 -40.75 5.95
C LYS A 896 -19.09 -40.38 6.50
N GLY A 897 -20.12 -40.94 5.89
CA GLY A 897 -21.46 -40.87 6.45
C GLY A 897 -22.29 -39.71 5.93
N GLU A 898 -23.28 -39.33 6.75
CA GLU A 898 -24.23 -38.31 6.37
C GLU A 898 -23.58 -36.97 6.04
N ILE A 899 -22.31 -36.77 6.44
CA ILE A 899 -21.61 -35.52 6.16
C ILE A 899 -21.04 -35.47 4.75
N TYR A 900 -21.19 -36.54 3.96
CA TYR A 900 -20.63 -36.54 2.61
C TYR A 900 -21.31 -35.51 1.72
N ASP A 901 -22.64 -35.39 1.81
CA ASP A 901 -23.34 -34.40 1.01
C ASP A 901 -22.90 -32.98 1.37
N ALA A 902 -22.59 -32.74 2.64
CA ALA A 902 -22.19 -31.41 3.07
C ALA A 902 -20.85 -31.01 2.45
N ALA A 903 -19.89 -31.95 2.42
CA ALA A 903 -18.58 -31.64 1.86
C ALA A 903 -18.66 -31.40 0.36
N ILE A 904 -19.46 -32.19 -0.35
CA ILE A 904 -19.61 -31.97 -1.79
C ILE A 904 -20.24 -30.62 -2.05
N ASP A 905 -21.26 -30.26 -1.26
CA ASP A 905 -21.86 -28.93 -1.39
C ASP A 905 -20.83 -27.84 -1.14
N LEU A 906 -20.04 -27.99 -0.06
CA LEU A 906 -19.03 -26.98 0.26
C LEU A 906 -18.00 -26.87 -0.85
N PHE A 907 -17.53 -28.01 -1.37
CA PHE A 907 -16.55 -27.97 -2.45
C PHE A 907 -17.15 -27.34 -3.72
N THR A 908 -18.33 -27.80 -4.13
CA THR A 908 -18.95 -27.26 -5.33
C THR A 908 -19.25 -25.77 -5.18
N ARG A 909 -19.51 -25.30 -3.96
CA ARG A 909 -19.74 -23.89 -3.74
C ARG A 909 -18.44 -23.10 -3.74
N SER A 910 -17.48 -23.50 -2.91
CA SER A 910 -16.21 -22.79 -2.85
C SER A 910 -15.48 -22.87 -4.20
N CYS A 911 -15.56 -24.03 -4.87
CA CYS A 911 -14.97 -24.15 -6.20
C CYS A 911 -15.56 -23.11 -7.14
N ALA A 912 -16.90 -23.07 -7.23
CA ALA A 912 -17.55 -22.05 -8.04
C ALA A 912 -17.06 -20.66 -7.67
N GLY A 913 -16.89 -20.40 -6.38
CA GLY A 913 -16.43 -19.09 -5.95
C GLY A 913 -15.06 -18.73 -6.49
N TYR A 914 -14.10 -19.63 -6.32
CA TYR A 914 -12.73 -19.35 -6.77
C TYR A 914 -12.62 -19.45 -8.28
N CYS A 915 -13.44 -20.27 -8.92
CA CYS A 915 -13.48 -20.30 -10.38
C CYS A 915 -13.83 -18.92 -10.93
N VAL A 916 -14.92 -18.33 -10.44
CA VAL A 916 -15.34 -17.01 -10.91
C VAL A 916 -14.30 -15.96 -10.56
N ALA A 917 -13.83 -15.98 -9.32
CA ALA A 917 -12.91 -14.93 -8.86
C ALA A 917 -11.62 -14.95 -9.66
N THR A 918 -11.00 -16.11 -9.82
CA THR A 918 -9.69 -16.17 -10.46
C THR A 918 -9.76 -15.80 -11.93
N PHE A 919 -10.87 -16.10 -12.62
CA PHE A 919 -11.02 -15.65 -13.99
C PHE A 919 -11.10 -14.13 -14.07
N ILE A 920 -11.99 -13.54 -13.27
CA ILE A 920 -12.16 -12.08 -13.27
C ILE A 920 -10.82 -11.40 -13.08
N LEU A 921 -10.05 -11.85 -12.09
CA LEU A 921 -8.79 -11.22 -11.74
C LEU A 921 -7.62 -11.68 -12.61
N GLY A 922 -7.86 -12.56 -13.59
CA GLY A 922 -6.77 -13.10 -14.36
C GLY A 922 -5.86 -14.03 -13.59
N ILE A 923 -6.34 -14.57 -12.48
CA ILE A 923 -5.59 -15.49 -11.63
C ILE A 923 -5.89 -16.92 -12.07
N GLY A 924 -6.42 -17.07 -13.29
CA GLY A 924 -7.06 -18.31 -13.67
C GLY A 924 -6.15 -19.51 -13.65
N ASP A 925 -5.03 -19.43 -14.36
CA ASP A 925 -4.21 -20.60 -14.70
C ASP A 925 -3.26 -20.91 -13.54
N ARG A 926 -3.76 -21.66 -12.56
CA ARG A 926 -3.00 -22.02 -11.37
C ARG A 926 -2.55 -23.47 -11.40
N HIS A 927 -1.39 -23.71 -10.79
CA HIS A 927 -0.85 -25.06 -10.64
C HIS A 927 -1.54 -25.77 -9.49
N ASN A 928 -1.58 -27.11 -9.56
CA ASN A 928 -2.24 -27.89 -8.52
C ASN A 928 -1.69 -27.58 -7.14
N SER A 929 -0.41 -27.19 -7.06
CA SER A 929 0.22 -26.89 -5.78
C SER A 929 -0.16 -25.52 -5.25
N ASN A 930 -0.90 -24.72 -6.02
CA ASN A 930 -1.39 -23.42 -5.57
C ASN A 930 -2.90 -23.43 -5.31
N ILE A 931 -3.54 -24.60 -5.38
CA ILE A 931 -4.93 -24.77 -4.99
C ILE A 931 -4.95 -25.71 -3.79
N MET A 932 -5.65 -25.32 -2.75
CA MET A 932 -5.71 -26.09 -1.52
C MET A 932 -7.16 -26.45 -1.19
N VAL A 933 -7.31 -27.47 -0.35
CA VAL A 933 -8.63 -27.92 0.11
C VAL A 933 -8.48 -28.44 1.53
N LYS A 934 -9.40 -28.03 2.40
CA LYS A 934 -9.43 -28.53 3.76
C LYS A 934 -9.98 -29.95 3.80
N ASP A 935 -9.69 -30.65 4.90
CA ASP A 935 -10.47 -31.85 5.21
C ASP A 935 -11.95 -31.51 5.24
N ASP A 936 -12.28 -30.25 5.53
CA ASP A 936 -13.66 -29.78 5.56
C ASP A 936 -14.31 -29.88 4.18
N GLY A 937 -13.52 -29.82 3.11
CA GLY A 937 -14.05 -29.74 1.76
C GLY A 937 -14.01 -28.35 1.15
N GLN A 938 -13.56 -27.35 1.91
CA GLN A 938 -13.47 -25.98 1.40
C GLN A 938 -12.23 -25.83 0.53
N LEU A 939 -12.42 -25.36 -0.69
CA LEU A 939 -11.34 -25.14 -1.63
C LEU A 939 -10.93 -23.67 -1.64
N PHE A 940 -9.64 -23.42 -1.86
CA PHE A 940 -9.14 -22.06 -1.87
C PHE A 940 -7.76 -22.04 -2.52
N HIS A 941 -7.46 -20.94 -3.19
CA HIS A 941 -6.17 -20.71 -3.83
C HIS A 941 -5.22 -19.99 -2.88
N ILE A 942 -3.93 -20.07 -3.18
CA ILE A 942 -2.88 -19.51 -2.33
C ILE A 942 -1.78 -18.94 -3.23
N ASP A 943 -0.73 -18.42 -2.58
CA ASP A 943 0.46 -17.93 -3.25
C ASP A 943 0.11 -17.15 -4.52
N PHE A 944 -0.51 -15.99 -4.35
CA PHE A 944 -0.86 -15.17 -5.50
C PHE A 944 0.34 -14.37 -6.01
N GLY A 945 1.23 -13.95 -5.12
CA GLY A 945 2.45 -13.30 -5.56
C GLY A 945 3.31 -14.22 -6.41
N HIS A 946 3.33 -15.51 -6.08
CA HIS A 946 4.10 -16.46 -6.86
C HIS A 946 3.59 -16.54 -8.29
N PHE A 947 2.28 -16.40 -8.48
CA PHE A 947 1.72 -16.47 -9.83
C PHE A 947 2.10 -15.22 -10.62
N LEU A 948 1.87 -14.03 -10.07
CA LEU A 948 2.14 -12.81 -10.81
C LEU A 948 3.61 -12.72 -11.23
N ASP A 949 4.53 -13.20 -10.37
CA ASP A 949 5.94 -13.21 -10.74
C ASP A 949 6.20 -14.19 -11.87
N HIS A 950 5.75 -15.44 -11.71
CA HIS A 950 5.92 -16.46 -12.73
C HIS A 950 5.39 -16.00 -14.09
N LYS A 951 4.49 -15.01 -14.11
CA LYS A 951 3.94 -14.53 -15.37
C LYS A 951 5.04 -14.10 -16.32
N LYS A 952 5.92 -13.21 -15.88
CA LYS A 952 7.06 -12.76 -16.68
C LYS A 952 8.22 -12.35 -15.78
N ARG A 961 -2.40 -21.28 -20.24
CA ARG A 961 -3.52 -20.57 -20.86
C ARG A 961 -4.82 -21.36 -20.69
N VAL A 962 -5.66 -20.88 -19.77
CA VAL A 962 -7.01 -21.42 -19.58
C VAL A 962 -7.77 -20.40 -18.75
N PRO A 963 -9.04 -20.12 -19.05
CA PRO A 963 -9.75 -19.06 -18.29
C PRO A 963 -9.70 -19.27 -16.79
N PHE A 964 -9.93 -20.49 -16.32
CA PHE A 964 -9.80 -20.81 -14.91
C PHE A 964 -9.71 -22.31 -14.76
N VAL A 965 -9.20 -22.74 -13.61
CA VAL A 965 -8.95 -24.16 -13.35
C VAL A 965 -10.29 -24.82 -12.99
N LEU A 966 -10.85 -25.57 -13.94
CA LEU A 966 -12.01 -26.42 -13.71
C LEU A 966 -11.64 -27.82 -14.18
N THR A 967 -10.69 -28.45 -13.49
CA THR A 967 -10.14 -29.72 -13.94
C THR A 967 -11.16 -30.83 -13.78
N GLN A 968 -10.81 -32.01 -14.30
CA GLN A 968 -11.69 -33.16 -14.22
C GLN A 968 -11.86 -33.62 -12.78
N ASP A 969 -10.77 -33.61 -11.99
CA ASP A 969 -10.85 -34.01 -10.59
C ASP A 969 -11.98 -33.28 -9.88
N PHE A 970 -12.13 -31.98 -10.12
CA PHE A 970 -13.20 -31.23 -9.49
C PHE A 970 -14.56 -31.72 -9.96
N LEU A 971 -14.70 -32.03 -11.25
CA LEU A 971 -15.97 -32.49 -11.78
C LEU A 971 -16.36 -33.85 -11.19
N ILE A 972 -15.37 -34.70 -10.90
CA ILE A 972 -15.67 -35.95 -10.19
C ILE A 972 -16.34 -35.64 -8.86
N VAL A 973 -15.79 -34.67 -8.12
CA VAL A 973 -16.34 -34.32 -6.81
C VAL A 973 -17.70 -33.64 -6.96
N ILE A 974 -17.76 -32.63 -7.82
CA ILE A 974 -19.00 -31.85 -7.96
C ILE A 974 -20.17 -32.75 -8.32
N SER A 975 -19.97 -33.67 -9.26
CA SER A 975 -21.00 -34.59 -9.70
C SER A 975 -21.09 -35.84 -8.84
N LYS A 976 -20.24 -35.96 -7.81
CA LYS A 976 -20.27 -37.08 -6.88
C LYS A 976 -19.82 -38.38 -7.55
N GLY A 977 -18.75 -38.30 -8.32
CA GLY A 977 -18.14 -39.50 -8.88
C GLY A 977 -18.90 -40.14 -10.01
N ALA A 978 -19.54 -39.35 -10.86
CA ALA A 978 -20.37 -39.87 -11.94
C ALA A 978 -19.61 -39.91 -13.25
N GLN A 979 -20.17 -40.64 -14.21
CA GLN A 979 -19.68 -40.66 -15.58
C GLN A 979 -20.31 -39.52 -16.36
N GLU A 980 -19.61 -39.05 -17.39
CA GLU A 980 -19.98 -37.85 -18.13
C GLU A 980 -20.47 -36.77 -17.18
N CYS A 981 -19.64 -36.47 -16.17
CA CYS A 981 -20.01 -35.57 -15.09
C CYS A 981 -20.43 -34.19 -15.56
N THR A 982 -20.16 -33.81 -16.81
CA THR A 982 -20.59 -32.53 -17.33
C THR A 982 -22.05 -32.52 -17.78
N LYS A 983 -22.74 -33.65 -17.70
CA LYS A 983 -24.13 -33.75 -18.13
C LYS A 983 -25.09 -34.06 -17.00
N THR A 984 -24.60 -34.21 -15.76
CA THR A 984 -25.48 -34.50 -14.65
C THR A 984 -26.21 -33.23 -14.21
N ARG A 985 -26.98 -33.34 -13.12
CA ARG A 985 -27.72 -32.21 -12.58
C ARG A 985 -27.02 -31.56 -11.40
N GLU A 986 -26.00 -32.19 -10.81
CA GLU A 986 -25.13 -31.47 -9.88
C GLU A 986 -24.31 -30.43 -10.63
N PHE A 987 -23.70 -30.82 -11.74
CA PHE A 987 -23.01 -29.88 -12.60
C PHE A 987 -23.97 -28.86 -13.19
N GLU A 988 -25.21 -29.28 -13.50
CA GLU A 988 -26.18 -28.36 -14.06
C GLU A 988 -26.44 -27.19 -13.13
N ARG A 989 -26.50 -27.46 -11.82
CA ARG A 989 -26.68 -26.40 -10.83
C ARG A 989 -25.35 -25.85 -10.31
N PHE A 990 -24.23 -26.53 -10.59
CA PHE A 990 -22.93 -25.95 -10.28
C PHE A 990 -22.62 -24.77 -11.18
N GLN A 991 -22.71 -24.97 -12.50
CA GLN A 991 -22.50 -23.86 -13.42
C GLN A 991 -23.61 -22.82 -13.33
N GLU A 992 -24.72 -23.14 -12.67
CA GLU A 992 -25.72 -22.12 -12.34
C GLU A 992 -25.28 -21.30 -11.14
N MET A 993 -24.40 -21.84 -10.28
CA MET A 993 -23.80 -21.05 -9.22
C MET A 993 -22.72 -20.12 -9.77
N CYS A 994 -21.90 -20.63 -10.69
CA CYS A 994 -20.87 -19.81 -11.31
C CYS A 994 -21.49 -18.62 -12.04
N TYR A 995 -22.52 -18.86 -12.84
CA TYR A 995 -23.17 -17.78 -13.59
C TYR A 995 -23.67 -16.69 -12.63
N LYS A 996 -24.52 -17.07 -11.68
CA LYS A 996 -25.08 -16.08 -10.76
C LYS A 996 -24.00 -15.29 -10.03
N ALA A 997 -22.83 -15.90 -9.82
CA ALA A 997 -21.76 -15.20 -9.11
C ALA A 997 -21.08 -14.17 -10.00
N TYR A 998 -20.86 -14.49 -11.27
CA TYR A 998 -20.17 -13.57 -12.17
C TYR A 998 -20.93 -12.26 -12.31
N LEU A 999 -22.22 -12.34 -12.65
CA LEU A 999 -23.01 -11.12 -12.79
C LEU A 999 -23.24 -10.43 -11.46
N ALA A 1000 -23.12 -11.16 -10.34
CA ALA A 1000 -23.23 -10.53 -9.04
C ALA A 1000 -22.05 -9.60 -8.76
N ILE A 1001 -20.89 -9.89 -9.35
CA ILE A 1001 -19.74 -9.00 -9.22
C ILE A 1001 -19.82 -7.87 -10.23
N ARG A 1002 -20.20 -8.18 -11.47
CA ARG A 1002 -20.40 -7.14 -12.47
C ARG A 1002 -21.42 -6.12 -12.00
N GLN A 1003 -22.44 -6.57 -11.26
CA GLN A 1003 -23.40 -5.64 -10.67
C GLN A 1003 -22.74 -4.73 -9.65
N HIS A 1004 -21.55 -5.09 -9.16
CA HIS A 1004 -20.76 -4.23 -8.27
C HIS A 1004 -19.41 -3.88 -8.89
N ALA A 1005 -19.31 -3.93 -10.22
CA ALA A 1005 -18.02 -3.69 -10.87
C ALA A 1005 -17.44 -2.32 -10.55
N ASN A 1006 -18.27 -1.35 -10.15
CA ASN A 1006 -17.76 -0.02 -9.87
C ASN A 1006 -16.87 -0.02 -8.63
N LEU A 1007 -17.29 -0.73 -7.58
CA LEU A 1007 -16.52 -0.76 -6.34
C LEU A 1007 -15.10 -1.26 -6.58
N PHE A 1008 -14.96 -2.38 -7.29
CA PHE A 1008 -13.65 -3.00 -7.46
C PHE A 1008 -12.73 -2.12 -8.30
N ILE A 1009 -13.24 -1.62 -9.44
CA ILE A 1009 -12.42 -0.75 -10.28
C ILE A 1009 -11.93 0.46 -9.49
N ASN A 1010 -12.71 0.91 -8.50
CA ASN A 1010 -12.27 2.01 -7.66
C ASN A 1010 -11.22 1.57 -6.64
N LEU A 1011 -11.39 0.38 -6.06
CA LEU A 1011 -10.40 -0.10 -5.10
C LEU A 1011 -9.03 -0.25 -5.76
N PHE A 1012 -8.99 -0.87 -6.95
CA PHE A 1012 -7.72 -0.99 -7.66
C PHE A 1012 -7.18 0.37 -8.07
N SER A 1013 -8.05 1.25 -8.58
CA SER A 1013 -7.62 2.58 -8.99
C SER A 1013 -6.89 3.30 -7.85
N MET A 1014 -7.38 3.14 -6.63
CA MET A 1014 -6.78 3.80 -5.48
C MET A 1014 -5.38 3.26 -5.17
N MET A 1015 -5.02 2.10 -5.72
CA MET A 1015 -3.76 1.44 -5.43
C MET A 1015 -2.67 1.75 -6.45
N LEU A 1016 -2.92 2.68 -7.38
CA LEU A 1016 -1.98 2.90 -8.47
C LEU A 1016 -0.65 3.46 -7.97
N GLY A 1017 -0.71 4.47 -7.09
CA GLY A 1017 0.50 5.04 -6.53
C GLY A 1017 1.21 4.17 -5.53
N SER A 1018 0.74 2.95 -5.31
CA SER A 1018 1.38 2.07 -4.33
C SER A 1018 2.79 1.67 -4.75
N GLY A 1019 3.05 1.62 -6.05
CA GLY A 1019 4.30 1.09 -6.54
C GLY A 1019 4.27 -0.39 -6.86
N MET A 1020 3.14 -1.05 -6.71
CA MET A 1020 3.01 -2.42 -7.17
C MET A 1020 3.11 -2.43 -8.69
N PRO A 1021 4.04 -3.20 -9.27
CA PRO A 1021 4.19 -3.16 -10.74
C PRO A 1021 2.95 -3.63 -11.48
N GLU A 1022 2.09 -4.43 -10.85
CA GLU A 1022 0.83 -4.80 -11.45
C GLU A 1022 -0.13 -3.64 -11.57
N LEU A 1023 0.17 -2.50 -10.91
CA LEU A 1023 -0.72 -1.35 -10.84
C LEU A 1023 0.12 -0.09 -11.05
N GLN A 1024 0.46 0.18 -12.31
CA GLN A 1024 1.23 1.36 -12.68
C GLN A 1024 0.47 2.36 -13.53
N SER A 1025 -0.60 1.93 -14.20
CA SER A 1025 -1.40 2.83 -15.02
C SER A 1025 -2.81 2.25 -15.12
N PHE A 1026 -3.77 3.12 -15.42
CA PHE A 1026 -5.14 2.67 -15.62
C PHE A 1026 -5.24 1.65 -16.74
N ASP A 1027 -4.26 1.62 -17.65
CA ASP A 1027 -4.24 0.57 -18.68
C ASP A 1027 -4.20 -0.80 -18.04
N ASP A 1028 -3.49 -0.94 -16.91
CA ASP A 1028 -3.42 -2.23 -16.23
C ASP A 1028 -4.80 -2.70 -15.80
N ILE A 1029 -5.62 -1.79 -15.28
CA ILE A 1029 -6.95 -2.17 -14.78
C ILE A 1029 -7.88 -2.54 -15.92
N ALA A 1030 -7.53 -2.19 -17.17
CA ALA A 1030 -8.41 -2.47 -18.30
C ALA A 1030 -8.74 -3.96 -18.42
N TYR A 1031 -7.93 -4.84 -17.83
CA TYR A 1031 -8.19 -6.27 -17.95
C TYR A 1031 -9.50 -6.65 -17.25
N ILE A 1032 -9.77 -6.05 -16.09
CA ILE A 1032 -11.00 -6.41 -15.38
C ILE A 1032 -12.23 -5.96 -16.17
N ARG A 1033 -12.11 -4.85 -16.93
CA ARG A 1033 -13.20 -4.46 -17.81
C ARG A 1033 -13.45 -5.50 -18.88
N LYS A 1034 -12.41 -6.24 -19.27
CA LYS A 1034 -12.55 -7.26 -20.31
C LYS A 1034 -13.20 -8.53 -19.76
N THR A 1035 -12.82 -8.95 -18.54
CA THR A 1035 -13.40 -10.16 -17.98
C THR A 1035 -14.83 -9.91 -17.50
N LEU A 1036 -15.09 -8.75 -16.92
CA LEU A 1036 -16.46 -8.38 -16.56
C LEU A 1036 -17.27 -7.90 -17.76
N ALA A 1037 -16.64 -7.71 -18.91
CA ALA A 1037 -17.32 -7.35 -20.15
C ALA A 1037 -18.25 -6.16 -19.93
N LEU A 1038 -17.66 -5.07 -19.44
CA LEU A 1038 -18.43 -3.89 -19.08
C LEU A 1038 -18.85 -3.06 -20.29
N ASP A 1039 -18.17 -3.19 -21.42
CA ASP A 1039 -18.62 -2.58 -22.68
C ASP A 1039 -19.57 -3.48 -23.45
N LYS A 1040 -20.25 -4.38 -22.76
CA LYS A 1040 -21.29 -5.23 -23.35
C LYS A 1040 -22.43 -5.35 -22.35
N THR A 1041 -23.60 -5.73 -22.85
CA THR A 1041 -24.78 -5.85 -21.99
C THR A 1041 -24.62 -7.04 -21.05
N GLU A 1042 -25.63 -7.25 -20.21
CA GLU A 1042 -25.61 -8.39 -19.29
C GLU A 1042 -25.56 -9.70 -20.06
N GLN A 1043 -26.48 -9.90 -21.00
CA GLN A 1043 -26.57 -11.18 -21.70
C GLN A 1043 -25.33 -11.46 -22.54
N GLU A 1044 -24.69 -10.42 -23.05
CA GLU A 1044 -23.44 -10.63 -23.79
C GLU A 1044 -22.31 -11.04 -22.84
N ALA A 1045 -22.23 -10.38 -21.68
CA ALA A 1045 -21.24 -10.79 -20.68
C ALA A 1045 -21.51 -12.20 -20.19
N LEU A 1046 -22.77 -12.56 -20.02
CA LEU A 1046 -23.12 -13.92 -19.64
C LEU A 1046 -22.62 -14.92 -20.66
N GLU A 1047 -22.95 -14.70 -21.94
CA GLU A 1047 -22.51 -15.60 -22.99
C GLU A 1047 -21.00 -15.58 -23.17
N TYR A 1048 -20.35 -14.46 -22.84
CA TYR A 1048 -18.89 -14.43 -22.86
C TYR A 1048 -18.32 -15.35 -21.79
N PHE A 1049 -18.82 -15.25 -20.56
CA PHE A 1049 -18.34 -16.13 -19.50
C PHE A 1049 -18.70 -17.57 -19.76
N MET A 1050 -19.85 -17.83 -20.40
CA MET A 1050 -20.24 -19.21 -20.69
C MET A 1050 -19.28 -19.85 -21.70
N LYS A 1051 -18.84 -19.09 -22.71
CA LYS A 1051 -17.86 -19.65 -23.64
C LYS A 1051 -16.52 -19.89 -22.96
N GLN A 1052 -16.16 -19.05 -21.99
CA GLN A 1052 -14.93 -19.27 -21.23
C GLN A 1052 -15.06 -20.49 -20.32
N MET A 1053 -16.27 -20.81 -19.88
CA MET A 1053 -16.46 -22.00 -19.04
C MET A 1053 -16.41 -23.27 -19.88
N ASN A 1054 -16.97 -23.24 -21.09
CA ASN A 1054 -16.85 -24.38 -21.98
C ASN A 1054 -15.39 -24.63 -22.35
N ASP A 1055 -14.63 -23.55 -22.53
CA ASP A 1055 -13.19 -23.68 -22.74
C ASP A 1055 -12.45 -23.98 -21.45
N ALA A 1056 -13.05 -23.68 -20.29
CA ALA A 1056 -12.39 -23.94 -19.02
C ALA A 1056 -12.38 -25.42 -18.65
N ARG A 1057 -13.41 -26.16 -19.04
CA ARG A 1057 -13.39 -27.62 -18.94
C ARG A 1057 -12.65 -28.26 -20.10
N HIS A 1058 -11.86 -27.48 -20.84
CA HIS A 1058 -10.93 -27.99 -21.86
C HIS A 1058 -11.68 -28.74 -22.95
N GLY A 1059 -12.88 -28.29 -23.28
CA GLY A 1059 -13.72 -28.94 -24.26
C GLY A 1059 -15.07 -29.33 -23.68
N GLY A 1060 -16.12 -29.20 -24.47
CA GLY A 1060 -17.46 -29.52 -24.02
C GLY A 1060 -18.53 -29.25 -25.07
N MET B 11 -11.82 5.12 -52.52
CA MET B 11 -12.53 6.06 -51.61
C MET B 11 -13.35 5.29 -50.57
N SER B 12 -12.77 4.21 -50.05
CA SER B 12 -13.51 3.28 -49.19
C SER B 12 -12.90 3.26 -47.78
N LEU B 13 -13.76 2.94 -46.81
CA LEU B 13 -13.44 3.12 -45.40
C LEU B 13 -12.44 2.08 -44.92
N GLN B 14 -12.81 0.79 -44.99
CA GLN B 14 -11.94 -0.28 -44.49
C GLN B 14 -10.53 -0.21 -45.07
N ASP B 15 -10.34 0.49 -46.18
CA ASP B 15 -9.07 0.54 -46.88
C ASP B 15 -8.31 1.83 -46.63
N ALA B 16 -8.76 2.65 -45.68
CA ALA B 16 -8.11 3.92 -45.40
C ALA B 16 -6.79 3.70 -44.66
N GLU B 17 -6.04 4.79 -44.49
CA GLU B 17 -4.85 4.77 -43.64
C GLU B 17 -5.23 4.70 -42.17
N TRP B 18 -6.02 5.68 -41.72
CA TRP B 18 -6.19 5.97 -40.31
C TRP B 18 -7.25 5.11 -39.62
N TYR B 19 -7.94 4.24 -40.35
CA TYR B 19 -8.87 3.30 -39.73
C TYR B 19 -8.10 2.04 -39.33
N TRP B 20 -8.08 1.75 -38.02
CA TRP B 20 -7.59 0.48 -37.52
C TRP B 20 -8.70 -0.44 -37.05
N GLY B 21 -9.87 0.12 -36.72
CA GLY B 21 -11.02 -0.68 -36.35
C GLY B 21 -10.90 -1.37 -34.99
N ASP B 22 -10.72 -2.69 -35.01
CA ASP B 22 -10.82 -3.52 -33.82
C ASP B 22 -9.55 -3.35 -32.98
N ILE B 23 -9.49 -2.23 -32.28
CA ILE B 23 -8.34 -1.88 -31.45
C ILE B 23 -8.84 -1.40 -30.10
N SER B 24 -8.02 -1.62 -29.07
CA SER B 24 -8.38 -1.21 -27.71
C SER B 24 -8.03 0.25 -27.47
N ARG B 25 -8.77 0.87 -26.56
CA ARG B 25 -8.48 2.25 -26.17
C ARG B 25 -7.05 2.39 -25.69
N GLU B 26 -6.56 1.40 -24.94
CA GLU B 26 -5.19 1.46 -24.44
C GLU B 26 -4.21 1.46 -25.60
N GLU B 27 -4.53 0.76 -26.69
CA GLU B 27 -3.62 0.69 -27.83
C GLU B 27 -3.55 2.04 -28.55
N VAL B 28 -4.67 2.75 -28.67
CA VAL B 28 -4.60 4.06 -29.32
C VAL B 28 -3.98 5.09 -28.40
N ASN B 29 -4.18 4.95 -27.08
CA ASN B 29 -3.41 5.78 -26.14
C ASN B 29 -1.92 5.60 -26.34
N GLU B 30 -1.48 4.36 -26.57
CA GLU B 30 -0.06 4.11 -26.77
C GLU B 30 0.44 4.72 -28.08
N LYS B 31 -0.44 4.89 -29.07
CA LYS B 31 -0.03 5.41 -30.37
C LYS B 31 -0.07 6.93 -30.43
N LEU B 32 -0.91 7.58 -29.64
CA LEU B 32 -0.95 9.04 -29.59
C LEU B 32 -0.04 9.62 -28.50
N ARG B 33 0.61 8.76 -27.71
CA ARG B 33 1.50 9.19 -26.64
C ARG B 33 2.46 10.28 -27.09
N ASP B 34 2.30 11.49 -26.53
CA ASP B 34 3.19 12.62 -26.73
C ASP B 34 3.19 13.17 -28.15
N THR B 35 2.22 12.78 -28.97
CA THR B 35 2.14 13.33 -30.32
C THR B 35 1.65 14.78 -30.26
N ALA B 36 1.82 15.47 -31.39
CA ALA B 36 1.41 16.87 -31.48
C ALA B 36 -0.09 16.97 -31.79
N ASP B 37 -0.65 18.14 -31.48
CA ASP B 37 -2.07 18.37 -31.70
C ASP B 37 -2.45 18.03 -33.13
N GLY B 38 -3.63 17.43 -33.30
CA GLY B 38 -4.16 17.12 -34.60
C GLY B 38 -3.86 15.73 -35.11
N THR B 39 -3.01 14.96 -34.42
CA THR B 39 -2.86 13.55 -34.76
C THR B 39 -4.15 12.81 -34.43
N PHE B 40 -4.52 11.85 -35.27
CA PHE B 40 -5.84 11.23 -35.12
C PHE B 40 -5.83 9.79 -35.62
N LEU B 41 -6.87 9.06 -35.21
CA LEU B 41 -7.00 7.62 -35.45
C LEU B 41 -8.45 7.26 -35.21
N VAL B 42 -8.95 6.25 -35.94
CA VAL B 42 -10.35 5.85 -35.86
C VAL B 42 -10.44 4.36 -35.56
N ARG B 43 -11.44 3.99 -34.76
CA ARG B 43 -11.76 2.62 -34.41
C ARG B 43 -13.26 2.39 -34.57
N ASP B 44 -13.69 1.14 -34.44
CA ASP B 44 -15.08 0.86 -34.09
C ASP B 44 -15.22 0.94 -32.58
N ALA B 45 -16.33 1.49 -32.12
CA ALA B 45 -16.51 1.76 -30.70
C ALA B 45 -16.23 0.52 -29.87
N SER B 46 -15.70 0.73 -28.65
CA SER B 46 -15.41 -0.39 -27.77
C SER B 46 -16.65 -1.21 -27.44
N THR B 47 -17.85 -0.68 -27.75
CA THR B 47 -19.06 -1.48 -27.74
C THR B 47 -18.99 -2.65 -28.70
N LYS B 48 -18.01 -2.67 -29.61
CA LYS B 48 -17.90 -3.67 -30.67
C LYS B 48 -19.13 -3.69 -31.56
N MET B 49 -19.88 -2.59 -31.60
CA MET B 49 -21.15 -2.54 -32.31
C MET B 49 -20.93 -2.15 -33.77
N HIS B 50 -21.69 -2.80 -34.65
CA HIS B 50 -21.53 -2.62 -36.09
C HIS B 50 -21.96 -1.22 -36.51
N GLY B 51 -21.20 -0.62 -37.42
CA GLY B 51 -21.54 0.69 -37.95
C GLY B 51 -21.41 1.83 -36.98
N ASP B 52 -20.88 1.59 -35.78
CA ASP B 52 -20.73 2.60 -34.75
C ASP B 52 -19.24 2.76 -34.45
N TYR B 53 -18.72 3.98 -34.55
CA TYR B 53 -17.29 4.20 -34.60
C TYR B 53 -16.86 5.28 -33.62
N THR B 54 -15.56 5.30 -33.33
CA THR B 54 -14.96 6.25 -32.41
C THR B 54 -13.71 6.85 -33.04
N LEU B 55 -13.59 8.18 -32.96
CA LEU B 55 -12.44 8.91 -33.46
C LEU B 55 -11.69 9.52 -32.28
N THR B 56 -10.40 9.20 -32.17
CA THR B 56 -9.51 9.81 -31.20
C THR B 56 -8.60 10.79 -31.91
N LEU B 57 -8.44 11.99 -31.36
CA LEU B 57 -7.46 12.93 -31.87
C LEU B 57 -6.74 13.61 -30.73
N ARG B 58 -5.53 14.06 -31.03
CA ARG B 58 -4.65 14.70 -30.06
C ARG B 58 -4.90 16.21 -30.04
N LYS B 59 -5.15 16.75 -28.86
CA LYS B 59 -5.38 18.20 -28.73
C LYS B 59 -5.19 18.59 -27.27
N GLY B 60 -4.27 19.53 -27.03
CA GLY B 60 -4.04 20.03 -25.68
C GLY B 60 -3.41 19.02 -24.75
N GLY B 61 -2.47 18.22 -25.27
CA GLY B 61 -1.84 17.18 -24.48
C GLY B 61 -2.70 15.99 -24.19
N ASN B 62 -3.98 16.01 -24.55
CA ASN B 62 -4.92 14.96 -24.23
C ASN B 62 -5.35 14.22 -25.49
N ASN B 63 -5.67 12.93 -25.31
CA ASN B 63 -6.29 12.14 -26.36
C ASN B 63 -7.80 12.21 -26.18
N LYS B 64 -8.49 12.78 -27.15
CA LYS B 64 -9.89 13.19 -26.99
C LYS B 64 -10.77 12.38 -27.92
N LEU B 65 -11.84 11.82 -27.37
CA LEU B 65 -12.65 10.79 -28.01
C LEU B 65 -13.90 11.41 -28.61
N ILE B 66 -14.09 11.17 -29.91
CA ILE B 66 -15.27 11.65 -30.65
C ILE B 66 -16.04 10.42 -31.12
N LYS B 67 -17.30 10.30 -30.70
CA LYS B 67 -18.19 9.28 -31.24
C LYS B 67 -18.72 9.73 -32.59
N ILE B 68 -18.80 8.81 -33.53
CA ILE B 68 -19.29 9.09 -34.88
C ILE B 68 -20.63 8.37 -35.05
N PHE B 69 -21.69 9.15 -35.24
CA PHE B 69 -23.05 8.65 -35.32
C PHE B 69 -23.33 8.04 -36.69
N HIS B 70 -24.43 7.29 -36.77
CA HIS B 70 -24.80 6.55 -37.98
C HIS B 70 -26.32 6.47 -38.05
N ARG B 71 -26.90 6.97 -39.14
CA ARG B 71 -28.35 7.06 -39.27
C ARG B 71 -28.74 7.20 -40.73
N ASP B 72 -29.74 6.44 -41.16
CA ASP B 72 -30.25 6.49 -42.53
C ASP B 72 -29.13 6.39 -43.56
N GLY B 73 -28.05 5.70 -43.20
CA GLY B 73 -26.87 5.62 -44.03
C GLY B 73 -25.94 6.80 -43.95
N LYS B 74 -26.41 7.93 -43.40
CA LYS B 74 -25.58 9.12 -43.26
C LYS B 74 -24.68 8.99 -42.03
N TYR B 75 -23.70 9.88 -41.93
CA TYR B 75 -22.77 9.89 -40.81
C TYR B 75 -22.53 11.31 -40.32
N GLY B 76 -21.95 11.39 -39.13
CA GLY B 76 -21.61 12.65 -38.50
C GLY B 76 -21.18 12.38 -37.08
N PHE B 77 -20.91 13.45 -36.33
CA PHE B 77 -20.76 13.31 -34.89
C PHE B 77 -21.45 14.46 -34.16
N SER B 78 -22.69 14.75 -34.58
CA SER B 78 -23.66 15.44 -33.76
C SER B 78 -25.04 15.13 -34.33
N ASP B 79 -26.08 15.72 -33.71
CA ASP B 79 -27.45 15.43 -34.13
C ASP B 79 -27.67 15.76 -35.59
N PRO B 80 -27.51 17.01 -36.05
CA PRO B 80 -27.60 17.28 -37.49
C PRO B 80 -26.52 16.52 -38.23
N LEU B 81 -26.93 15.53 -39.03
CA LEU B 81 -26.08 14.45 -39.49
C LEU B 81 -26.12 14.41 -41.00
N THR B 82 -24.97 14.56 -41.65
CA THR B 82 -24.89 15.00 -43.03
C THR B 82 -24.22 14.02 -43.97
N PHE B 83 -23.01 13.55 -43.64
CA PHE B 83 -22.09 13.05 -44.64
C PHE B 83 -22.41 11.63 -45.07
N SER B 84 -22.16 11.35 -46.35
CA SER B 84 -22.52 10.06 -46.93
C SER B 84 -21.75 8.93 -46.26
N SER B 85 -20.43 9.04 -46.20
CA SER B 85 -19.56 8.04 -45.59
C SER B 85 -18.77 8.67 -44.45
N VAL B 86 -17.98 7.84 -43.77
CA VAL B 86 -17.09 8.35 -42.74
C VAL B 86 -15.88 9.02 -43.35
N VAL B 87 -15.47 8.59 -44.55
CA VAL B 87 -14.29 9.19 -45.17
C VAL B 87 -14.61 10.58 -45.71
N GLU B 88 -15.84 10.81 -46.18
CA GLU B 88 -16.25 12.17 -46.51
C GLU B 88 -16.28 13.04 -45.24
N LEU B 89 -16.71 12.44 -44.13
CA LEU B 89 -16.74 13.16 -42.86
C LEU B 89 -15.34 13.57 -42.41
N ILE B 90 -14.40 12.62 -42.47
CA ILE B 90 -13.06 12.88 -41.96
C ILE B 90 -12.32 13.86 -42.86
N ASN B 91 -12.32 13.61 -44.17
CA ASN B 91 -11.57 14.46 -45.07
C ASN B 91 -12.11 15.89 -45.10
N HIS B 92 -13.41 16.07 -44.86
CA HIS B 92 -13.94 17.43 -44.75
C HIS B 92 -13.22 18.20 -43.65
N TYR B 93 -12.91 17.53 -42.55
CA TYR B 93 -12.18 18.16 -41.44
C TYR B 93 -10.68 18.04 -41.60
N ARG B 94 -10.19 17.43 -42.68
CA ARG B 94 -8.77 17.52 -43.03
C ARG B 94 -8.49 18.75 -43.88
N ASN B 95 -9.49 19.25 -44.61
CA ASN B 95 -9.32 20.50 -45.34
C ASN B 95 -9.50 21.71 -44.43
N GLU B 96 -10.49 21.68 -43.53
CA GLU B 96 -10.75 22.82 -42.66
C GLU B 96 -11.09 22.33 -41.26
N SER B 97 -11.03 23.27 -40.32
CA SER B 97 -11.05 22.97 -38.90
C SER B 97 -12.39 22.40 -38.47
N LEU B 98 -12.34 21.51 -37.46
CA LEU B 98 -13.54 21.09 -36.76
C LEU B 98 -13.97 22.10 -35.70
N ALA B 99 -13.38 23.30 -35.71
CA ALA B 99 -13.99 24.43 -35.02
C ALA B 99 -15.42 24.64 -35.51
N GLN B 100 -15.70 24.27 -36.76
CA GLN B 100 -17.07 24.26 -37.25
C GLN B 100 -17.98 23.50 -36.30
N TYR B 101 -17.50 22.37 -35.78
CA TYR B 101 -18.28 21.59 -34.82
C TYR B 101 -18.25 22.24 -33.43
N ASN B 102 -17.07 22.52 -32.91
CA ASN B 102 -16.96 23.14 -31.60
C ASN B 102 -15.72 24.02 -31.50
N PRO B 103 -15.88 25.33 -31.27
CA PRO B 103 -14.72 26.20 -31.08
C PRO B 103 -13.77 25.74 -29.98
N LYS B 104 -14.26 24.94 -29.03
CA LYS B 104 -13.42 24.52 -27.92
C LYS B 104 -12.25 23.66 -28.37
N LEU B 105 -12.30 23.10 -29.58
CA LEU B 105 -11.16 22.41 -30.19
C LEU B 105 -11.04 22.92 -31.62
N ASP B 106 -9.93 23.62 -31.91
CA ASP B 106 -9.79 24.45 -33.09
C ASP B 106 -8.88 23.84 -34.15
N VAL B 107 -8.59 22.54 -34.06
CA VAL B 107 -7.58 21.91 -34.89
C VAL B 107 -8.25 21.24 -36.08
N LYS B 108 -7.45 20.97 -37.11
CA LYS B 108 -7.84 20.07 -38.19
C LYS B 108 -7.39 18.65 -37.86
N LEU B 109 -8.00 17.67 -38.54
CA LEU B 109 -7.54 16.29 -38.44
C LEU B 109 -6.25 16.15 -39.26
N LEU B 110 -5.20 16.76 -38.72
CA LEU B 110 -3.97 16.98 -39.47
C LEU B 110 -3.23 15.68 -39.83
N TYR B 111 -2.69 14.98 -38.83
CA TYR B 111 -1.74 13.90 -39.09
C TYR B 111 -2.33 12.54 -38.73
N PRO B 112 -2.83 11.78 -39.70
CA PRO B 112 -3.33 10.43 -39.39
C PRO B 112 -2.21 9.47 -39.04
N VAL B 113 -2.53 8.50 -38.19
CA VAL B 113 -1.66 7.36 -37.93
C VAL B 113 -2.21 6.19 -38.74
N SER B 114 -1.37 5.61 -39.60
CA SER B 114 -1.80 4.65 -40.60
C SER B 114 -1.59 3.22 -40.12
N LYS B 115 -2.59 2.37 -40.40
CA LYS B 115 -2.46 0.93 -40.15
C LYS B 115 -1.15 0.43 -40.73
N TYR B 116 -1.02 0.48 -42.05
CA TYR B 116 0.23 0.15 -42.72
C TYR B 116 1.11 1.38 -42.70
N GLN B 117 1.87 1.64 -43.76
CA GLN B 117 2.86 2.71 -43.74
C GLN B 117 3.81 2.53 -42.56
N GLN B 118 4.05 1.27 -42.19
CA GLN B 118 4.93 0.92 -41.07
C GLN B 118 5.42 -0.50 -41.31
N ASP B 119 6.71 -0.66 -41.56
CA ASP B 119 7.29 -1.96 -41.87
C ASP B 119 8.75 -1.97 -41.45
N GLN B 120 9.41 -3.11 -41.66
CA GLN B 120 10.82 -3.27 -41.33
C GLN B 120 11.36 -4.57 -41.91
N GLU B 124 12.82 -9.49 -49.53
CA GLU B 124 11.66 -10.27 -49.97
C GLU B 124 11.01 -10.97 -48.78
N ASP B 125 9.68 -10.98 -48.76
CA ASP B 125 8.93 -11.42 -47.59
C ASP B 125 8.70 -12.94 -47.61
N ASN B 126 9.80 -13.68 -47.64
CA ASN B 126 9.75 -15.11 -47.37
C ASN B 126 9.25 -15.35 -45.96
N ILE B 127 8.72 -16.55 -45.72
CA ILE B 127 8.24 -16.88 -44.38
C ILE B 127 9.37 -16.83 -43.37
N GLU B 128 10.63 -16.92 -43.83
CA GLU B 128 11.76 -16.81 -42.92
C GLU B 128 11.76 -15.46 -42.20
N ALA B 129 11.15 -14.43 -42.80
CA ALA B 129 11.07 -13.14 -42.14
C ALA B 129 10.41 -13.26 -40.76
N VAL B 130 9.50 -14.21 -40.60
CA VAL B 130 8.91 -14.50 -39.29
C VAL B 130 9.70 -15.64 -38.65
N GLY B 131 9.63 -16.83 -39.24
CA GLY B 131 10.22 -18.00 -38.64
C GLY B 131 11.71 -17.87 -38.35
N LYS B 132 12.40 -16.96 -39.03
CA LYS B 132 13.83 -16.75 -38.82
C LYS B 132 14.15 -15.38 -38.25
N LYS B 133 13.64 -14.30 -38.84
CA LYS B 133 14.00 -12.96 -38.41
C LYS B 133 13.12 -12.42 -37.29
N LEU B 134 11.93 -12.99 -37.05
CA LEU B 134 11.20 -12.62 -35.85
C LEU B 134 11.76 -13.33 -34.62
N HIS B 135 11.90 -14.66 -34.70
CA HIS B 135 12.54 -15.39 -33.62
C HIS B 135 13.92 -14.84 -33.32
N GLU B 136 14.60 -14.29 -34.33
CA GLU B 136 15.88 -13.63 -34.10
C GLU B 136 15.70 -12.36 -33.26
N TYR B 137 14.80 -11.48 -33.69
CA TYR B 137 14.59 -10.24 -32.95
C TYR B 137 13.99 -10.50 -31.58
N ASN B 138 13.17 -11.54 -31.43
CA ASN B 138 12.60 -11.84 -30.12
C ASN B 138 13.65 -12.40 -29.18
N THR B 139 14.50 -13.31 -29.68
CA THR B 139 15.61 -13.78 -28.86
C THR B 139 16.52 -12.63 -28.46
N GLN B 140 16.78 -11.70 -29.38
CA GLN B 140 17.55 -10.52 -29.07
C GLN B 140 16.84 -9.60 -28.09
N PHE B 141 15.51 -9.72 -27.97
CA PHE B 141 14.73 -8.88 -27.08
C PHE B 141 14.64 -9.43 -25.67
N GLN B 142 14.60 -10.76 -25.51
CA GLN B 142 14.52 -11.34 -24.17
C GLN B 142 15.89 -11.42 -23.50
N GLU B 143 16.98 -11.39 -24.27
CA GLU B 143 18.30 -11.32 -23.66
C GLU B 143 18.55 -9.95 -23.06
N LYS B 144 18.31 -8.88 -23.85
CA LYS B 144 18.50 -7.53 -23.34
C LYS B 144 17.48 -7.17 -22.27
N SER B 145 16.34 -7.87 -22.21
CA SER B 145 15.39 -7.67 -21.14
C SER B 145 15.80 -8.39 -19.87
N ARG B 146 16.54 -9.49 -20.01
CA ARG B 146 17.10 -10.18 -18.85
C ARG B 146 18.25 -9.40 -18.25
N GLU B 147 19.09 -8.80 -19.11
CA GLU B 147 20.18 -7.96 -18.64
C GLU B 147 19.66 -6.76 -17.87
N TYR B 148 18.64 -6.10 -18.41
CA TYR B 148 18.10 -4.92 -17.74
C TYR B 148 17.40 -5.27 -16.45
N ASP B 149 16.74 -6.43 -16.38
CA ASP B 149 16.22 -6.91 -15.11
C ASP B 149 17.35 -7.19 -14.13
N ARG B 150 18.44 -7.79 -14.62
CA ARG B 150 19.61 -8.01 -13.76
C ARG B 150 20.20 -6.68 -13.29
N LEU B 151 20.40 -5.75 -14.22
CA LEU B 151 20.93 -4.44 -13.84
C LEU B 151 20.06 -3.79 -12.78
N TYR B 152 18.74 -3.76 -13.00
CA TYR B 152 17.85 -3.15 -12.04
C TYR B 152 17.82 -3.90 -10.71
N GLU B 153 18.25 -5.16 -10.70
CA GLU B 153 18.36 -5.88 -9.43
C GLU B 153 19.55 -5.38 -8.62
N GLU B 154 20.76 -5.49 -9.18
CA GLU B 154 21.93 -4.97 -8.48
C GLU B 154 21.96 -3.45 -8.44
N TYR B 155 21.14 -2.78 -9.25
CA TYR B 155 20.98 -1.33 -9.10
C TYR B 155 20.31 -1.00 -7.78
N THR B 156 19.21 -1.70 -7.47
CA THR B 156 18.52 -1.47 -6.20
C THR B 156 19.31 -2.06 -5.04
N ARG B 157 20.05 -3.14 -5.26
CA ARG B 157 20.93 -3.66 -4.20
C ARG B 157 22.00 -2.64 -3.85
N THR B 158 22.73 -2.15 -4.84
CA THR B 158 23.76 -1.16 -4.57
C THR B 158 23.16 0.10 -3.96
N SER B 159 21.93 0.45 -4.33
CA SER B 159 21.31 1.66 -3.79
C SER B 159 21.08 1.56 -2.30
N GLN B 160 20.81 0.34 -1.79
CA GLN B 160 20.56 0.19 -0.36
C GLN B 160 21.86 0.07 0.42
N GLU B 161 22.84 -0.68 -0.12
CA GLU B 161 24.13 -0.77 0.56
C GLU B 161 24.84 0.59 0.61
N ILE B 162 24.39 1.56 -0.20
CA ILE B 162 24.96 2.90 -0.14
C ILE B 162 24.37 3.67 1.03
N GLN B 163 23.04 3.71 1.15
CA GLN B 163 22.43 4.44 2.25
C GLN B 163 22.77 3.80 3.59
N MET B 164 22.95 2.47 3.61
CA MET B 164 23.46 1.82 4.81
C MET B 164 24.78 2.44 5.23
N LYS B 165 25.69 2.63 4.26
CA LYS B 165 26.98 3.24 4.56
C LYS B 165 26.84 4.72 4.86
N ARG B 166 25.92 5.42 4.18
CA ARG B 166 25.79 6.85 4.37
C ARG B 166 25.35 7.19 5.79
N THR B 167 24.50 6.36 6.40
CA THR B 167 24.10 6.58 7.78
C THR B 167 25.19 6.17 8.75
N ALA B 168 25.88 5.05 8.46
CA ALA B 168 26.92 4.57 9.36
C ALA B 168 28.04 5.59 9.51
N ILE B 169 28.41 6.26 8.42
CA ILE B 169 29.44 7.29 8.53
C ILE B 169 28.89 8.50 9.28
N GLU B 170 27.58 8.74 9.18
CA GLU B 170 26.97 9.80 9.99
C GLU B 170 26.91 9.41 11.46
N ALA B 171 26.78 8.12 11.75
CA ALA B 171 26.97 7.65 13.12
C ALA B 171 28.39 7.96 13.58
N PHE B 172 29.39 7.53 12.80
CA PHE B 172 30.77 7.89 13.10
C PHE B 172 30.94 9.38 13.31
N ASN B 173 30.16 10.20 12.59
CA ASN B 173 30.26 11.64 12.77
C ASN B 173 29.82 12.06 14.16
N GLU B 174 28.74 11.47 14.67
CA GLU B 174 28.28 11.81 16.01
C GLU B 174 29.19 11.21 17.09
N THR B 175 29.75 10.03 16.83
CA THR B 175 30.68 9.44 17.78
C THR B 175 31.95 10.27 17.88
N ILE B 176 32.52 10.64 16.73
CA ILE B 176 33.75 11.42 16.74
C ILE B 176 33.51 12.80 17.37
N LYS B 177 32.33 13.37 17.14
CA LYS B 177 31.98 14.61 17.82
C LYS B 177 32.04 14.44 19.33
N ILE B 178 31.53 13.31 19.84
CA ILE B 178 31.49 13.09 21.28
C ILE B 178 32.89 12.88 21.84
N PHE B 179 33.78 12.25 21.07
CA PHE B 179 35.14 12.04 21.55
C PHE B 179 35.98 13.30 21.45
N GLU B 180 35.76 14.13 20.43
CA GLU B 180 36.54 15.36 20.30
C GLU B 180 36.19 16.35 21.41
N GLU B 181 34.91 16.40 21.83
CA GLU B 181 34.56 17.21 22.97
C GLU B 181 35.05 16.60 24.28
N GLN B 182 35.26 15.29 24.30
CA GLN B 182 35.94 14.67 25.43
C GLN B 182 37.37 15.18 25.54
N CYS B 183 38.08 15.23 24.41
CA CYS B 183 39.43 15.78 24.41
C CYS B 183 39.45 17.22 24.89
N GLN B 184 38.50 18.03 24.43
CA GLN B 184 38.48 19.45 24.77
C GLN B 184 37.94 19.71 26.17
N THR B 185 37.37 18.70 26.82
CA THR B 185 37.09 18.77 28.26
C THR B 185 38.16 18.07 29.09
N GLN B 186 38.90 17.13 28.51
CA GLN B 186 40.09 16.61 29.16
C GLN B 186 41.12 17.70 29.36
N GLU B 187 41.36 18.49 28.30
CA GLU B 187 42.30 19.60 28.41
C GLU B 187 41.75 20.72 29.28
N ARG B 188 40.42 20.87 29.34
CA ARG B 188 39.84 21.93 30.14
C ARG B 188 40.01 21.66 31.63
N TYR B 189 39.62 20.47 32.08
CA TYR B 189 39.57 20.15 33.50
C TYR B 189 40.84 19.46 34.00
N SER B 190 41.85 19.30 33.15
CA SER B 190 43.13 18.73 33.56
C SER B 190 44.30 19.68 33.41
N LYS B 191 44.11 20.84 32.77
CA LYS B 191 45.21 21.79 32.62
C LYS B 191 45.75 22.22 33.97
N GLU B 192 44.87 22.73 34.83
CA GLU B 192 45.28 23.32 36.10
C GLU B 192 45.40 22.29 37.22
N TYR B 193 45.23 21.00 36.90
CA TYR B 193 45.70 19.95 37.79
C TYR B 193 47.09 19.47 37.38
N ILE B 194 47.36 19.42 36.07
CA ILE B 194 48.73 19.23 35.60
C ILE B 194 49.61 20.38 36.05
N GLU B 195 49.09 21.61 35.97
CA GLU B 195 49.86 22.77 36.39
C GLU B 195 50.06 22.79 37.90
N LYS B 196 49.11 22.23 38.66
CA LYS B 196 49.30 22.10 40.10
C LYS B 196 50.22 20.94 40.43
N PHE B 197 50.07 19.81 39.72
CA PHE B 197 50.97 18.68 39.94
C PHE B 197 52.39 19.01 39.51
N LYS B 198 52.56 19.91 38.54
CA LYS B 198 53.90 20.23 38.05
C LYS B 198 54.76 20.83 39.16
N ARG B 199 54.18 21.70 39.98
CA ARG B 199 54.92 22.38 41.03
C ARG B 199 54.94 21.62 42.35
N GLU B 200 54.16 20.56 42.46
CA GLU B 200 54.30 19.60 43.56
C GLU B 200 55.25 18.46 43.21
N GLY B 201 55.89 18.51 42.04
CA GLY B 201 56.78 17.45 41.60
C GLY B 201 56.14 16.10 41.61
N ASN B 202 54.84 16.04 41.28
CA ASN B 202 54.11 14.77 41.24
C ASN B 202 53.99 14.32 39.78
N GLU B 203 55.14 13.96 39.21
CA GLU B 203 55.15 13.42 37.85
C GLU B 203 54.38 12.12 37.78
N LYS B 204 54.30 11.39 38.89
CA LYS B 204 53.53 10.15 38.93
C LYS B 204 52.06 10.38 38.61
N GLU B 205 51.52 11.54 38.99
CA GLU B 205 50.13 11.87 38.72
C GLU B 205 49.95 12.57 37.38
N ILE B 206 50.98 13.27 36.89
CA ILE B 206 50.91 13.86 35.57
C ILE B 206 50.80 12.77 34.50
N GLN B 207 51.51 11.66 34.70
CA GLN B 207 51.54 10.61 33.70
C GLN B 207 50.29 9.73 33.73
N ARG B 208 49.59 9.67 34.86
CA ARG B 208 48.27 9.01 34.87
C ARG B 208 47.29 9.78 34.00
N ILE B 209 47.27 11.11 34.13
CA ILE B 209 46.40 11.93 33.28
C ILE B 209 46.81 11.80 31.82
N MET B 210 48.11 11.77 31.56
CA MET B 210 48.58 11.62 30.19
C MET B 210 48.37 10.20 29.69
N HIS B 211 48.69 9.20 30.51
CA HIS B 211 48.46 7.81 30.12
C HIS B 211 46.99 7.57 29.77
N ASN B 212 46.09 8.34 30.38
CA ASN B 212 44.67 8.23 30.06
C ASN B 212 44.30 9.14 28.89
N TYR B 213 44.92 10.32 28.79
CA TYR B 213 44.70 11.17 27.63
C TYR B 213 45.25 10.51 26.37
N ASP B 214 46.46 9.97 26.44
CA ASP B 214 47.02 9.27 25.30
C ASP B 214 46.18 8.05 24.93
N LYS B 215 45.53 7.42 25.90
CA LYS B 215 44.63 6.31 25.59
C LYS B 215 43.29 6.82 25.04
N LEU B 216 42.91 8.05 25.39
CA LEU B 216 41.71 8.63 24.81
C LEU B 216 41.90 8.90 23.32
N LYS B 217 42.89 9.72 22.98
CA LYS B 217 43.13 10.05 21.58
C LYS B 217 43.82 8.91 20.82
N SER B 218 44.11 7.80 21.48
CA SER B 218 44.52 6.59 20.76
C SER B 218 43.30 5.88 20.18
N ARG B 219 42.21 5.79 20.95
CA ARG B 219 41.00 5.15 20.45
C ARG B 219 40.31 6.03 19.41
N ILE B 220 40.27 7.35 19.64
CA ILE B 220 39.65 8.24 18.66
C ILE B 220 40.35 8.10 17.32
N SER B 221 41.65 7.78 17.33
CA SER B 221 42.37 7.53 16.08
C SER B 221 41.89 6.24 15.43
N GLU B 222 41.39 5.29 16.24
CA GLU B 222 40.93 4.02 15.67
C GLU B 222 39.57 4.19 14.98
N ILE B 223 38.68 4.99 15.57
CA ILE B 223 37.36 5.16 14.96
C ILE B 223 37.42 6.15 13.80
N ILE B 224 38.38 7.09 13.82
CA ILE B 224 38.59 7.95 12.66
C ILE B 224 39.06 7.12 11.48
N ASP B 225 39.97 6.17 11.73
CA ASP B 225 40.46 5.31 10.65
C ASP B 225 39.36 4.39 10.16
N SER B 226 38.49 3.92 11.05
CA SER B 226 37.38 3.08 10.63
C SER B 226 36.35 3.88 9.85
N ARG B 227 36.25 5.19 10.11
CA ARG B 227 35.31 6.02 9.35
C ARG B 227 35.76 6.15 7.90
N ARG B 228 37.01 6.58 7.68
CA ARG B 228 37.50 6.75 6.32
C ARG B 228 37.47 5.43 5.57
N ARG B 229 37.82 4.33 6.23
CA ARG B 229 37.80 3.04 5.58
C ARG B 229 36.40 2.67 5.10
N LEU B 230 35.37 3.32 5.64
CA LEU B 230 34.01 3.17 5.15
C LEU B 230 33.66 4.20 4.09
N GLU B 231 34.08 5.45 4.30
CA GLU B 231 33.91 6.47 3.26
C GLU B 231 34.59 6.04 1.97
N GLU B 232 35.62 5.19 2.06
CA GLU B 232 36.28 4.68 0.86
C GLU B 232 35.42 3.62 0.19
N ASP B 233 34.96 2.61 0.96
CA ASP B 233 34.03 1.63 0.40
C ASP B 233 32.78 2.30 -0.14
N LEU B 234 32.37 3.42 0.46
CA LEU B 234 31.25 4.18 -0.06
C LEU B 234 31.60 4.85 -1.38
N LYS B 235 32.64 5.67 -1.37
CA LYS B 235 33.08 6.35 -2.59
C LYS B 235 33.12 5.40 -3.78
N LYS B 236 33.67 4.20 -3.57
CA LYS B 236 33.87 3.26 -4.67
C LYS B 236 32.60 2.50 -5.03
N GLN B 237 31.65 2.37 -4.09
CA GLN B 237 30.36 1.78 -4.41
C GLN B 237 29.38 2.82 -4.95
N ALA B 238 29.47 4.06 -4.50
CA ALA B 238 28.64 5.12 -5.07
C ALA B 238 28.96 5.34 -6.54
N ALA B 239 30.22 5.12 -6.93
CA ALA B 239 30.59 5.25 -8.33
C ALA B 239 30.10 4.07 -9.15
N GLU B 240 30.41 2.85 -8.70
CA GLU B 240 29.89 1.67 -9.39
C GLU B 240 28.37 1.67 -9.40
N TYR B 241 27.73 2.48 -8.55
CA TYR B 241 26.29 2.67 -8.61
C TYR B 241 25.89 3.55 -9.79
N ARG B 242 26.53 4.71 -9.93
CA ARG B 242 26.23 5.59 -11.05
C ARG B 242 26.50 4.91 -12.38
N GLU B 243 27.49 4.00 -12.43
CA GLU B 243 27.74 3.26 -13.65
C GLU B 243 26.57 2.35 -13.99
N ILE B 244 26.01 1.68 -12.98
CA ILE B 244 24.85 0.83 -13.22
C ILE B 244 23.67 1.66 -13.72
N ASP B 245 23.60 2.93 -13.33
CA ASP B 245 22.51 3.77 -13.79
C ASP B 245 22.66 4.11 -15.27
N LYS B 246 23.84 4.62 -15.66
CA LYS B 246 24.05 4.96 -17.07
C LYS B 246 24.05 3.73 -17.97
N ARG B 247 24.29 2.55 -17.41
CA ARG B 247 24.17 1.33 -18.20
C ARG B 247 22.71 0.99 -18.48
N MET B 248 21.85 1.10 -17.46
CA MET B 248 20.42 0.95 -17.67
C MET B 248 19.92 1.96 -18.69
N ASN B 249 20.27 3.24 -18.49
CA ASN B 249 19.80 4.29 -19.40
C ASN B 249 20.29 4.06 -20.82
N SER B 250 21.43 3.40 -20.98
CA SER B 250 21.89 3.03 -22.32
C SER B 250 21.16 1.81 -22.85
N ILE B 251 20.68 0.95 -21.95
CA ILE B 251 20.00 -0.28 -22.38
C ILE B 251 18.51 -0.04 -22.62
N LYS B 252 17.90 0.93 -21.95
CA LYS B 252 16.46 1.16 -22.13
C LYS B 252 16.10 1.48 -23.57
N PRO B 253 16.70 2.48 -24.24
CA PRO B 253 16.27 2.80 -25.60
C PRO B 253 16.48 1.65 -26.58
N ASP B 254 17.65 1.00 -26.53
CA ASP B 254 17.86 -0.18 -27.37
C ASP B 254 16.78 -1.23 -27.12
N LEU B 255 16.45 -1.46 -25.85
CA LEU B 255 15.45 -2.48 -25.52
C LEU B 255 14.11 -2.15 -26.16
N ILE B 256 13.69 -0.88 -26.11
CA ILE B 256 12.45 -0.48 -26.76
C ILE B 256 12.56 -0.65 -28.27
N GLN B 257 13.69 -0.25 -28.84
CA GLN B 257 13.85 -0.27 -30.29
C GLN B 257 13.60 -1.66 -30.86
N LEU B 258 14.21 -2.68 -30.27
CA LEU B 258 14.07 -4.04 -30.78
C LEU B 258 12.87 -4.77 -30.21
N ARG B 259 12.19 -4.21 -29.21
CA ARG B 259 10.90 -4.76 -28.82
C ARG B 259 9.83 -4.40 -29.85
N LYS B 260 9.88 -3.18 -30.38
CA LYS B 260 8.96 -2.80 -31.45
C LYS B 260 9.26 -3.59 -32.73
N THR B 261 10.54 -3.73 -33.08
CA THR B 261 10.90 -4.53 -34.24
C THR B 261 10.31 -5.93 -34.14
N ARG B 262 10.43 -6.56 -32.97
CA ARG B 262 9.84 -7.88 -32.78
C ARG B 262 8.33 -7.83 -32.96
N ASP B 263 7.70 -6.75 -32.50
CA ASP B 263 6.24 -6.66 -32.57
C ASP B 263 5.77 -6.53 -34.02
N GLN B 264 6.30 -5.55 -34.76
CA GLN B 264 5.80 -5.31 -36.11
C GLN B 264 6.32 -6.33 -37.12
N TYR B 265 7.24 -7.21 -36.72
CA TYR B 265 7.52 -8.38 -37.55
C TYR B 265 6.42 -9.43 -37.43
N LEU B 266 5.45 -9.22 -36.54
CA LEU B 266 4.21 -9.98 -36.58
C LEU B 266 3.30 -9.53 -37.71
N MET B 267 3.60 -8.40 -38.36
CA MET B 267 2.74 -7.92 -39.44
C MET B 267 2.65 -8.92 -40.58
N TRP B 268 3.76 -9.56 -40.92
CA TRP B 268 3.73 -10.54 -42.00
C TRP B 268 3.22 -11.89 -41.53
N LEU B 269 3.18 -12.12 -40.22
CA LEU B 269 2.27 -13.12 -39.68
C LEU B 269 0.83 -12.65 -39.80
N THR B 270 0.60 -11.34 -39.67
CA THR B 270 -0.73 -10.78 -39.87
C THR B 270 -1.12 -10.77 -41.35
N GLN B 271 -0.14 -10.63 -42.26
CA GLN B 271 -0.45 -10.79 -43.67
C GLN B 271 -0.75 -12.25 -44.00
N LYS B 272 -0.11 -13.19 -43.32
CA LYS B 272 -0.54 -14.58 -43.40
C LYS B 272 -1.91 -14.77 -42.77
N GLY B 273 -2.27 -13.91 -41.83
CA GLY B 273 -3.63 -13.82 -41.32
C GLY B 273 -3.96 -14.74 -40.17
N VAL B 274 -3.03 -15.55 -39.70
CA VAL B 274 -3.29 -16.47 -38.61
C VAL B 274 -1.99 -16.74 -37.85
N ARG B 275 -2.10 -16.82 -36.53
CA ARG B 275 -0.92 -16.95 -35.68
C ARG B 275 -0.47 -18.40 -35.56
N GLN B 276 -0.69 -19.18 -36.62
CA GLN B 276 -0.22 -20.56 -36.66
C GLN B 276 1.27 -20.63 -36.35
N LYS B 277 2.07 -19.76 -36.97
CA LYS B 277 3.52 -19.87 -36.87
C LYS B 277 4.08 -19.27 -35.58
N LYS B 278 3.33 -18.41 -34.89
CA LYS B 278 3.72 -18.06 -33.52
C LYS B 278 3.47 -19.23 -32.57
N LEU B 279 2.41 -20.01 -32.82
CA LEU B 279 2.16 -21.20 -32.03
C LEU B 279 3.09 -22.35 -32.39
N ASN B 280 3.65 -22.33 -33.60
CA ASN B 280 4.79 -23.21 -33.88
C ASN B 280 5.99 -22.84 -33.00
N GLU B 281 6.15 -21.53 -32.73
CA GLU B 281 7.20 -21.07 -31.82
C GLU B 281 6.84 -21.31 -30.36
N TRP B 282 5.54 -21.39 -30.02
CA TRP B 282 5.16 -21.95 -28.73
C TRP B 282 5.60 -23.40 -28.62
N LEU B 283 5.23 -24.21 -29.61
CA LEU B 283 5.37 -25.65 -29.53
C LEU B 283 5.58 -26.25 -30.92
#